data_4MJC
# 
_entry.id   4MJC 
# 
_audit_conform.dict_name       mmcif_pdbx.dic 
_audit_conform.dict_version    5.379 
_audit_conform.dict_location   http://mmcif.pdb.org/dictionaries/ascii/mmcif_pdbx.dic 
# 
loop_
_database_2.database_id 
_database_2.database_code 
_database_2.pdbx_database_accession 
_database_2.pdbx_DOI 
PDB   4MJC         pdb_00004mjc 10.2210/pdb4mjc/pdb 
RCSB  RCSB081982   ?            ?                   
WWPDB D_1000081982 ?            ?                   
# 
loop_
_pdbx_database_related.db_name 
_pdbx_database_related.db_id 
_pdbx_database_related.details 
_pdbx_database_related.content_type 
PDB 3qmx 'wild type' unspecified 
PDB 4MJA .           unspecified 
PDB 4MJB .           unspecified 
PDB 4MJE .           unspecified 
# 
_pdbx_database_status.status_code                     REL 
_pdbx_database_status.entry_id                        4MJC 
_pdbx_database_status.recvd_initial_deposition_date   2013-09-03 
_pdbx_database_status.deposit_site                    RCSB 
_pdbx_database_status.process_site                    RCSB 
_pdbx_database_status.status_code_sf                  REL 
_pdbx_database_status.status_code_mr                  ? 
_pdbx_database_status.SG_entry                        ? 
_pdbx_database_status.status_code_cs                  ? 
_pdbx_database_status.methods_development_category    ? 
_pdbx_database_status.pdb_format_compatible           Y 
_pdbx_database_status.status_code_nmr_data            ? 
# 
loop_
_audit_author.name 
_audit_author.pdbx_ordinal 
'Sutton, R.B.' 1 
'Knaff, D.B.'  2 
# 
_citation.id                        primary 
_citation.title                     
'Utility of Synechocystis sp. PCC 6803 glutaredoxin A as a platform to study high-resolution mutagenesis of proteins.' 
_citation.journal_abbrev            'Front Plant Sci' 
_citation.journal_volume            4 
_citation.page_first                461 
_citation.page_last                 461 
_citation.year                      2013 
_citation.journal_id_ASTM           ? 
_citation.country                   CH 
_citation.journal_id_ISSN           1664-462X 
_citation.journal_id_CSD            ? 
_citation.book_publisher            ? 
_citation.pdbx_database_id_PubMed   24298277 
_citation.pdbx_database_id_DOI      10.3389/fpls.2013.00461 
# 
loop_
_citation_author.citation_id 
_citation_author.name 
_citation_author.ordinal 
_citation_author.identifier_ORCID 
primary 'Knaff, D.B.'  1 ? 
primary 'Sutton, R.B.' 2 ? 
# 
_cell.entry_id           4MJC 
_cell.length_a           37.230 
_cell.length_b           38.820 
_cell.length_c           50.720 
_cell.angle_alpha        90.00 
_cell.angle_beta         90.00 
_cell.angle_gamma        90.00 
_cell.Z_PDB              4 
_cell.pdbx_unique_axis   ? 
_cell.length_a_esd       ? 
_cell.length_b_esd       ? 
_cell.length_c_esd       ? 
_cell.angle_alpha_esd    ? 
_cell.angle_beta_esd     ? 
_cell.angle_gamma_esd    ? 
# 
_symmetry.entry_id                         4MJC 
_symmetry.space_group_name_H-M             'P 21 21 21' 
_symmetry.pdbx_full_space_group_name_H-M   ? 
_symmetry.cell_setting                     ? 
_symmetry.Int_Tables_number                19 
_symmetry.space_group_name_Hall            ? 
# 
loop_
_entity.id 
_entity.type 
_entity.src_method 
_entity.pdbx_description 
_entity.formula_weight 
_entity.pdbx_number_of_molecules 
_entity.pdbx_ec 
_entity.pdbx_mutation 
_entity.pdbx_fragment 
_entity.details 
1 polymer     man 'Probable glutaredoxin ssr2061' 11081.569 1  ? P84R ? ? 
2 non-polymer syn 'SULFATE ION'                   96.063    1  ? ?    ? ? 
3 water       nat water                           18.015    93 ? ?    ? ? 
# 
_entity_poly.entity_id                      1 
_entity_poly.type                           'polypeptide(L)' 
_entity_poly.nstd_linkage                   no 
_entity_poly.nstd_monomer                   no 
_entity_poly.pdbx_seq_one_letter_code       
;MRGSHHHHHHGSAVSAKIEIYTWSTCPFCMRALALLKRKGVEFQEYCIDGDNEAREAMAARANGKRSLPQIFIDDQHIGG
CDDIYALDGAGKLDRLLHS
;
_entity_poly.pdbx_seq_one_letter_code_can   
;MRGSHHHHHHGSAVSAKIEIYTWSTCPFCMRALALLKRKGVEFQEYCIDGDNEAREAMAARANGKRSLPQIFIDDQHIGG
CDDIYALDGAGKLDRLLHS
;
_entity_poly.pdbx_strand_id                 A 
_entity_poly.pdbx_target_identifier         ? 
# 
loop_
_entity_poly_seq.entity_id 
_entity_poly_seq.num 
_entity_poly_seq.mon_id 
_entity_poly_seq.hetero 
1 1  MET n 
1 2  ARG n 
1 3  GLY n 
1 4  SER n 
1 5  HIS n 
1 6  HIS n 
1 7  HIS n 
1 8  HIS n 
1 9  HIS n 
1 10 HIS n 
1 11 GLY n 
1 12 SER n 
1 13 ALA n 
1 14 VAL n 
1 15 SER n 
1 16 ALA n 
1 17 LYS n 
1 18 ILE n 
1 19 GLU n 
1 20 ILE n 
1 21 TYR n 
1 22 THR n 
1 23 TRP n 
1 24 SER n 
1 25 THR n 
1 26 CYS n 
1 27 PRO n 
1 28 PHE n 
1 29 CYS n 
1 30 MET n 
1 31 ARG n 
1 32 ALA n 
1 33 LEU n 
1 34 ALA n 
1 35 LEU n 
1 36 LEU n 
1 37 LYS n 
1 38 ARG n 
1 39 LYS n 
1 40 GLY n 
1 41 VAL n 
1 42 GLU n 
1 43 PHE n 
1 44 GLN n 
1 45 GLU n 
1 46 TYR n 
1 47 CYS n 
1 48 ILE n 
1 49 ASP n 
1 50 GLY n 
1 51 ASP n 
1 52 ASN n 
1 53 GLU n 
1 54 ALA n 
1 55 ARG n 
1 56 GLU n 
1 57 ALA n 
1 58 MET n 
1 59 ALA n 
1 60 ALA n 
1 61 ARG n 
1 62 ALA n 
1 63 ASN n 
1 64 GLY n 
1 65 LYS n 
1 66 ARG n 
1 67 SER n 
1 68 LEU n 
1 69 PRO n 
1 70 GLN n 
1 71 ILE n 
1 72 PHE n 
1 73 ILE n 
1 74 ASP n 
1 75 ASP n 
1 76 GLN n 
1 77 HIS n 
1 78 ILE n 
1 79 GLY n 
1 80 GLY n 
1 81 CYS n 
1 82 ASP n 
1 83 ASP n 
1 84 ILE n 
1 85 TYR n 
1 86 ALA n 
1 87 LEU n 
1 88 ASP n 
1 89 GLY n 
1 90 ALA n 
1 91 GLY n 
1 92 LYS n 
1 93 LEU n 
1 94 ASP n 
1 95 ARG n 
1 96 LEU n 
1 97 LEU n 
1 98 HIS n 
1 99 SER n 
# 
_entity_src_gen.entity_id                          1 
_entity_src_gen.pdbx_src_id                        1 
_entity_src_gen.pdbx_alt_source_flag               sample 
_entity_src_gen.pdbx_seq_type                      ? 
_entity_src_gen.pdbx_beg_seq_num                   ? 
_entity_src_gen.pdbx_end_seq_num                   ? 
_entity_src_gen.gene_src_common_name               ? 
_entity_src_gen.gene_src_genus                     ? 
_entity_src_gen.pdbx_gene_src_gene                 ssr2061 
_entity_src_gen.gene_src_species                   ? 
_entity_src_gen.gene_src_strain                    'PCC 6803 / Kazusa' 
_entity_src_gen.gene_src_tissue                    ? 
_entity_src_gen.gene_src_tissue_fraction           ? 
_entity_src_gen.gene_src_details                   ? 
_entity_src_gen.pdbx_gene_src_fragment             ? 
_entity_src_gen.pdbx_gene_src_scientific_name      'Synechocystis sp.' 
_entity_src_gen.pdbx_gene_src_ncbi_taxonomy_id     1111708 
_entity_src_gen.pdbx_gene_src_variant              ? 
_entity_src_gen.pdbx_gene_src_cell_line            ? 
_entity_src_gen.pdbx_gene_src_atcc                 ? 
_entity_src_gen.pdbx_gene_src_organ                ? 
_entity_src_gen.pdbx_gene_src_organelle            ? 
_entity_src_gen.pdbx_gene_src_cell                 ? 
_entity_src_gen.pdbx_gene_src_cellular_location    ? 
_entity_src_gen.host_org_common_name               ? 
_entity_src_gen.pdbx_host_org_scientific_name      'Escherichia coli' 
_entity_src_gen.pdbx_host_org_ncbi_taxonomy_id     469008 
_entity_src_gen.host_org_genus                     ? 
_entity_src_gen.pdbx_host_org_gene                 ? 
_entity_src_gen.pdbx_host_org_organ                ? 
_entity_src_gen.host_org_species                   ? 
_entity_src_gen.pdbx_host_org_tissue               ? 
_entity_src_gen.pdbx_host_org_tissue_fraction      ? 
_entity_src_gen.pdbx_host_org_strain               'BL21(DE3)' 
_entity_src_gen.pdbx_host_org_variant              ? 
_entity_src_gen.pdbx_host_org_cell_line            ? 
_entity_src_gen.pdbx_host_org_atcc                 ? 
_entity_src_gen.pdbx_host_org_culture_collection   ? 
_entity_src_gen.pdbx_host_org_cell                 ? 
_entity_src_gen.pdbx_host_org_organelle            ? 
_entity_src_gen.pdbx_host_org_cellular_location    ? 
_entity_src_gen.pdbx_host_org_vector_type          PLASMID 
_entity_src_gen.pdbx_host_org_vector               ? 
_entity_src_gen.host_org_details                   ? 
_entity_src_gen.expression_system_id               ? 
_entity_src_gen.plasmid_name                       pQE3 
_entity_src_gen.plasmid_details                    ? 
_entity_src_gen.pdbx_description                   ? 
# 
_struct_ref.id                         1 
_struct_ref.db_name                    UNP 
_struct_ref.db_code                    GLRX2_SYNY3 
_struct_ref.pdbx_db_accession          P73492 
_struct_ref.entity_id                  1 
_struct_ref.pdbx_seq_one_letter_code   
;AVSAKIEIYTWSTCPFCMRALALLKRKGVEFQEYCIDGDNEAREAMAARANGKRSLPQIFIDDQHIGGCDDIYALDGAGK
LDPLLHS
;
_struct_ref.pdbx_align_begin           2 
_struct_ref.pdbx_db_isoform            ? 
# 
_struct_ref_seq.align_id                      1 
_struct_ref_seq.ref_id                        1 
_struct_ref_seq.pdbx_PDB_id_code              4MJC 
_struct_ref_seq.pdbx_strand_id                A 
_struct_ref_seq.seq_align_beg                 13 
_struct_ref_seq.pdbx_seq_align_beg_ins_code   ? 
_struct_ref_seq.seq_align_end                 99 
_struct_ref_seq.pdbx_seq_align_end_ins_code   ? 
_struct_ref_seq.pdbx_db_accession             P73492 
_struct_ref_seq.db_align_beg                  2 
_struct_ref_seq.pdbx_db_align_beg_ins_code    ? 
_struct_ref_seq.db_align_end                  88 
_struct_ref_seq.pdbx_db_align_end_ins_code    ? 
_struct_ref_seq.pdbx_auth_seq_align_beg       2 
_struct_ref_seq.pdbx_auth_seq_align_end       88 
# 
loop_
_struct_ref_seq_dif.align_id 
_struct_ref_seq_dif.pdbx_pdb_id_code 
_struct_ref_seq_dif.mon_id 
_struct_ref_seq_dif.pdbx_pdb_strand_id 
_struct_ref_seq_dif.seq_num 
_struct_ref_seq_dif.pdbx_pdb_ins_code 
_struct_ref_seq_dif.pdbx_seq_db_name 
_struct_ref_seq_dif.pdbx_seq_db_accession_code 
_struct_ref_seq_dif.db_mon_id 
_struct_ref_seq_dif.pdbx_seq_db_seq_num 
_struct_ref_seq_dif.details 
_struct_ref_seq_dif.pdbx_auth_seq_num 
_struct_ref_seq_dif.pdbx_ordinal 
1 4MJC MET A 1  ? UNP P73492 ?   ?  'initiating methionine' -10 1  
1 4MJC ARG A 2  ? UNP P73492 ?   ?  'expression tag'        -9  2  
1 4MJC GLY A 3  ? UNP P73492 ?   ?  'expression tag'        -8  3  
1 4MJC SER A 4  ? UNP P73492 ?   ?  'expression tag'        -7  4  
1 4MJC HIS A 5  ? UNP P73492 ?   ?  'expression tag'        -6  5  
1 4MJC HIS A 6  ? UNP P73492 ?   ?  'expression tag'        -5  6  
1 4MJC HIS A 7  ? UNP P73492 ?   ?  'expression tag'        -4  7  
1 4MJC HIS A 8  ? UNP P73492 ?   ?  'expression tag'        -3  8  
1 4MJC HIS A 9  ? UNP P73492 ?   ?  'expression tag'        -2  9  
1 4MJC HIS A 10 ? UNP P73492 ?   ?  'expression tag'        -1  10 
1 4MJC GLY A 11 ? UNP P73492 ?   ?  'expression tag'        0   11 
1 4MJC SER A 12 ? UNP P73492 ?   ?  'expression tag'        1   12 
1 4MJC ARG A 95 ? UNP P73492 PRO 84 'engineered mutation'   84  13 
# 
loop_
_chem_comp.id 
_chem_comp.type 
_chem_comp.mon_nstd_flag 
_chem_comp.name 
_chem_comp.pdbx_synonyms 
_chem_comp.formula 
_chem_comp.formula_weight 
ALA 'L-peptide linking' y ALANINE         ? 'C3 H7 N O2'     89.093  
ARG 'L-peptide linking' y ARGININE        ? 'C6 H15 N4 O2 1' 175.209 
ASN 'L-peptide linking' y ASPARAGINE      ? 'C4 H8 N2 O3'    132.118 
ASP 'L-peptide linking' y 'ASPARTIC ACID' ? 'C4 H7 N O4'     133.103 
CYS 'L-peptide linking' y CYSTEINE        ? 'C3 H7 N O2 S'   121.158 
GLN 'L-peptide linking' y GLUTAMINE       ? 'C5 H10 N2 O3'   146.144 
GLU 'L-peptide linking' y 'GLUTAMIC ACID' ? 'C5 H9 N O4'     147.129 
GLY 'peptide linking'   y GLYCINE         ? 'C2 H5 N O2'     75.067  
HIS 'L-peptide linking' y HISTIDINE       ? 'C6 H10 N3 O2 1' 156.162 
HOH non-polymer         . WATER           ? 'H2 O'           18.015  
ILE 'L-peptide linking' y ISOLEUCINE      ? 'C6 H13 N O2'    131.173 
LEU 'L-peptide linking' y LEUCINE         ? 'C6 H13 N O2'    131.173 
LYS 'L-peptide linking' y LYSINE          ? 'C6 H15 N2 O2 1' 147.195 
MET 'L-peptide linking' y METHIONINE      ? 'C5 H11 N O2 S'  149.211 
PHE 'L-peptide linking' y PHENYLALANINE   ? 'C9 H11 N O2'    165.189 
PRO 'L-peptide linking' y PROLINE         ? 'C5 H9 N O2'     115.130 
SER 'L-peptide linking' y SERINE          ? 'C3 H7 N O3'     105.093 
SO4 non-polymer         . 'SULFATE ION'   ? 'O4 S -2'        96.063  
THR 'L-peptide linking' y THREONINE       ? 'C4 H9 N O3'     119.119 
TRP 'L-peptide linking' y TRYPTOPHAN      ? 'C11 H12 N2 O2'  204.225 
TYR 'L-peptide linking' y TYROSINE        ? 'C9 H11 N O3'    181.189 
VAL 'L-peptide linking' y VALINE          ? 'C5 H11 N O2'    117.146 
# 
_exptl.entry_id          4MJC 
_exptl.method            'X-RAY DIFFRACTION' 
_exptl.crystals_number   1 
# 
_exptl_crystal.id                    1 
_exptl_crystal.density_meas          ? 
_exptl_crystal.density_Matthews      1.65 
_exptl_crystal.density_percent_sol   25.62 
_exptl_crystal.description           ? 
_exptl_crystal.F_000                 ? 
_exptl_crystal.preparation           ? 
# 
_exptl_crystal_grow.crystal_id      1 
_exptl_crystal_grow.method          'VAPOR DIFFUSION, HANGING DROP' 
_exptl_crystal_grow.temp            298 
_exptl_crystal_grow.temp_details    ? 
_exptl_crystal_grow.pH              8 
_exptl_crystal_grow.pdbx_details    
'1.5M Ammonium Sulfate, 1% PEG 400, 10mM HEPES, pH 8, VAPOR DIFFUSION, HANGING DROP, temperature 298K' 
_exptl_crystal_grow.pdbx_pH_range   ? 
# 
_diffrn.id                     1 
_diffrn.ambient_temp           90 
_diffrn.ambient_temp_details   ? 
_diffrn.crystal_id             1 
# 
_diffrn_detector.diffrn_id              1 
_diffrn_detector.detector               CCD 
_diffrn_detector.type                   'ADSC QUANTUM 315r' 
_diffrn_detector.pdbx_collection_date   2013-01-08 
_diffrn_detector.details                ? 
# 
_diffrn_radiation.diffrn_id                        1 
_diffrn_radiation.wavelength_id                    1 
_diffrn_radiation.pdbx_monochromatic_or_laue_m_l   M 
_diffrn_radiation.monochromator                    silicon 
_diffrn_radiation.pdbx_diffrn_protocol             'SINGLE WAVELENGTH' 
_diffrn_radiation.pdbx_scattering_type             x-ray 
# 
_diffrn_radiation_wavelength.id           1 
_diffrn_radiation_wavelength.wavelength   1.1270 
_diffrn_radiation_wavelength.wt           1.0 
# 
_diffrn_source.diffrn_id                   1 
_diffrn_source.source                      SYNCHROTRON 
_diffrn_source.type                        'SSRL BEAMLINE BL7-1' 
_diffrn_source.pdbx_synchrotron_site       SSRL 
_diffrn_source.pdbx_synchrotron_beamline   BL7-1 
_diffrn_source.pdbx_wavelength             ? 
_diffrn_source.pdbx_wavelength_list        1.1270 
# 
_reflns.entry_id                     4MJC 
_reflns.observed_criterion_sigma_I   1 
_reflns.observed_criterion_sigma_F   1 
_reflns.d_resolution_low             50 
_reflns.d_resolution_high            1.4 
_reflns.number_obs                   14533 
_reflns.number_all                   14533 
_reflns.percent_possible_obs         98.8 
_reflns.pdbx_Rmerge_I_obs            0.067 
_reflns.pdbx_Rsym_value              ? 
_reflns.pdbx_netI_over_sigmaI        9.6 
_reflns.B_iso_Wilson_estimate        ? 
_reflns.pdbx_redundancy              3.3 
_reflns.R_free_details               ? 
_reflns.limit_h_max                  ? 
_reflns.limit_h_min                  ? 
_reflns.limit_k_max                  ? 
_reflns.limit_k_min                  ? 
_reflns.limit_l_max                  ? 
_reflns.limit_l_min                  ? 
_reflns.observed_criterion_F_max     ? 
_reflns.observed_criterion_F_min     ? 
_reflns.pdbx_chi_squared             ? 
_reflns.pdbx_scaling_rejects         ? 
_reflns.pdbx_ordinal                 1 
_reflns.pdbx_diffrn_id               1 
# 
_reflns_shell.d_res_high             1.4 
_reflns_shell.d_res_low              1.5 
_reflns_shell.percent_possible_all   99.8 
_reflns_shell.Rmerge_I_obs           0.319 
_reflns_shell.pdbx_Rsym_value        ? 
_reflns_shell.meanI_over_sigI_obs    3.2 
_reflns_shell.pdbx_redundancy        3.3 
_reflns_shell.percent_possible_obs   ? 
_reflns_shell.number_unique_all      ? 
_reflns_shell.number_measured_all    ? 
_reflns_shell.number_measured_obs    ? 
_reflns_shell.number_unique_obs      ? 
_reflns_shell.pdbx_chi_squared       ? 
_reflns_shell.pdbx_ordinal           1 
_reflns_shell.pdbx_diffrn_id         1 
# 
_refine.entry_id                                 4MJC 
_refine.ls_number_reflns_obs                     14533 
_refine.ls_number_reflns_all                     14533 
_refine.pdbx_ls_sigma_I                          ? 
_refine.pdbx_ls_sigma_F                          1.34 
_refine.pdbx_data_cutoff_high_absF               ? 
_refine.pdbx_data_cutoff_low_absF                ? 
_refine.pdbx_data_cutoff_high_rms_absF           ? 
_refine.ls_d_res_low                             26.870 
_refine.ls_d_res_high                            1.409 
_refine.ls_percent_reflns_obs                    98.55 
_refine.ls_R_factor_obs                          0.1821 
_refine.ls_R_factor_all                          ? 
_refine.ls_R_factor_R_work                       0.1784 
_refine.ls_R_factor_R_free                       0.2157 
_refine.ls_R_factor_R_free_error                 ? 
_refine.ls_R_factor_R_free_error_details         ? 
_refine.ls_percent_reflns_R_free                 10.01 
_refine.ls_number_reflns_R_free                  1455 
_refine.ls_number_parameters                     ? 
_refine.ls_number_restraints                     ? 
_refine.occupancy_min                            ? 
_refine.occupancy_max                            ? 
_refine.correlation_coeff_Fo_to_Fc               ? 
_refine.correlation_coeff_Fo_to_Fc_free          ? 
_refine.B_iso_mean                               ? 
_refine.aniso_B[1][1]                            ? 
_refine.aniso_B[2][2]                            ? 
_refine.aniso_B[3][3]                            ? 
_refine.aniso_B[1][2]                            ? 
_refine.aniso_B[1][3]                            ? 
_refine.aniso_B[2][3]                            ? 
_refine.solvent_model_details                    'FLAT BULK SOLVENT MODEL' 
_refine.solvent_model_param_ksol                 ? 
_refine.solvent_model_param_bsol                 ? 
_refine.pdbx_solvent_vdw_probe_radii             1.11 
_refine.pdbx_solvent_ion_probe_radii             ? 
_refine.pdbx_solvent_shrinkage_radii             0.90 
_refine.pdbx_ls_cross_valid_method               THROUGHOUT 
_refine.details                                  ? 
_refine.pdbx_starting_model                      'pdb entry 3qmx' 
_refine.pdbx_method_to_determine_struct          'MOLECULAR REPLACEMENT' 
_refine.pdbx_isotropic_thermal_model             ? 
_refine.pdbx_stereochemistry_target_values       ML 
_refine.pdbx_stereochem_target_val_spec_case     ? 
_refine.pdbx_R_Free_selection_details            random 
_refine.pdbx_overall_ESU_R                       ? 
_refine.pdbx_overall_ESU_R_Free                  ? 
_refine.overall_SU_ML                            0.15 
_refine.pdbx_overall_phase_error                 20.86 
_refine.overall_SU_B                             ? 
_refine.overall_SU_R_Cruickshank_DPI             ? 
_refine.ls_redundancy_reflns_obs                 ? 
_refine.B_iso_min                                ? 
_refine.B_iso_max                                ? 
_refine.overall_SU_R_free                        ? 
_refine.ls_wR_factor_R_free                      ? 
_refine.ls_wR_factor_R_work                      ? 
_refine.overall_FOM_free_R_set                   ? 
_refine.overall_FOM_work_R_set                   ? 
_refine.pdbx_diffrn_id                           1 
_refine.pdbx_refine_id                           'X-RAY DIFFRACTION' 
_refine.pdbx_TLS_residual_ADP_flag               ? 
_refine.pdbx_overall_SU_R_free_Cruickshank_DPI   ? 
_refine.pdbx_overall_SU_R_Blow_DPI               ? 
_refine.pdbx_overall_SU_R_free_Blow_DPI          ? 
# 
_refine_hist.pdbx_refine_id                   'X-RAY DIFFRACTION' 
_refine_hist.cycle_id                         LAST 
_refine_hist.pdbx_number_atoms_protein        774 
_refine_hist.pdbx_number_atoms_nucleic_acid   0 
_refine_hist.pdbx_number_atoms_ligand         5 
_refine_hist.number_atoms_solvent             93 
_refine_hist.number_atoms_total               872 
_refine_hist.d_res_high                       1.409 
_refine_hist.d_res_low                        26.870 
# 
loop_
_refine_ls_restr.type 
_refine_ls_restr.dev_ideal 
_refine_ls_restr.dev_ideal_target 
_refine_ls_restr.weight 
_refine_ls_restr.number 
_refine_ls_restr.pdbx_restraint_function 
_refine_ls_restr.pdbx_refine_id 
f_bond_d           0.009  ? ? 808  ? 'X-RAY DIFFRACTION' 
f_angle_d          1.298  ? ? 1089 ? 'X-RAY DIFFRACTION' 
f_dihedral_angle_d 12.947 ? ? 296  ? 'X-RAY DIFFRACTION' 
f_chiral_restr     0.094  ? ? 111  ? 'X-RAY DIFFRACTION' 
f_plane_restr      0.005  ? ? 144  ? 'X-RAY DIFFRACTION' 
# 
loop_
_refine_ls_shell.pdbx_total_number_of_bins_used 
_refine_ls_shell.d_res_high 
_refine_ls_shell.d_res_low 
_refine_ls_shell.number_reflns_R_work 
_refine_ls_shell.R_factor_R_work 
_refine_ls_shell.percent_reflns_obs 
_refine_ls_shell.R_factor_R_free 
_refine_ls_shell.R_factor_R_free_error 
_refine_ls_shell.percent_reflns_R_free 
_refine_ls_shell.number_reflns_R_free 
_refine_ls_shell.number_reflns_all 
_refine_ls_shell.R_factor_all 
_refine_ls_shell.number_reflns_obs 
_refine_ls_shell.redundancy_reflns_obs 
_refine_ls_shell.pdbx_refine_id 
. 1.4091 1.4595  1298 0.2479 100.00 0.3112 . . 142 . . . . 'X-RAY DIFFRACTION' 
. 1.4595 1.5179  1280 0.2169 100.00 0.2392 . . 144 . . . . 'X-RAY DIFFRACTION' 
. 1.5179 1.5870  1312 0.1980 100.00 0.2326 . . 152 . . . . 'X-RAY DIFFRACTION' 
. 1.5870 1.6706  1291 0.1764 99.00  0.2400 . . 141 . . . . 'X-RAY DIFFRACTION' 
. 1.6706 1.7753  1310 0.1751 99.00  0.2298 . . 143 . . . . 'X-RAY DIFFRACTION' 
. 1.7753 1.9123  1302 0.1846 99.00  0.2280 . . 148 . . . . 'X-RAY DIFFRACTION' 
. 1.9123 2.1047  1325 0.1821 100.00 0.2106 . . 143 . . . . 'X-RAY DIFFRACTION' 
. 2.1047 2.4091  1281 0.1864 97.00  0.1930 . . 145 . . . . 'X-RAY DIFFRACTION' 
. 2.4091 3.0345  1322 0.1692 97.00  0.2115 . . 139 . . . . 'X-RAY DIFFRACTION' 
. 3.0345 26.8750 1357 0.1618 95.00  0.2043 . . 158 . . . . 'X-RAY DIFFRACTION' 
# 
_struct.entry_id                  4MJC 
_struct.title                     'Synechocystis sp. PCC 6803 glutaredoxin A - P84R' 
_struct.pdbx_model_details        ? 
_struct.pdbx_CASP_flag            ? 
_struct.pdbx_model_type_details   ? 
# 
_struct_keywords.entry_id        4MJC 
_struct_keywords.pdbx_keywords   'ELECTRON TRANSPORT' 
_struct_keywords.text            'thioredoxin fold, oxidation/reduction, ELECTRON TRANSPORT' 
# 
loop_
_struct_asym.id 
_struct_asym.pdbx_blank_PDB_chainid_flag 
_struct_asym.pdbx_modified 
_struct_asym.entity_id 
_struct_asym.details 
A N N 1 ? 
B N N 2 ? 
C N N 3 ? 
# 
_struct_biol.id        1 
_struct_biol.details   ? 
# 
loop_
_struct_conf.conf_type_id 
_struct_conf.id 
_struct_conf.pdbx_PDB_helix_id 
_struct_conf.beg_label_comp_id 
_struct_conf.beg_label_asym_id 
_struct_conf.beg_label_seq_id 
_struct_conf.pdbx_beg_PDB_ins_code 
_struct_conf.end_label_comp_id 
_struct_conf.end_label_asym_id 
_struct_conf.end_label_seq_id 
_struct_conf.pdbx_end_PDB_ins_code 
_struct_conf.beg_auth_comp_id 
_struct_conf.beg_auth_asym_id 
_struct_conf.beg_auth_seq_id 
_struct_conf.end_auth_comp_id 
_struct_conf.end_auth_asym_id 
_struct_conf.end_auth_seq_id 
_struct_conf.pdbx_PDB_helix_class 
_struct_conf.details 
_struct_conf.pdbx_PDB_helix_length 
HELX_P HELX_P1 1 CYS A 26 ? GLY A 40 ? CYS A 15 GLY A 29 1 ? 15 
HELX_P HELX_P2 2 ASP A 51 ? ALA A 62 ? ASP A 40 ALA A 51 1 ? 12 
HELX_P HELX_P3 3 GLY A 80 ? ALA A 90 ? GLY A 69 ALA A 79 1 ? 11 
HELX_P HELX_P4 4 LYS A 92 ? LEU A 97 ? LYS A 81 LEU A 86 1 ? 6  
# 
_struct_conf_type.id          HELX_P 
_struct_conf_type.criteria    ? 
_struct_conf_type.reference   ? 
# 
loop_
_struct_mon_prot_cis.pdbx_id 
_struct_mon_prot_cis.label_comp_id 
_struct_mon_prot_cis.label_seq_id 
_struct_mon_prot_cis.label_asym_id 
_struct_mon_prot_cis.label_alt_id 
_struct_mon_prot_cis.pdbx_PDB_ins_code 
_struct_mon_prot_cis.auth_comp_id 
_struct_mon_prot_cis.auth_seq_id 
_struct_mon_prot_cis.auth_asym_id 
_struct_mon_prot_cis.pdbx_label_comp_id_2 
_struct_mon_prot_cis.pdbx_label_seq_id_2 
_struct_mon_prot_cis.pdbx_label_asym_id_2 
_struct_mon_prot_cis.pdbx_PDB_ins_code_2 
_struct_mon_prot_cis.pdbx_auth_comp_id_2 
_struct_mon_prot_cis.pdbx_auth_seq_id_2 
_struct_mon_prot_cis.pdbx_auth_asym_id_2 
_struct_mon_prot_cis.pdbx_PDB_model_num 
_struct_mon_prot_cis.pdbx_omega_angle 
1 LEU 68 A . ? LEU 57 A PRO 69 A ? PRO 58 A 1 -8.23  
2 LEU 97 A . ? LEU 86 A HIS 98 A ? HIS 87 A 1 -14.87 
# 
_struct_sheet.id               A 
_struct_sheet.type             ? 
_struct_sheet.number_strands   4 
_struct_sheet.details          ? 
# 
loop_
_struct_sheet_order.sheet_id 
_struct_sheet_order.range_id_1 
_struct_sheet_order.range_id_2 
_struct_sheet_order.offset 
_struct_sheet_order.sense 
A 1 2 ? parallel      
A 2 3 ? anti-parallel 
A 3 4 ? anti-parallel 
# 
loop_
_struct_sheet_range.sheet_id 
_struct_sheet_range.id 
_struct_sheet_range.beg_label_comp_id 
_struct_sheet_range.beg_label_asym_id 
_struct_sheet_range.beg_label_seq_id 
_struct_sheet_range.pdbx_beg_PDB_ins_code 
_struct_sheet_range.end_label_comp_id 
_struct_sheet_range.end_label_asym_id 
_struct_sheet_range.end_label_seq_id 
_struct_sheet_range.pdbx_end_PDB_ins_code 
_struct_sheet_range.beg_auth_comp_id 
_struct_sheet_range.beg_auth_asym_id 
_struct_sheet_range.beg_auth_seq_id 
_struct_sheet_range.end_auth_comp_id 
_struct_sheet_range.end_auth_asym_id 
_struct_sheet_range.end_auth_seq_id 
A 1 GLN A 44 ? CYS A 47 ? GLN A 33 CYS A 36 
A 2 ILE A 18 ? THR A 22 ? ILE A 7  THR A 11 
A 3 GLN A 70 ? ILE A 73 ? GLN A 59 ILE A 62 
A 4 GLN A 76 ? GLY A 79 ? GLN A 65 GLY A 68 
# 
loop_
_pdbx_struct_sheet_hbond.sheet_id 
_pdbx_struct_sheet_hbond.range_id_1 
_pdbx_struct_sheet_hbond.range_id_2 
_pdbx_struct_sheet_hbond.range_1_label_atom_id 
_pdbx_struct_sheet_hbond.range_1_label_comp_id 
_pdbx_struct_sheet_hbond.range_1_label_asym_id 
_pdbx_struct_sheet_hbond.range_1_label_seq_id 
_pdbx_struct_sheet_hbond.range_1_PDB_ins_code 
_pdbx_struct_sheet_hbond.range_1_auth_atom_id 
_pdbx_struct_sheet_hbond.range_1_auth_comp_id 
_pdbx_struct_sheet_hbond.range_1_auth_asym_id 
_pdbx_struct_sheet_hbond.range_1_auth_seq_id 
_pdbx_struct_sheet_hbond.range_2_label_atom_id 
_pdbx_struct_sheet_hbond.range_2_label_comp_id 
_pdbx_struct_sheet_hbond.range_2_label_asym_id 
_pdbx_struct_sheet_hbond.range_2_label_seq_id 
_pdbx_struct_sheet_hbond.range_2_PDB_ins_code 
_pdbx_struct_sheet_hbond.range_2_auth_atom_id 
_pdbx_struct_sheet_hbond.range_2_auth_comp_id 
_pdbx_struct_sheet_hbond.range_2_auth_asym_id 
_pdbx_struct_sheet_hbond.range_2_auth_seq_id 
A 1 2 O TYR A 46 ? O TYR A 35 N ILE A 20 ? N ILE A 9  
A 2 3 N TYR A 21 ? N TYR A 10 O GLN A 70 ? O GLN A 59 
A 3 4 N ILE A 71 ? N ILE A 60 O ILE A 78 ? O ILE A 67 
# 
_struct_site.id                   AC1 
_struct_site.pdbx_evidence_code   Software 
_struct_site.pdbx_auth_asym_id    A 
_struct_site.pdbx_auth_comp_id    SO4 
_struct_site.pdbx_auth_seq_id     101 
_struct_site.pdbx_auth_ins_code   ? 
_struct_site.pdbx_num_residues    11 
_struct_site.details              'BINDING SITE FOR RESIDUE SO4 A 101' 
# 
loop_
_struct_site_gen.id 
_struct_site_gen.site_id 
_struct_site_gen.pdbx_num_res 
_struct_site_gen.label_comp_id 
_struct_site_gen.label_asym_id 
_struct_site_gen.label_seq_id 
_struct_site_gen.pdbx_auth_ins_code 
_struct_site_gen.auth_comp_id 
_struct_site_gen.auth_asym_id 
_struct_site_gen.auth_seq_id 
_struct_site_gen.label_atom_id 
_struct_site_gen.label_alt_id 
_struct_site_gen.symmetry 
_struct_site_gen.details 
1  AC1 11 HIS A 10 ? HIS A -1  . ? 1_555 ? 
2  AC1 11 HIS A 8  ? HIS A -3  . ? 1_555 ? 
3  AC1 11 HIS A 9  ? HIS A -2  . ? 1_555 ? 
4  AC1 11 HIS A 7  ? HIS A -4  . ? 1_555 ? 
5  AC1 11 GLY A 11 ? GLY A 0   . ? 1_555 ? 
6  AC1 11 GLY A 89 ? GLY A 78  . ? 1_655 ? 
7  AC1 11 HOH C .  ? HOH A 215 . ? 1_555 ? 
8  AC1 11 HOH C .  ? HOH A 231 . ? 1_555 ? 
9  AC1 11 HOH C .  ? HOH A 233 . ? 1_655 ? 
10 AC1 11 HOH C .  ? HOH A 246 . ? 1_555 ? 
11 AC1 11 HOH C .  ? HOH A 247 . ? 1_555 ? 
# 
_atom_sites.entry_id                    4MJC 
_atom_sites.fract_transf_matrix[1][1]   -0.00513610 
_atom_sites.fract_transf_matrix[1][2]   0.00429538 
_atom_sites.fract_transf_matrix[1][3]   0.02601211 
_atom_sites.fract_transf_matrix[2][1]   -0.00285028 
_atom_sites.fract_transf_matrix[2][2]   0.02516334 
_atom_sites.fract_transf_matrix[2][3]   -0.00471801 
_atom_sites.fract_transf_matrix[3][1]   -0.01922884 
_atom_sites.fract_transf_matrix[3][2]   -0.00280316 
_atom_sites.fract_transf_matrix[3][3]   -0.00333386 
_atom_sites.fract_transf_vector[1]      1.165642 
_atom_sites.fract_transf_vector[2]      1.026820 
_atom_sites.fract_transf_vector[3]      0.068183 
# 
loop_
_atom_type.symbol 
C 
N 
O 
S 
# 
loop_
_atom_site.group_PDB 
_atom_site.id 
_atom_site.type_symbol 
_atom_site.label_atom_id 
_atom_site.label_alt_id 
_atom_site.label_comp_id 
_atom_site.label_asym_id 
_atom_site.label_entity_id 
_atom_site.label_seq_id 
_atom_site.pdbx_PDB_ins_code 
_atom_site.Cartn_x 
_atom_site.Cartn_y 
_atom_site.Cartn_z 
_atom_site.occupancy 
_atom_site.B_iso_or_equiv 
_atom_site.pdbx_formal_charge 
_atom_site.auth_seq_id 
_atom_site.auth_comp_id 
_atom_site.auth_asym_id 
_atom_site.auth_atom_id 
_atom_site.pdbx_PDB_model_num 
ATOM   1   N N   . MET A 1 1  ? -21.705 -0.311  25.979  1.00 25.56 ? -10 MET A N   1 
ATOM   2   C CA  . MET A 1 1  ? -21.682 0.019   24.559  1.00 32.07 ? -10 MET A CA  1 
ATOM   3   C C   . MET A 1 1  ? -22.470 -1.001  23.758  1.00 23.00 ? -10 MET A C   1 
ATOM   4   O O   . MET A 1 1  ? -21.997 -2.112  23.516  1.00 24.59 ? -10 MET A O   1 
ATOM   5   C CB  . MET A 1 1  ? -20.249 0.092   24.032  1.00 35.48 ? -10 MET A CB  1 
ATOM   6   C CG  . MET A 1 1  ? -20.187 0.351   22.536  1.00 39.85 ? -10 MET A CG  1 
ATOM   7   S SD  . MET A 1 1  ? -18.754 1.322   22.042  1.00 66.88 ? -10 MET A SD  1 
ATOM   8   C CE  . MET A 1 1  ? -17.429 0.222   22.518  1.00 34.41 ? -10 MET A CE  1 
ATOM   9   N N   . ARG A 1 2  ? -23.674 -0.607  23.356  1.00 23.75 ? -9  ARG A N   1 
ATOM   10  C CA  . ARG A 1 2  ? -24.565 -1.489  22.633  1.00 21.75 ? -9  ARG A CA  1 
ATOM   11  C C   . ARG A 1 2  ? -23.961 -1.869  21.291  1.00 20.88 ? -9  ARG A C   1 
ATOM   12  O O   . ARG A 1 2  ? -23.396 -1.030  20.591  1.00 23.71 ? -9  ARG A O   1 
ATOM   13  C CB  . ARG A 1 2  ? -25.912 -0.810  22.445  1.00 25.68 ? -9  ARG A CB  1 
ATOM   14  C CG  . ARG A 1 2  ? -26.949 -1.646  21.736  1.00 30.51 ? -9  ARG A CG  1 
ATOM   15  C CD  . ARG A 1 2  ? -28.284 -0.924  21.719  1.00 31.63 ? -9  ARG A CD  1 
ATOM   16  N NE  . ARG A 1 2  ? -29.059 -1.296  20.546  1.00 33.90 ? -9  ARG A NE  1 
ATOM   17  C CZ  . ARG A 1 2  ? -29.056 -0.598  19.421  1.00 31.80 ? -9  ARG A CZ  1 
ATOM   18  N NH1 . ARG A 1 2  ? -28.331 0.511   19.336  1.00 36.21 ? -9  ARG A NH1 1 
ATOM   19  N NH2 . ARG A 1 2  ? -29.773 -1.003  18.389  1.00 32.89 ? -9  ARG A NH2 1 
ATOM   20  N N   . GLY A 1 3  ? -24.072 -3.143  20.945  1.00 18.19 ? -8  GLY A N   1 
ATOM   21  C CA  . GLY A 1 3  ? -23.543 -3.615  19.682  1.00 17.73 ? -8  GLY A CA  1 
ATOM   22  C C   . GLY A 1 3  ? -23.121 -5.058  19.780  1.00 14.99 ? -8  GLY A C   1 
ATOM   23  O O   . GLY A 1 3  ? -23.155 -5.674  20.853  1.00 13.47 ? -8  GLY A O   1 
ATOM   24  N N   . SER A 1 4  ? -22.717 -5.584  18.633  1.00 14.91 ? -7  SER A N   1 
ATOM   25  C CA  . SER A 1 4  ? -22.265 -6.955  18.487  1.00 13.09 ? -7  SER A CA  1 
ATOM   26  C C   . SER A 1 4  ? -20.757 -6.890  18.350  1.00 13.53 ? -7  SER A C   1 
ATOM   27  O O   . SER A 1 4  ? -20.247 -6.580  17.275  1.00 15.12 ? -7  SER A O   1 
ATOM   28  C CB  . SER A 1 4  ? -22.888 -7.545  17.220  1.00 13.53 ? -7  SER A CB  1 
ATOM   29  O OG  . SER A 1 4  ? -22.639 -8.938  17.122  1.00 12.21 ? -7  SER A OG  1 
ATOM   30  N N   . HIS A 1 5  ? -20.054 -7.167  19.447  1.00 12.53 ? -6  HIS A N   1 
ATOM   31  C CA  . HIS A 1 5  ? -18.618 -6.908  19.550  1.00 13.45 ? -6  HIS A CA  1 
ATOM   32  C C   . HIS A 1 5  ? -17.803 -8.196  19.471  1.00 12.39 ? -6  HIS A C   1 
ATOM   33  O O   . HIS A 1 5  ? -18.128 -9.196  20.087  1.00 11.50 ? -6  HIS A O   1 
ATOM   34  C CB  . HIS A 1 5  ? -18.315 -6.198  20.874  1.00 14.38 ? -6  HIS A CB  1 
ATOM   35  C CG  . HIS A 1 5  ? -19.024 -4.887  21.048  1.00 20.67 ? -6  HIS A CG  1 
ATOM   36  N ND1 . HIS A 1 5  ? -19.249 -4.016  20.005  1.00 27.93 ? -6  HIS A ND1 1 
ATOM   37  C CD2 . HIS A 1 5  ? -19.550 -4.297  22.150  1.00 25.51 ? -6  HIS A CD2 1 
ATOM   38  C CE1 . HIS A 1 5  ? -19.885 -2.948  20.453  1.00 24.44 ? -6  HIS A CE1 1 
ATOM   39  N NE2 . HIS A 1 5  ? -20.081 -3.094  21.752  1.00 30.04 ? -6  HIS A NE2 1 
ATOM   40  N N   . HIS A 1 6  ? -16.728 -8.172  18.693  1.00 13.72 ? -5  HIS A N   1 
ATOM   41  C CA  . HIS A 1 6  ? -15.797 -9.278  18.657  1.00 13.54 ? -5  HIS A CA  1 
ATOM   42  C C   . HIS A 1 6  ? -14.778 -9.209  19.801  1.00 13.60 ? -5  HIS A C   1 
ATOM   43  O O   . HIS A 1 6  ? -14.250 -8.135  20.109  1.00 14.78 ? -5  HIS A O   1 
ATOM   44  C CB  . HIS A 1 6  ? -15.068 -9.246  17.316  1.00 15.56 ? -5  HIS A CB  1 
ATOM   45  C CG  . HIS A 1 6  ? -14.216 -10.449 17.064  1.00 17.86 ? -5  HIS A CG  1 
ATOM   46  N ND1 . HIS A 1 6  ? -12.855 -10.443 17.253  1.00 23.42 ? -5  HIS A ND1 1 
ATOM   47  C CD2 . HIS A 1 6  ? -14.532 -11.692 16.640  1.00 21.12 ? -5  HIS A CD2 1 
ATOM   48  C CE1 . HIS A 1 6  ? -12.363 -11.628 16.941  1.00 25.55 ? -5  HIS A CE1 1 
ATOM   49  N NE2 . HIS A 1 6  ? -13.359 -12.405 16.560  1.00 25.37 ? -5  HIS A NE2 1 
ATOM   50  N N   . HIS A 1 7  ? -14.486 -10.354 20.405  1.00 12.80 ? -4  HIS A N   1 
ATOM   51  C CA  . HIS A 1 7  ? -13.472 -10.422 21.464  1.00 13.29 ? -4  HIS A CA  1 
ATOM   52  C C   . HIS A 1 7  ? -12.423 -11.464 21.147  1.00 14.26 ? -4  HIS A C   1 
ATOM   53  O O   . HIS A 1 7  ? -12.739 -12.626 20.922  1.00 13.84 ? -4  HIS A O   1 
ATOM   54  C CB  . HIS A 1 7  ? -14.114 -10.778 22.807  1.00 12.10 ? -4  HIS A CB  1 
ATOM   55  C CG  . HIS A 1 7  ? -14.996 -9.706  23.345  1.00 11.79 ? -4  HIS A CG  1 
ATOM   56  N ND1 . HIS A 1 7  ? -14.500 -8.529  23.860  1.00 13.43 ? -4  HIS A ND1 1 
ATOM   57  C CD2 . HIS A 1 7  ? -16.343 -9.628  23.442  1.00 10.76 ? -4  HIS A CD2 1 
ATOM   58  C CE1 . HIS A 1 7  ? -15.504 -7.771  24.258  1.00 13.78 ? -4  HIS A CE1 1 
ATOM   59  N NE2 . HIS A 1 7  ? -16.632 -8.417  24.017  1.00 11.57 ? -4  HIS A NE2 1 
ATOM   60  N N   . HIS A 1 8  ? -11.171 -11.039 21.151  1.00 15.99 ? -3  HIS A N   1 
ATOM   61  C CA  . HIS A 1 8  ? -10.054 -11.979 21.088  1.00 17.42 ? -3  HIS A CA  1 
ATOM   62  C C   . HIS A 1 8  ? -8.765  -11.297 21.508  1.00 19.33 ? -3  HIS A C   1 
ATOM   63  O O   . HIS A 1 8  ? -7.749  -11.398 20.844  1.00 21.36 ? -3  HIS A O   1 
ATOM   64  C CB  . HIS A 1 8  ? -9.905  -12.585 19.694  1.00 18.51 ? -3  HIS A CB  1 
ATOM   65  C CG  . HIS A 1 8  ? -8.970  -13.750 19.646  1.00 20.22 ? -3  HIS A CG  1 
ATOM   66  N ND1 . HIS A 1 8  ? -8.996  -14.777 20.565  1.00 19.90 ? -3  HIS A ND1 1 
ATOM   67  C CD2 . HIS A 1 8  ? -7.982  -14.049 18.775  1.00 22.78 ? -3  HIS A CD2 1 
ATOM   68  C CE1 . HIS A 1 8  ? -8.061  -15.659 20.262  1.00 22.21 ? -3  HIS A CE1 1 
ATOM   69  N NE2 . HIS A 1 8  ? -7.435  -15.244 19.175  1.00 29.30 ? -3  HIS A NE2 1 
ATOM   70  N N   . HIS A 1 9  ? -8.823  -10.597 22.636  1.00 19.06 ? -2  HIS A N   1 
ATOM   71  C CA  . HIS A 1 9  ? -7.655  -9.910  23.193  1.00 21.17 ? -2  HIS A CA  1 
ATOM   72  C C   . HIS A 1 9  ? -7.021  -8.918  22.214  1.00 23.06 ? -2  HIS A C   1 
ATOM   73  O O   . HIS A 1 9  ? -5.794  -8.784  22.172  1.00 25.40 ? -2  HIS A O   1 
ATOM   74  C CB  . HIS A 1 9  ? -6.596  -10.904 23.692  1.00 22.63 ? -2  HIS A CB  1 
ATOM   75  C CG  . HIS A 1 9  ? -7.066  -11.794 24.798  1.00 21.66 ? -2  HIS A CG  1 
ATOM   76  N ND1 . HIS A 1 9  ? -8.205  -12.561 24.698  1.00 22.48 ? -2  HIS A ND1 1 
ATOM   77  C CD2 . HIS A 1 9  ? -6.540  -12.056 26.018  1.00 22.89 ? -2  HIS A CD2 1 
ATOM   78  C CE1 . HIS A 1 9  ? -8.364  -13.256 25.809  1.00 20.11 ? -2  HIS A CE1 1 
ATOM   79  N NE2 . HIS A 1 9  ? -7.373  -12.965 26.628  1.00 21.68 ? -2  HIS A NE2 1 
ATOM   80  N N   . HIS A 1 10 ? -7.851  -8.228  21.432  1.00 22.43 ? -1  HIS A N   1 
ATOM   81  C CA  . HIS A 1 10 ? -7.356  -7.235  20.479  1.00 24.66 ? -1  HIS A CA  1 
ATOM   82  C C   . HIS A 1 10 ? -6.740  -6.039  21.193  1.00 26.65 ? -1  HIS A C   1 
ATOM   83  O O   . HIS A 1 10 ? -5.774  -5.457  20.712  1.00 29.38 ? -1  HIS A O   1 
ATOM   84  C CB  . HIS A 1 10 ? -8.477  -6.706  19.582  1.00 23.99 ? -1  HIS A CB  1 
ATOM   85  C CG  . HIS A 1 10 ? -9.265  -7.768  18.885  1.00 24.20 ? -1  HIS A CG  1 
ATOM   86  N ND1 . HIS A 1 10 ? -8.737  -8.556  17.883  1.00 23.45 ? -1  HIS A ND1 1 
ATOM   87  C CD2 . HIS A 1 10 ? -10.556 -8.144  19.021  1.00 26.88 ? -1  HIS A CD2 1 
ATOM   88  C CE1 . HIS A 1 10 ? -9.664  -9.395  17.457  1.00 32.52 ? -1  HIS A CE1 1 
ATOM   89  N NE2 . HIS A 1 10 ? -10.776 -9.161  18.126  1.00 30.73 ? -1  HIS A NE2 1 
ATOM   90  N N   . GLY A 1 11 ? -7.313  -5.677  22.340  1.00 25.69 ? 0   GLY A N   1 
ATOM   91  C CA  . GLY A 1 11 ? -6.929  -4.451  23.021  1.00 27.93 ? 0   GLY A CA  1 
ATOM   92  C C   . GLY A 1 11 ? -7.365  -3.291  22.153  1.00 29.31 ? 0   GLY A C   1 
ATOM   93  O O   . GLY A 1 11 ? -8.440  -3.344  21.542  1.00 27.74 ? 0   GLY A O   1 
ATOM   94  N N   . SER A 1 12 ? -6.536  -2.257  22.078  1.00 32.64 ? 1   SER A N   1 
ATOM   95  C CA  . SER A 1 12 ? -6.806  -1.155  21.166  1.00 34.81 ? 1   SER A CA  1 
ATOM   96  C C   . SER A 1 12 ? -6.783  -1.632  19.712  1.00 43.96 ? 1   SER A C   1 
ATOM   97  O O   . SER A 1 12 ? -5.819  -2.250  19.259  1.00 43.57 ? 1   SER A O   1 
ATOM   98  C CB  . SER A 1 12 ? -5.803  -0.028  21.364  1.00 42.59 ? 1   SER A CB  1 
ATOM   99  O OG  . SER A 1 12 ? -6.088  0.734   22.526  1.00 41.45 ? 1   SER A OG  1 
ATOM   100 N N   . ALA A 1 13 ? -7.867  -1.353  18.998  1.00 43.72 ? 2   ALA A N   1 
ATOM   101 C CA  . ALA A 1 13 ? -8.008  -1.783  17.614  1.00 39.30 ? 2   ALA A CA  1 
ATOM   102 C C   . ALA A 1 13 ? -7.056  -1.053  16.675  1.00 44.15 ? 2   ALA A C   1 
ATOM   103 O O   . ALA A 1 13 ? -6.885  0.168   16.744  1.00 51.35 ? 2   ALA A O   1 
ATOM   104 C CB  . ALA A 1 13 ? -9.445  -1.616  17.149  1.00 33.75 ? 2   ALA A CB  1 
ATOM   105 N N   . VAL A 1 14 ? -6.447  -1.834  15.794  1.00 44.86 ? 3   VAL A N   1 
ATOM   106 C CA  . VAL A 1 14 ? -5.508  -1.359  14.797  1.00 43.40 ? 3   VAL A CA  1 
ATOM   107 C C   . VAL A 1 14 ? -5.678  -2.287  13.606  1.00 43.34 ? 3   VAL A C   1 
ATOM   108 O O   . VAL A 1 14 ? -6.143  -3.429  13.767  1.00 40.14 ? 3   VAL A O   1 
ATOM   109 C CB  . VAL A 1 14 ? -4.070  -1.461  15.315  1.00 47.79 ? 3   VAL A CB  1 
ATOM   110 C CG1 . VAL A 1 14 ? -3.760  -0.314  16.244  1.00 49.97 ? 3   VAL A CG1 1 
ATOM   111 C CG2 . VAL A 1 14 ? -3.876  -2.782  16.039  1.00 45.47 ? 3   VAL A CG2 1 
ATOM   112 N N   . SER A 1 15 ? -5.336  -1.809  12.416  1.00 47.27 ? 4   SER A N   1 
ATOM   113 C CA  . SER A 1 15 ? -5.503  -2.610  11.211  1.00 48.09 ? 4   SER A CA  1 
ATOM   114 C C   . SER A 1 15 ? -4.262  -2.537  10.337  1.00 52.81 ? 4   SER A C   1 
ATOM   115 O O   . SER A 1 15 ? -3.285  -1.881  10.701  1.00 55.20 ? 4   SER A O   1 
ATOM   116 C CB  . SER A 1 15 ? -6.735  -2.152  10.430  1.00 51.83 ? 4   SER A CB  1 
ATOM   117 O OG  . SER A 1 15 ? -6.933  -2.966  9.286   1.00 60.90 ? 4   SER A OG  1 
ATOM   118 N N   . ALA A 1 16 ? -4.299  -3.225  9.196   1.00 22.84 ? 5   ALA A N   1 
ATOM   119 C CA  . ALA A 1 16 ? -3.186  -3.217  8.256   1.00 18.26 ? 5   ALA A CA  1 
ATOM   120 C C   . ALA A 1 16 ? -2.817  -1.801  7.844   1.00 17.28 ? 5   ALA A C   1 
ATOM   121 O O   . ALA A 1 16 ? -3.670  -1.030  7.437   1.00 20.36 ? 5   ALA A O   1 
ATOM   122 C CB  . ALA A 1 16 ? -3.517  -4.055  7.028   1.00 23.11 ? 5   ALA A CB  1 
ATOM   123 N N   . LYS A 1 17 ? -1.541  -1.466  7.986   1.00 13.03 ? 6   LYS A N   1 
ATOM   124 C CA  . LYS A 1 17 ? -0.999  -0.207  7.481   1.00 9.78  ? 6   LYS A CA  1 
ATOM   125 C C   . LYS A 1 17 ? -0.599  -0.401  6.035   1.00 8.25  ? 6   LYS A C   1 
ATOM   126 O O   . LYS A 1 17 ? 0.356   -1.128  5.741   1.00 10.43 ? 6   LYS A O   1 
ATOM   127 C CB  . LYS A 1 17 ? 0.205   0.170   8.335   1.00 18.04 ? 6   LYS A CB  1 
ATOM   128 C CG  . LYS A 1 17 ? 0.822   1.487   8.012   1.00 17.20 ? 6   LYS A CG  1 
ATOM   129 C CD  . LYS A 1 17 ? 1.981   1.741   8.962   1.00 14.69 ? 6   LYS A CD  1 
ATOM   130 C CE  . LYS A 1 17 ? 2.816   2.909   8.538   1.00 16.30 ? 6   LYS A CE  1 
ATOM   131 N NZ  . LYS A 1 17 ? 4.152   2.839   9.189   1.00 12.53 ? 6   LYS A NZ  1 
ATOM   132 N N   . ILE A 1 18 ? -1.349  0.207   5.130   1.00 6.98  ? 7   ILE A N   1 
ATOM   133 C CA  . ILE A 1 18 ? -1.117  0.012   3.715   1.00 6.26  ? 7   ILE A CA  1 
ATOM   134 C C   . ILE A 1 18 ? -0.778  1.358   3.110   1.00 7.05  ? 7   ILE A C   1 
ATOM   135 O O   . ILE A 1 18 ? -1.535  2.304   3.270   1.00 7.40  ? 7   ILE A O   1 
ATOM   136 C CB  . ILE A 1 18 ? -2.360  -0.555  3.014   1.00 6.17  ? 7   ILE A CB  1 
ATOM   137 C CG1 . ILE A 1 18 ? -2.763  -1.876  3.664   1.00 7.66  ? 7   ILE A CG1 1 
ATOM   138 C CG2 . ILE A 1 18 ? -2.083  -0.778  1.545   1.00 8.55  ? 7   ILE A CG2 1 
ATOM   139 C CD1 . ILE A 1 18 ? -4.137  -2.378  3.273   1.00 10.03 ? 7   ILE A CD1 1 
ATOM   140 N N   . GLU A 1 19 ? 0.375   1.435   2.452   1.00 6.21  ? 8   GLU A N   1 
ATOM   141 C CA  . GLU A 1 19 ? 0.901   2.685   1.907   1.00 6.13  ? 8   GLU A CA  1 
ATOM   142 C C   . GLU A 1 19 ? 1.308   2.537   0.463   1.00 5.35  ? 8   GLU A C   1 
ATOM   143 O O   . GLU A 1 19 ? 1.905   1.519   0.073   1.00 6.59  ? 8   GLU A O   1 
ATOM   144 C CB  . GLU A 1 19 ? 2.155   3.141   2.691   1.00 5.73  ? 8   GLU A CB  1 
ATOM   145 C CG  . GLU A 1 19 ? 1.980   3.391   4.168   1.00 6.08  ? 8   GLU A CG  1 
ATOM   146 C CD  . GLU A 1 19 ? 3.307   3.389   4.891   1.00 6.92  ? 8   GLU A CD  1 
ATOM   147 O OE1 . GLU A 1 19 ? 3.797   2.294   5.242   1.00 10.71 ? 8   GLU A OE1 1 
ATOM   148 O OE2 . GLU A 1 19 ? 3.877   4.483   5.116   1.00 8.82  ? 8   GLU A OE2 1 
ATOM   149 N N   . ILE A 1 20 ? 1.015   3.558   -0.343  1.00 4.94  ? 9   ILE A N   1 
ATOM   150 C CA  . ILE A 1 20 ? 1.482   3.539   -1.729  1.00 4.86  ? 9   ILE A CA  1 
ATOM   151 C C   . ILE A 1 20 ? 1.970   4.939   -2.121  1.00 4.55  ? 9   ILE A C   1 
ATOM   152 O O   . ILE A 1 20 ? 1.235   5.925   -1.954  1.00 5.37  ? 9   ILE A O   1 
ATOM   153 C CB  . ILE A 1 20 ? 0.418   2.962   -2.692  1.00 3.70  ? 9   ILE A CB  1 
ATOM   154 C CG1 . ILE A 1 20 ? 0.977   2.884   -4.115  1.00 6.07  ? 9   ILE A CG1 1 
ATOM   155 C CG2 . ILE A 1 20 ? -0.846  3.820   -2.694  1.00 7.16  ? 9   ILE A CG2 1 
ATOM   156 C CD1 . ILE A 1 20 ? 0.001   2.292   -5.137  1.00 6.51  ? 9   ILE A CD1 1 
ATOM   157 N N   . TYR A 1 21 ? 3.210   5.007   -2.626  1.00 5.65  ? 10  TYR A N   1 
ATOM   158 C CA  . TYR A 1 21 ? 3.760   6.249   -3.163  1.00 7.08  ? 10  TYR A CA  1 
ATOM   159 C C   . TYR A 1 21 ? 3.487   6.285   -4.659  1.00 5.40  ? 10  TYR A C   1 
ATOM   160 O O   . TYR A 1 21 ? 3.754   5.317   -5.379  1.00 6.22  ? 10  TYR A O   1 
ATOM   161 C CB  . TYR A 1 21 ? 5.283   6.324   -2.983  1.00 6.75  ? 10  TYR A CB  1 
ATOM   162 C CG  . TYR A 1 21 ? 5.805   6.277   -1.542  1.00 5.50  ? 10  TYR A CG  1 
ATOM   163 C CD1 . TYR A 1 21 ? 6.369   7.398   -0.947  1.00 6.72  ? 10  TYR A CD1 1 
ATOM   164 C CD2 . TYR A 1 21 ? 5.829   5.084   -0.824  1.00 7.71  ? 10  TYR A CD2 1 
ATOM   165 C CE1 . TYR A 1 21 ? 6.887   7.347   0.332   1.00 5.84  ? 10  TYR A CE1 1 
ATOM   166 C CE2 . TYR A 1 21 ? 6.359   5.028   0.465   1.00 7.29  ? 10  TYR A CE2 1 
ATOM   167 C CZ  . TYR A 1 21 ? 6.875   6.162   1.026   1.00 6.23  ? 10  TYR A CZ  1 
ATOM   168 O OH  . TYR A 1 21 ? 7.407   6.134   2.275   1.00 8.52  ? 10  TYR A OH  1 
ATOM   169 N N   . THR A 1 22 ? 2.971   7.408   -5.143  1.00 5.07  ? 11  THR A N   1 
ATOM   170 C CA  . THR A 1 22 ? 2.547   7.513   -6.544  1.00 5.33  ? 11  THR A CA  1 
ATOM   171 C C   . THR A 1 22 ? 2.918   8.837   -7.176  1.00 7.01  ? 11  THR A C   1 
ATOM   172 O O   . THR A 1 22 ? 3.228   9.812   -6.490  1.00 7.34  ? 11  THR A O   1 
ATOM   173 C CB  . THR A 1 22 ? 1.008   7.448   -6.648  1.00 7.68  ? 11  THR A CB  1 
ATOM   174 O OG1 . THR A 1 22 ? 0.454   8.589   -5.981  1.00 7.41  ? 11  THR A OG1 1 
ATOM   175 C CG2 . THR A 1 22 ? 0.425   6.181   -6.012  1.00 7.23  ? 11  THR A CG2 1 
ATOM   176 N N   . TRP A 1 23 ? 2.884   8.869   -8.510  1.00 5.74  ? 12  TRP A N   1 
ATOM   177 C CA  . TRP A 1 23 ? 2.521   10.087  -9.224  1.00 7.15  ? 12  TRP A CA  1 
ATOM   178 C C   . TRP A 1 23 ? 1.094   9.862   -9.722  1.00 5.96  ? 12  TRP A C   1 
ATOM   179 O O   . TRP A 1 23 ? 0.759   8.764   -10.208 1.00 8.10  ? 12  TRP A O   1 
ATOM   180 C CB  . TRP A 1 23 ? 3.459   10.404  -10.407 1.00 5.96  ? 12  TRP A CB  1 
ATOM   181 C CG  . TRP A 1 23 ? 4.655   11.222  -10.018 1.00 6.01  ? 12  TRP A CG  1 
ATOM   182 C CD1 . TRP A 1 23 ? 5.166   11.363  -8.778  1.00 5.86  ? 12  TRP A CD1 1 
ATOM   183 C CD2 . TRP A 1 23 ? 5.507   11.967  -10.886 1.00 7.13  ? 12  TRP A CD2 1 
ATOM   184 N NE1 . TRP A 1 23 ? 6.270   12.170  -8.797  1.00 6.63  ? 12  TRP A NE1 1 
ATOM   185 C CE2 . TRP A 1 23 ? 6.507   12.553  -10.094 1.00 7.08  ? 12  TRP A CE2 1 
ATOM   186 C CE3 . TRP A 1 23 ? 5.520   12.186  -12.264 1.00 7.41  ? 12  TRP A CE3 1 
ATOM   187 C CZ2 . TRP A 1 23 ? 7.496   13.366  -10.618 1.00 7.97  ? 12  TRP A CZ2 1 
ATOM   188 C CZ3 . TRP A 1 23 ? 6.495   12.994  -12.798 1.00 8.29  ? 12  TRP A CZ3 1 
ATOM   189 C CH2 . TRP A 1 23 ? 7.482   13.569  -11.992 1.00 8.56  ? 12  TRP A CH2 1 
ATOM   190 N N   . SER A 1 24 ? 0.239   10.870  -9.568  1.00 6.03  ? 13  SER A N   1 
ATOM   191 C CA  . SER A 1 24 ? -1.186  10.737  -9.853  1.00 6.74  ? 13  SER A CA  1 
ATOM   192 C C   . SER A 1 24 ? -1.492  10.271  -11.279 1.00 7.20  ? 13  SER A C   1 
ATOM   193 O O   . SER A 1 24 ? -2.444  9.543   -11.526 1.00 8.11  ? 13  SER A O   1 
ATOM   194 C CB  . SER A 1 24 ? -1.899  12.062  -9.593  1.00 8.19  ? 13  SER A CB  1 
ATOM   195 O OG  . SER A 1 24 ? -1.407  13.077  -10.439 1.00 9.97  ? 13  SER A OG  1 
ATOM   196 N N   . THR A 1 25 ? -0.654  10.693  -12.221 1.00 6.46  ? 14  THR A N   1 
ATOM   197 C CA  . THR A 1 25 ? -0.890  10.431  -13.628 1.00 9.04  ? 14  THR A CA  1 
ATOM   198 C C   . THR A 1 25 ? 0.045   9.358   -14.196 1.00 6.92  ? 14  THR A C   1 
ATOM   199 O O   . THR A 1 25 ? 0.088   9.177   -15.439 1.00 7.60  ? 14  THR A O   1 
ATOM   200 C CB  . THR A 1 25 ? -0.679  11.720  -14.410 1.00 8.04  ? 14  THR A CB  1 
ATOM   201 O OG1 . THR A 1 25 ? 0.569   12.310  -14.008 1.00 7.96  ? 14  THR A OG1 1 
ATOM   202 C CG2 . THR A 1 25 ? -1.802  12.731  -14.140 1.00 8.66  ? 14  THR A CG2 1 
ATOM   203 N N   . CYS A 1 26 ? 0.788   8.661   -13.328 1.00 6.87  ? 15  CYS A N   1 
ATOM   204 C CA  . CYS A 1 26 ? 1.588   7.516   -13.801 1.00 7.94  ? 15  CYS A CA  1 
ATOM   205 C C   . CYS A 1 26 ? 0.677   6.297   -14.048 1.00 7.89  ? 15  CYS A C   1 
ATOM   206 O O   . CYS A 1 26 ? -0.095  5.909   -13.159 1.00 7.64  ? 15  CYS A O   1 
ATOM   207 C CB  . CYS A 1 26 ? 2.679   7.197   -12.773 1.00 8.37  ? 15  CYS A CB  1 
ATOM   208 S SG  . CYS A 1 26 ? 3.418   5.542   -12.971 1.00 9.05  ? 15  CYS A SG  1 
ATOM   209 N N   . PRO A 1 27 ? 0.758   5.694   -15.249 1.00 6.99  ? 16  PRO A N   1 
ATOM   210 C CA  . PRO A 1 27 ? -0.188  4.621   -15.588 1.00 7.27  ? 16  PRO A CA  1 
ATOM   211 C C   . PRO A 1 27 ? 0.030   3.375   -14.718 1.00 8.10  ? 16  PRO A C   1 
ATOM   212 O O   . PRO A 1 27 ? -0.922  2.624   -14.437 1.00 8.96  ? 16  PRO A O   1 
ATOM   213 C CB  . PRO A 1 27 ? 0.109   4.331   -17.075 1.00 8.40  ? 16  PRO A CB  1 
ATOM   214 C CG  . PRO A 1 27 ? 1.574   4.744   -17.222 1.00 8.52  ? 16  PRO A CG  1 
ATOM   215 C CD  . PRO A 1 27 ? 1.755   5.925   -16.311 1.00 7.77  ? 16  PRO A CD  1 
ATOM   216 N N   . PHE A 1 28 ? 1.260   3.162   -14.266 1.00 7.71  ? 17  PHE A N   1 
ATOM   217 C CA  . PHE A 1 28 ? 1.548   2.053   -13.363 1.00 7.59  ? 17  PHE A CA  1 
ATOM   218 C C   . PHE A 1 28 ? 0.994   2.330   -11.974 1.00 7.81  ? 17  PHE A C   1 
ATOM   219 O O   . PHE A 1 28 ? 0.408   1.446   -11.329 1.00 8.21  ? 17  PHE A O   1 
ATOM   220 C CB  . PHE A 1 28 ? 3.054   1.795   -13.325 1.00 8.43  ? 17  PHE A CB  1 
ATOM   221 C CG  . PHE A 1 28 ? 3.605   1.406   -14.645 1.00 11.90 ? 17  PHE A CG  1 
ATOM   222 C CD1 . PHE A 1 28 ? 3.534   0.102   -15.066 1.00 14.62 ? 17  PHE A CD1 1 
ATOM   223 C CD2 . PHE A 1 28 ? 4.147   2.360   -15.492 1.00 11.36 ? 17  PHE A CD2 1 
ATOM   224 C CE1 . PHE A 1 28 ? 4.031   -0.267  -16.321 1.00 17.57 ? 17  PHE A CE1 1 
ATOM   225 C CE2 . PHE A 1 28 ? 4.656   2.007   -16.743 1.00 10.35 ? 17  PHE A CE2 1 
ATOM   226 C CZ  . PHE A 1 28 ? 4.587   0.696   -17.157 1.00 14.36 ? 17  PHE A CZ  1 
ATOM   227 N N   . CYS A 1 29 ? 1.154   3.560   -11.507 1.00 5.77  ? 18  CYS A N   1 
ATOM   228 C CA  . CYS A 1 29 ? 0.534   3.957   -10.245 1.00 6.49  ? 18  CYS A CA  1 
ATOM   229 C C   . CYS A 1 29 ? -0.984  3.833   -10.300 1.00 5.16  ? 18  CYS A C   1 
ATOM   230 O O   . CYS A 1 29 ? -1.617  3.338   -9.342  1.00 6.01  ? 18  CYS A O   1 
ATOM   231 C CB  . CYS A 1 29 ? 0.926   5.388   -9.889  1.00 6.95  ? 18  CYS A CB  1 
ATOM   232 S SG  . CYS A 1 29 ? 2.680   5.574   -9.528  1.00 7.16  ? 18  CYS A SG  1 
ATOM   233 N N   . MET A 1 30 ? -1.581  4.265   -11.408 1.00 7.19  ? 19  MET A N   1 
ATOM   234 C CA  . MET A 1 30 ? -3.029  4.210   -11.573 1.00 5.36  ? 19  MET A CA  1 
ATOM   235 C C   . MET A 1 30 ? -3.533  2.765   -11.523 1.00 6.56  ? 19  MET A C   1 
ATOM   236 O O   . MET A 1 30 ? -4.540  2.484   -10.865 1.00 7.30  ? 19  MET A O   1 
ATOM   237 C CB  . MET A 1 30 ? -3.414  4.883   -12.880 1.00 6.86  ? 19  MET A CB  1 
ATOM   238 C CG  . MET A 1 30 ? -3.182  6.416   -12.850 1.00 6.11  ? 19  MET A CG  1 
ATOM   239 S SD  . MET A 1 30 ? -3.157  7.133   -14.503 1.00 9.52  ? 19  MET A SD  1 
ATOM   240 C CE  . MET A 1 30 ? -4.784  6.669   -15.049 1.00 13.20 ? 19  MET A CE  1 
ATOM   241 N N   . ARG A 1 31 ? -2.826  1.853   -12.186 1.00 7.53  ? 20  ARG A N   1 
ATOM   242 C CA  . ARG A 1 31 ? -3.192  0.439   -12.167 1.00 7.25  ? 20  ARG A CA  1 
ATOM   243 C C   . ARG A 1 31 ? -3.100  -0.145  -10.762 1.00 9.78  ? 20  ARG A C   1 
ATOM   244 O O   . ARG A 1 31 ? -3.977  -0.913  -10.341 1.00 10.04 ? 20  ARG A O   1 
ATOM   245 C CB  . ARG A 1 31 ? -2.280  -0.337  -13.124 1.00 11.49 ? 20  ARG A CB  1 
ATOM   246 C CG  . ARG A 1 31 ? -2.612  -1.816  -13.295 1.00 13.45 ? 20  ARG A CG  1 
ATOM   247 C CD  . ARG A 1 31 ? -1.809  -2.446  -14.418 1.00 23.37 ? 20  ARG A CD  1 
ATOM   248 N NE  . ARG A 1 31 ? -1.902  -1.647  -15.632 1.00 28.39 ? 20  ARG A NE  1 
ATOM   249 C CZ  . ARG A 1 31 ? -0.978  -1.612  -16.590 1.00 32.27 ? 20  ARG A CZ  1 
ATOM   250 N NH1 . ARG A 1 31 ? 0.132   -2.334  -16.495 1.00 28.33 ? 20  ARG A NH1 1 
ATOM   251 N NH2 . ARG A 1 31 ? -1.166  -0.837  -17.643 1.00 29.94 ? 20  ARG A NH2 1 
ATOM   252 N N   . ALA A 1 32 ? -2.046  0.186   -10.029 1.00 7.35  ? 21  ALA A N   1 
ATOM   253 C CA  . ALA A 1 32 ? -1.922  -0.293  -8.657  1.00 5.21  ? 21  ALA A CA  1 
ATOM   254 C C   . ALA A 1 32 ? -3.022  0.269   -7.743  1.00 6.71  ? 21  ALA A C   1 
ATOM   255 O O   . ALA A 1 32 ? -3.613  -0.482  -6.929  1.00 7.64  ? 21  ALA A O   1 
ATOM   256 C CB  . ALA A 1 32 ? -0.523  0.040   -8.115  1.00 5.82  ? 21  ALA A CB  1 
ATOM   257 N N   . LEU A 1 33 ? -3.313  1.566   -7.872  1.00 6.31  ? 22  LEU A N   1 
ATOM   258 C CA  . LEU A 1 33 ? -4.412  2.188   -7.108  1.00 7.02  ? 22  LEU A CA  1 
ATOM   259 C C   . LEU A 1 33 ? -5.733  1.493   -7.390  1.00 7.65  ? 22  LEU A C   1 
ATOM   260 O O   . LEU A 1 33 ? -6.525  1.261   -6.482  1.00 7.22  ? 22  LEU A O   1 
ATOM   261 C CB  . LEU A 1 33 ? -4.564  3.674   -7.440  1.00 6.18  ? 22  LEU A CB  1 
ATOM   262 C CG  . LEU A 1 33 ? -3.433  4.552   -6.900  1.00 5.61  ? 22  LEU A CG  1 
ATOM   263 C CD1 . LEU A 1 33 ? -3.463  5.937   -7.552  1.00 7.22  ? 22  LEU A CD1 1 
ATOM   264 C CD2 . LEU A 1 33 ? -3.511  4.667   -5.377  1.00 7.89  ? 22  LEU A CD2 1 
ATOM   265 N N   . ALA A 1 34 ? -5.971  1.150   -8.650  1.00 8.20  ? 23  ALA A N   1 
ATOM   266 C CA  . ALA A 1 34 ? -7.218  0.494   -9.008  1.00 8.36  ? 23  ALA A CA  1 
ATOM   267 C C   . ALA A 1 34 ? -7.361  -0.835  -8.288  1.00 7.50  ? 23  ALA A C   1 
ATOM   268 O O   . ALA A 1 34 ? -8.450  -1.159  -7.807  1.00 8.21  ? 23  ALA A O   1 
ATOM   269 C CB  . ALA A 1 34 ? -7.323  0.302   -10.514 1.00 8.43  ? 23  ALA A CB  1 
ATOM   270 N N   . LEU A 1 35 ? -6.269  -1.598  -8.210  1.00 6.43  ? 24  LEU A N   1 
ATOM   271 C CA  . LEU A 1 35 ? -6.282  -2.881  -7.517  1.00 6.87  ? 24  LEU A CA  1 
ATOM   272 C C   . LEU A 1 35 ? -6.588  -2.721  -6.022  1.00 7.71  ? 24  LEU A C   1 
ATOM   273 O O   . LEU A 1 35 ? -7.457  -3.424  -5.492  1.00 8.22  ? 24  LEU A O   1 
ATOM   274 C CB  . LEU A 1 35 ? -4.961  -3.618  -7.742  1.00 6.98  ? 24  LEU A CB  1 
ATOM   275 C CG  . LEU A 1 35 ? -4.877  -4.997  -7.072  1.00 10.45 ? 24  LEU A CG  1 
ATOM   276 C CD1 . LEU A 1 35 ? -5.991  -5.951  -7.540  1.00 12.31 ? 24  LEU A CD1 1 
ATOM   277 C CD2 . LEU A 1 35 ? -3.548  -5.638  -7.283  1.00 10.58 ? 24  LEU A CD2 1 
ATOM   278 N N   . LEU A 1 36 ? -5.886  -1.811  -5.356  1.00 6.48  ? 25  LEU A N   1 
ATOM   279 C CA  . LEU A 1 36 ? -6.133  -1.565  -3.938  1.00 6.38  ? 25  LEU A CA  1 
ATOM   280 C C   . LEU A 1 36 ? -7.571  -1.090  -3.714  1.00 6.70  ? 25  LEU A C   1 
ATOM   281 O O   . LEU A 1 36 ? -8.247  -1.526  -2.765  1.00 7.95  ? 25  LEU A O   1 
ATOM   282 C CB  . LEU A 1 36 ? -5.133  -0.554  -3.396  1.00 7.36  ? 25  LEU A CB  1 
ATOM   283 C CG  . LEU A 1 36 ? -3.690  -1.046  -3.424  1.00 8.17  ? 25  LEU A CG  1 
ATOM   284 C CD1 . LEU A 1 36 ? -2.761  0.071   -3.031  1.00 11.63 ? 25  LEU A CD1 1 
ATOM   285 C CD2 . LEU A 1 36 ? -3.542  -2.232  -2.489  1.00 12.61 ? 25  LEU A CD2 1 
ATOM   286 N N   . LYS A 1 37 ? -8.063  -0.227  -4.592  1.00 6.15  ? 26  LYS A N   1 
ATOM   287 C CA  . LYS A 1 37 ? -9.433  0.246   -4.470  1.00 7.17  ? 26  LYS A CA  1 
ATOM   288 C C   . LYS A 1 37 ? -10.468 -0.853  -4.663  1.00 8.53  ? 26  LYS A C   1 
ATOM   289 O O   . LYS A 1 37 ? -11.440 -0.933  -3.924  1.00 9.99  ? 26  LYS A O   1 
ATOM   290 C CB  . LYS A 1 37 ? -9.690  1.432   -5.389  1.00 9.46  ? 26  LYS A CB  1 
ATOM   291 C CG  . LYS A 1 37 ? -8.965  2.691   -4.979  1.00 8.79  ? 26  LYS A CG  1 
ATOM   292 C CD  . LYS A 1 37 ? -9.089  3.798   -6.023  1.00 9.39  ? 26  LYS A CD  1 
ATOM   293 C CE  . LYS A 1 37 ? -8.487  5.088   -5.452  1.00 13.70 ? 26  LYS A CE  1 
ATOM   294 N NZ  . LYS A 1 37 ? -8.704  6.269   -6.331  1.00 19.91 ? 26  LYS A NZ  1 
ATOM   295 N N   . ARG A 1 38 ? -10.257 -1.714  -5.640  1.00 8.53  ? 27  ARG A N   1 
ATOM   296 C CA  . ARG A 1 38 ? -11.160 -2.831  -5.841  1.00 8.88  ? 27  ARG A CA  1 
ATOM   297 C C   . ARG A 1 38 ? -11.180 -3.819  -4.666  1.00 9.24  ? 27  ARG A C   1 
ATOM   298 O O   . ARG A 1 38 ? -12.204 -4.464  -4.424  1.00 11.11 ? 27  ARG A O   1 
ATOM   299 C CB  . ARG A 1 38 ? -10.785 -3.574  -7.113  1.00 11.81 ? 27  ARG A CB  1 
ATOM   300 C CG  . ARG A 1 38 ? -11.204 -2.894  -8.391  1.00 15.99 ? 27  ARG A CG  1 
ATOM   301 C CD  . ARG A 1 38 ? -10.933 -3.829  -9.574  1.00 27.50 ? 27  ARG A CD  1 
ATOM   302 N NE  . ARG A 1 38 ? -9.606  -3.592  -10.143 1.00 37.99 ? 27  ARG A NE  1 
ATOM   303 C CZ  . ARG A 1 38 ? -8.655  -4.515  -10.274 1.00 37.37 ? 27  ARG A CZ  1 
ATOM   304 N NH1 . ARG A 1 38 ? -8.869  -5.773  -9.898  1.00 39.25 ? 27  ARG A NH1 1 
ATOM   305 N NH2 . ARG A 1 38 ? -7.483  -4.175  -10.797 1.00 27.43 ? 27  ARG A NH2 1 
ATOM   306 N N   . LYS A 1 39 ? -10.058 -3.940  -3.944  1.00 9.97  ? 28  LYS A N   1 
ATOM   307 C CA  . LYS A 1 39 ? -10.029 -4.781  -2.741  1.00 10.19 ? 28  LYS A CA  1 
ATOM   308 C C   . LYS A 1 39 ? -10.876 -4.175  -1.621  1.00 9.32  ? 28  LYS A C   1 
ATOM   309 O O   . LYS A 1 39 ? -11.307 -4.885  -0.720  1.00 10.11 ? 28  LYS A O   1 
ATOM   310 C CB  . LYS A 1 39 ? -8.594  -4.953  -2.231  1.00 10.19 ? 28  LYS A CB  1 
ATOM   311 C CG  . LYS A 1 39 ? -7.685  -5.742  -3.155  1.00 11.78 ? 28  LYS A CG  1 
ATOM   312 C CD  . LYS A 1 39 ? -8.175  -7.119  -3.312  1.00 12.04 ? 28  LYS A CD  1 
ATOM   313 C CE  . LYS A 1 39 ? -7.201  -7.946  -4.141  1.00 11.19 ? 28  LYS A CE  1 
ATOM   314 N NZ  . LYS A 1 39 ? -7.658  -9.334  -4.276  1.00 11.70 ? 28  LYS A NZ  1 
ATOM   315 N N   . GLY A 1 40 ? -11.084 -2.860  -1.651  1.00 9.89  ? 29  GLY A N   1 
ATOM   316 C CA  . GLY A 1 40 ? -11.929 -2.240  -0.638  1.00 9.32  ? 29  GLY A CA  1 
ATOM   317 C C   . GLY A 1 40 ? -11.192 -1.927  0.647   1.00 9.54  ? 29  GLY A C   1 
ATOM   318 O O   . GLY A 1 40 ? -11.820 -1.567  1.654   1.00 10.47 ? 29  GLY A O   1 
ATOM   319 N N   . VAL A 1 41 ? -9.873  -2.069  0.633   1.00 9.75  ? 30  VAL A N   1 
ATOM   320 C CA  . VAL A 1 41 ? -9.072  -1.868  1.839   1.00 10.22 ? 30  VAL A CA  1 
ATOM   321 C C   . VAL A 1 41 ? -8.869  -0.391  2.089   1.00 10.12 ? 30  VAL A C   1 
ATOM   322 O O   . VAL A 1 41 ? -8.958  0.434   1.191   1.00 11.58 ? 30  VAL A O   1 
ATOM   323 C CB  . VAL A 1 41 ? -7.682  -2.529  1.699   1.00 10.53 ? 30  VAL A CB  1 
ATOM   324 C CG1 . VAL A 1 41 ? -7.829  -4.030  1.630   1.00 11.26 ? 30  VAL A CG1 1 
ATOM   325 C CG2 . VAL A 1 41 ? -6.919  -1.964  0.471   1.00 10.25 ? 30  VAL A CG2 1 
ATOM   326 N N   . GLU A 1 42 ? -8.625  -0.051  3.342   1.00 10.51 ? 31  GLU A N   1 
ATOM   327 C CA  . GLU A 1 42 ? -8.320  1.326   3.680   1.00 10.43 ? 31  GLU A CA  1 
ATOM   328 C C   . GLU A 1 42 ? -6.826  1.542   3.526   1.00 9.13  ? 31  GLU A C   1 
ATOM   329 O O   . GLU A 1 42 ? -6.029  0.744   4.009   1.00 9.45  ? 31  GLU A O   1 
ATOM   330 C CB  . GLU A 1 42 ? -8.765  1.631   5.117   1.00 15.47 ? 31  GLU A CB  1 
ATOM   331 C CG  . GLU A 1 42 ? -8.243  2.944   5.651   1.00 16.84 ? 31  GLU A CG  1 
ATOM   332 C CD  . GLU A 1 42 ? -8.587  3.161   7.102   1.00 28.36 ? 31  GLU A CD  1 
ATOM   333 O OE1 . GLU A 1 42 ? -8.731  2.157   7.826   1.00 32.49 ? 31  GLU A OE1 1 
ATOM   334 O OE2 . GLU A 1 42 ? -8.713  4.332   7.521   1.00 30.16 ? 31  GLU A OE2 1 
ATOM   335 N N   . PHE A 1 43 ? -6.433  2.602   2.838   1.00 7.45  ? 32  PHE A N   1 
ATOM   336 C CA  . PHE A 1 43 ? -5.006  2.783   2.591   1.00 7.36  ? 32  PHE A CA  1 
ATOM   337 C C   . PHE A 1 43 ? -4.621  4.231   2.436   1.00 6.63  ? 32  PHE A C   1 
ATOM   338 O O   . PHE A 1 43 ? -5.484  5.101   2.244   1.00 7.50  ? 32  PHE A O   1 
ATOM   339 C CB  . PHE A 1 43 ? -4.507  1.936   1.400   1.00 8.42  ? 32  PHE A CB  1 
ATOM   340 C CG  . PHE A 1 43 ? -5.013  2.386   0.039   1.00 7.25  ? 32  PHE A CG  1 
ATOM   341 C CD1 . PHE A 1 43 ? -4.242  3.225   -0.762  1.00 7.05  ? 32  PHE A CD1 1 
ATOM   342 C CD2 . PHE A 1 43 ? -6.236  1.947   -0.452  1.00 8.49  ? 32  PHE A CD2 1 
ATOM   343 C CE1 . PHE A 1 43 ? -4.682  3.619   -2.009  1.00 6.51  ? 32  PHE A CE1 1 
ATOM   344 C CE2 . PHE A 1 43 ? -6.668  2.328   -1.722  1.00 6.87  ? 32  PHE A CE2 1 
ATOM   345 C CZ  . PHE A 1 43 ? -5.910  3.178   -2.483  1.00 8.26  ? 32  PHE A CZ  1 
ATOM   346 N N   . GLN A 1 44 ? -3.319  4.493   2.555   1.00 6.82  ? 33  GLN A N   1 
ATOM   347 C CA  . GLN A 1 44 ? -2.808  5.850   2.445   1.00 6.09  ? 33  GLN A CA  1 
ATOM   348 C C   . GLN A 1 44 ? -2.004  5.982   1.166   1.00 7.50  ? 33  GLN A C   1 
ATOM   349 O O   . GLN A 1 44 ? -1.148  5.146   0.880   1.00 7.01  ? 33  GLN A O   1 
ATOM   350 C CB  . GLN A 1 44 ? -1.944  6.202   3.669   1.00 8.51  ? 33  GLN A CB  1 
ATOM   351 C CG  . GLN A 1 44 ? -1.691  7.689   3.851   1.00 10.01 ? 33  GLN A CG  1 
ATOM   352 C CD  . GLN A 1 44 ? -2.898  8.462   4.308   1.00 7.64  ? 33  GLN A CD  1 
ATOM   353 O OE1 . GLN A 1 44 ? -3.905  7.867   4.704   1.00 9.21  ? 33  GLN A OE1 1 
ATOM   354 N NE2 . GLN A 1 44 ? -2.804  9.800   4.284   1.00 8.71  ? 33  GLN A NE2 1 
ATOM   355 N N   . GLU A 1 45 ? -2.313  7.003   0.377   1.00 6.29  ? 34  GLU A N   1 
ATOM   356 C CA  . GLU A 1 45 ? -1.554  7.272   -0.846  1.00 5.38  ? 34  GLU A CA  1 
ATOM   357 C C   . GLU A 1 45 ? -0.682  8.488   -0.646  1.00 5.12  ? 34  GLU A C   1 
ATOM   358 O O   . GLU A 1 45 ? -1.191  9.572   -0.315  1.00 7.37  ? 34  GLU A O   1 
ATOM   359 C CB  . GLU A 1 45 ? -2.499  7.524   -2.033  1.00 5.48  ? 34  GLU A CB  1 
ATOM   360 C CG  . GLU A 1 45 ? -1.767  7.917   -3.305  1.00 5.98  ? 34  GLU A CG  1 
ATOM   361 C CD  . GLU A 1 45 ? -2.678  8.391   -4.424  1.00 7.67  ? 34  GLU A CD  1 
ATOM   362 O OE1 . GLU A 1 45 ? -3.892  8.607   -4.204  1.00 8.80  ? 34  GLU A OE1 1 
ATOM   363 O OE2 . GLU A 1 45 ? -2.150  8.561   -5.542  1.00 7.49  ? 34  GLU A OE2 1 
ATOM   364 N N   . TYR A 1 46 ? 0.621   8.308   -0.870  1.00 6.55  ? 35  TYR A N   1 
ATOM   365 C CA  . TYR A 1 46 ? 1.523   9.442   -0.859  1.00 5.27  ? 35  TYR A CA  1 
ATOM   366 C C   . TYR A 1 46 ? 1.720   9.884   -2.302  1.00 7.78  ? 35  TYR A C   1 
ATOM   367 O O   . TYR A 1 46 ? 2.522   9.308   -3.034  1.00 6.36  ? 35  TYR A O   1 
ATOM   368 C CB  . TYR A 1 46 ? 2.856   9.099   -0.187  1.00 6.59  ? 35  TYR A CB  1 
ATOM   369 C CG  . TYR A 1 46 ? 2.733   8.455   1.150   1.00 7.04  ? 35  TYR A CG  1 
ATOM   370 C CD1 . TYR A 1 46 ? 1.837   8.930   2.084   1.00 6.77  ? 35  TYR A CD1 1 
ATOM   371 C CD2 . TYR A 1 46 ? 3.506   7.356   1.477   1.00 7.43  ? 35  TYR A CD2 1 
ATOM   372 C CE1 . TYR A 1 46 ? 1.739   8.356   3.331   1.00 7.52  ? 35  TYR A CE1 1 
ATOM   373 C CE2 . TYR A 1 46 ? 3.414   6.766   2.716   1.00 7.51  ? 35  TYR A CE2 1 
ATOM   374 C CZ  . TYR A 1 46 ? 2.515   7.261   3.636   1.00 6.18  ? 35  TYR A CZ  1 
ATOM   375 O OH  . TYR A 1 46 ? 2.394   6.706   4.891   1.00 7.23  ? 35  TYR A OH  1 
ATOM   376 N N   . CYS A 1 47 ? 0.921   10.867  -2.708  1.00 7.46  ? 36  CYS A N   1 
ATOM   377 C CA  A CYS A 1 47 ? 1.035   11.406  -4.054  0.86 5.96  ? 36  CYS A CA  1 
ATOM   378 C CA  B CYS A 1 47 ? 0.997   11.457  -4.039  0.14 7.29  ? 36  CYS A CA  1 
ATOM   379 C C   . CYS A 1 47 ? 2.136   12.448  -4.054  1.00 8.24  ? 36  CYS A C   1 
ATOM   380 O O   . CYS A 1 47 ? 2.017   13.534  -3.467  1.00 10.09 ? 36  CYS A O   1 
ATOM   381 C CB  A CYS A 1 47 ? -0.286  11.990  -4.519  0.86 9.19  ? 36  CYS A CB  1 
ATOM   382 C CB  B CYS A 1 47 ? -0.289  12.213  -4.346  0.14 8.97  ? 36  CYS A CB  1 
ATOM   383 S SG  A CYS A 1 47 ? -0.194  12.593  -6.190  0.86 11.49 ? 36  CYS A SG  1 
ATOM   384 S SG  B CYS A 1 47 ? -1.339  11.459  -5.590  0.14 19.43 ? 36  CYS A SG  1 
ATOM   385 N N   . ILE A 1 48 ? 3.223   12.099  -4.725  1.00 6.87  ? 37  ILE A N   1 
ATOM   386 C CA  . ILE A 1 48 ? 4.422   12.907  -4.647  1.00 6.83  ? 37  ILE A CA  1 
ATOM   387 C C   . ILE A 1 48 ? 4.777   13.579  -5.953  1.00 6.64  ? 37  ILE A C   1 
ATOM   388 O O   . ILE A 1 48 ? 5.950   13.915  -6.152  1.00 7.94  ? 37  ILE A O   1 
ATOM   389 C CB  . ILE A 1 48 ? 5.625   12.081  -4.092  1.00 6.71  ? 37  ILE A CB  1 
ATOM   390 C CG1 . ILE A 1 48 ? 6.021   10.910  -5.004  1.00 9.38  ? 37  ILE A CG1 1 
ATOM   391 C CG2 . ILE A 1 48 ? 5.285   11.615  -2.676  1.00 9.51  ? 37  ILE A CG2 1 
ATOM   392 C CD1 . ILE A 1 48 ? 7.359   10.256  -4.603  1.00 9.62  ? 37  ILE A CD1 1 
ATOM   393 N N   . ASP A 1 49 ? 3.769   13.812  -6.799  1.00 8.44  ? 38  ASP A N   1 
ATOM   394 C CA  . ASP A 1 49 ? 3.942   14.609  -8.023  1.00 10.12 ? 38  ASP A CA  1 
ATOM   395 C C   . ASP A 1 49 ? 4.877   15.789  -7.783  1.00 9.20  ? 38  ASP A C   1 
ATOM   396 O O   . ASP A 1 49 ? 4.608   16.636  -6.934  1.00 11.16 ? 38  ASP A O   1 
ATOM   397 C CB  . ASP A 1 49 ? 2.609   15.212  -8.516  1.00 8.16  ? 38  ASP A CB  1 
ATOM   398 C CG  . ASP A 1 49 ? 1.609   14.188  -8.994  1.00 10.72 ? 38  ASP A CG  1 
ATOM   399 O OD1 . ASP A 1 49 ? 1.744   13.000  -8.678  1.00 10.59 ? 38  ASP A OD1 1 
ATOM   400 O OD2 . ASP A 1 49 ? 0.659   14.598  -9.697  1.00 13.55 ? 38  ASP A OD2 1 
ATOM   401 N N   . GLY A 1 50 ? 5.980   15.830  -8.523  1.00 9.60  ? 39  GLY A N   1 
ATOM   402 C CA  . GLY A 1 50 ? 6.874   16.972  -8.510  1.00 9.79  ? 39  GLY A CA  1 
ATOM   403 C C   . GLY A 1 50 ? 7.706   17.159  -7.246  1.00 12.52 ? 39  GLY A C   1 
ATOM   404 O O   . GLY A 1 50 ? 8.469   18.120  -7.139  1.00 15.88 ? 39  GLY A O   1 
ATOM   405 N N   . ASP A 1 51 ? 7.592   16.223  -6.314  1.00 11.73 ? 40  ASP A N   1 
ATOM   406 C CA  . ASP A 1 51 ? 8.205   16.393  -5.005  1.00 10.09 ? 40  ASP A CA  1 
ATOM   407 C C   . ASP A 1 51 ? 9.468   15.553  -4.883  1.00 9.45  ? 40  ASP A C   1 
ATOM   408 O O   . ASP A 1 51 ? 9.405   14.355  -4.578  1.00 9.81  ? 40  ASP A O   1 
ATOM   409 C CB  . ASP A 1 51 ? 7.184   15.966  -3.950  1.00 11.01 ? 40  ASP A CB  1 
ATOM   410 C CG  . ASP A 1 51 ? 7.544   16.410  -2.542  1.00 13.18 ? 40  ASP A CG  1 
ATOM   411 O OD1 . ASP A 1 51 ? 8.730   16.358  -2.162  1.00 11.86 ? 40  ASP A OD1 1 
ATOM   412 O OD2 . ASP A 1 51 ? 6.617   16.795  -1.802  1.00 18.25 ? 40  ASP A OD2 1 
ATOM   413 N N   A ASN A 1 52 ? 10.597  16.221  -5.068  0.49 10.99 ? 41  ASN A N   1 
ATOM   414 N N   B ASN A 1 52 ? 10.634  16.146  -5.111  0.51 11.76 ? 41  ASN A N   1 
ATOM   415 C CA  A ASN A 1 52 ? 11.904  15.598  -5.070  0.49 12.97 ? 41  ASN A CA  1 
ATOM   416 C CA  B ASN A 1 52 ? 11.855  15.345  -5.057  0.51 13.09 ? 41  ASN A CA  1 
ATOM   417 C C   A ASN A 1 52 ? 12.295  15.027  -3.697  0.49 13.54 ? 41  ASN A C   1 
ATOM   418 C C   B ASN A 1 52 ? 12.238  14.922  -3.638  0.51 13.08 ? 41  ASN A C   1 
ATOM   419 O O   A ASN A 1 52 ? 12.850  13.930  -3.593  0.49 14.06 ? 41  ASN A O   1 
ATOM   420 O O   B ASN A 1 52 ? 12.758  13.818  -3.446  0.51 11.63 ? 41  ASN A O   1 
ATOM   421 C CB  A ASN A 1 52 ? 12.909  16.647  -5.541  0.49 14.53 ? 41  ASN A CB  1 
ATOM   422 C CB  B ASN A 1 52 ? 13.034  16.033  -5.755  0.51 13.97 ? 41  ASN A CB  1 
ATOM   423 C CG  A ASN A 1 52 ? 12.355  17.514  -6.679  0.49 18.69 ? 41  ASN A CG  1 
ATOM   424 C CG  B ASN A 1 52 ? 14.327  15.224  -5.652  0.51 12.14 ? 41  ASN A CG  1 
ATOM   425 O OD1 A ASN A 1 52 ? 11.585  18.455  -6.461  0.49 12.82 ? 41  ASN A OD1 1 
ATOM   426 O OD1 B ASN A 1 52 ? 14.565  14.301  -6.435  0.51 16.48 ? 41  ASN A OD1 1 
ATOM   427 N ND2 A ASN A 1 52 ? 12.752  17.197  -7.897  0.49 19.69 ? 41  ASN A ND2 1 
ATOM   428 N ND2 B ASN A 1 52 ? 15.164  15.570  -4.688  0.51 13.08 ? 41  ASN A ND2 1 
ATOM   429 N N   . GLU A 1 53 ? 11.989  15.780  -2.650  1.00 15.30 ? 42  GLU A N   1 
ATOM   430 C CA  . GLU A 1 53 ? 12.314  15.396  -1.272  1.00 12.66 ? 42  GLU A CA  1 
ATOM   431 C C   . GLU A 1 53 ? 11.550  14.133  -0.877  1.00 10.37 ? 42  GLU A C   1 
ATOM   432 O O   . GLU A 1 53 ? 12.095  13.212  -0.253  1.00 11.98 ? 42  GLU A O   1 
ATOM   433 C CB  . GLU A 1 53 ? 12.029  16.544  -0.292  1.00 14.33 ? 42  GLU A CB  1 
ATOM   434 C CG  . GLU A 1 53 ? 12.908  17.746  -0.524  1.00 23.29 ? 42  GLU A CG  1 
ATOM   435 C CD  . GLU A 1 53 ? 12.590  18.913  0.389   1.00 36.90 ? 42  GLU A CD  1 
ATOM   436 O OE1 . GLU A 1 53 ? 11.475  18.947  0.951   1.00 40.54 ? 42  GLU A OE1 1 
ATOM   437 O OE2 . GLU A 1 53 ? 13.459  19.802  0.534   1.00 37.87 ? 42  GLU A OE2 1 
ATOM   438 N N   . ALA A 1 54 ? 10.284  14.075  -1.256  1.00 9.51  ? 43  ALA A N   1 
ATOM   439 C CA  . ALA A 1 54 ? 9.481   12.910  -0.928  1.00 10.03 ? 43  ALA A CA  1 
ATOM   440 C C   . ALA A 1 54 ? 9.957   11.674  -1.691  1.00 8.49  ? 43  ALA A C   1 
ATOM   441 O O   . ALA A 1 54 ? 9.901   10.544  -1.182  1.00 9.65  ? 43  ALA A O   1 
ATOM   442 C CB  . ALA A 1 54 ? 8.005   13.189  -1.165  1.00 8.98  ? 43  ALA A CB  1 
ATOM   443 N N   . ARG A 1 55 ? 10.463  11.873  -2.903  1.00 9.00  ? 44  ARG A N   1 
ATOM   444 C CA  . ARG A 1 55 ? 10.969  10.724  -3.649  1.00 10.30 ? 44  ARG A CA  1 
ATOM   445 C C   . ARG A 1 55 ? 12.201  10.150  -2.946  1.00 8.54  ? 44  ARG A C   1 
ATOM   446 O O   . ARG A 1 55 ? 12.415  8.944   -2.954  1.00 8.41  ? 44  ARG A O   1 
ATOM   447 C CB  . ARG A 1 55 ? 11.335  11.129  -5.065  1.00 8.07  ? 44  ARG A CB  1 
ATOM   448 C CG  . ARG A 1 55 ? 11.616  9.944   -5.956  1.00 10.25 ? 44  ARG A CG  1 
ATOM   449 C CD  . ARG A 1 55 ? 10.336  9.351   -6.507  1.00 13.54 ? 44  ARG A CD  1 
ATOM   450 N NE  . ARG A 1 55 ? 9.810   10.244  -7.528  1.00 12.37 ? 44  ARG A NE  1 
ATOM   451 C CZ  . ARG A 1 55 ? 9.825   9.992   -8.822  1.00 11.10 ? 44  ARG A CZ  1 
ATOM   452 N NH1 . ARG A 1 55 ? 10.271  8.826   -9.265  1.00 11.16 ? 44  ARG A NH1 1 
ATOM   453 N NH2 . ARG A 1 55 ? 9.382   10.914  -9.664  1.00 11.29 ? 44  ARG A NH2 1 
ATOM   454 N N   . GLU A 1 56 ? 13.025  11.021  -2.375  1.00 10.47 ? 45  GLU A N   1 
ATOM   455 C CA  . GLU A 1 56 ? 14.199  10.563  -1.635  1.00 10.51 ? 45  GLU A CA  1 
ATOM   456 C C   . GLU A 1 56 ? 13.822  9.841   -0.346  1.00 10.30 ? 45  GLU A C   1 
ATOM   457 O O   . GLU A 1 56 ? 14.497  8.884   0.046   1.00 12.80 ? 45  GLU A O   1 
ATOM   458 C CB  . GLU A 1 56 ? 15.173  11.719  -1.355  1.00 13.38 ? 45  GLU A CB  1 
ATOM   459 C CG  . GLU A 1 56 ? 15.759  12.345  -2.631  1.00 17.31 ? 45  GLU A CG  1 
ATOM   460 C CD  . GLU A 1 56 ? 16.368  11.324  -3.575  1.00 21.52 ? 45  GLU A CD  1 
ATOM   461 O OE1 . GLU A 1 56 ? 17.215  10.516  -3.138  1.00 20.39 ? 45  GLU A OE1 1 
ATOM   462 O OE2 . GLU A 1 56 ? 16.002  11.326  -4.767  1.00 23.20 ? 45  GLU A OE2 1 
ATOM   463 N N   . ALA A 1 57 ? 12.759  10.294  0.308   1.00 10.25 ? 46  ALA A N   1 
ATOM   464 C CA  . ALA A 1 57 ? 12.273  9.606   1.496   1.00 11.77 ? 46  ALA A CA  1 
ATOM   465 C C   . ALA A 1 57 ? 11.762  8.238   1.068   1.00 8.92  ? 46  ALA A C   1 
ATOM   466 O O   . ALA A 1 57 ? 12.023  7.246   1.751   1.00 10.41 ? 46  ALA A O   1 
ATOM   467 C CB  . ALA A 1 57 ? 11.167  10.410  2.166   1.00 9.57  ? 46  ALA A CB  1 
ATOM   468 N N   . MET A 1 58 ? 11.064  8.179   -0.064  1.00 8.56  ? 47  MET A N   1 
ATOM   469 C CA  . MET A 1 58 ? 10.564  6.911   -0.564  1.00 8.65  ? 47  MET A CA  1 
ATOM   470 C C   . MET A 1 58 ? 11.730  5.959   -0.868  1.00 10.83 ? 47  MET A C   1 
ATOM   471 O O   . MET A 1 58 ? 11.729  4.813   -0.427  1.00 8.89  ? 47  MET A O   1 
ATOM   472 C CB  . MET A 1 58 ? 9.754   7.145   -1.830  1.00 7.47  ? 47  MET A CB  1 
ATOM   473 C CG  . MET A 1 58 ? 9.135   5.862   -2.371  1.00 8.24  ? 47  MET A CG  1 
ATOM   474 S SD  . MET A 1 58 ? 8.531   6.092   -4.053  1.00 8.20  ? 47  MET A SD  1 
ATOM   475 C CE  . MET A 1 58 ? 10.041  5.873   -5.000  1.00 10.94 ? 47  MET A CE  1 
ATOM   476 N N   . ALA A 1 59 ? 12.741  6.451   -1.577  1.00 10.64 ? 48  ALA A N   1 
ATOM   477 C CA  . ALA A 1 59 ? 13.858  5.608   -1.994  1.00 10.77 ? 48  ALA A CA  1 
ATOM   478 C C   . ALA A 1 59 ? 14.575  5.036   -0.770  1.00 13.06 ? 48  ALA A C   1 
ATOM   479 O O   . ALA A 1 59 ? 15.053  3.902   -0.789  1.00 11.24 ? 48  ALA A O   1 
ATOM   480 C CB  . ALA A 1 59 ? 14.793  6.414   -2.827  1.00 11.77 ? 48  ALA A CB  1 
ATOM   481 N N   . ALA A 1 60 ? 14.634  5.811   0.319   1.00 10.87 ? 49  ALA A N   1 
ATOM   482 C CA  . ALA A 1 60 ? 15.268  5.361   1.547   1.00 15.09 ? 49  ALA A CA  1 
ATOM   483 C C   . ALA A 1 60 ? 14.598  4.115   2.120   1.00 11.76 ? 49  ALA A C   1 
ATOM   484 O O   . ALA A 1 60 ? 15.269  3.265   2.703   1.00 13.76 ? 49  ALA A O   1 
ATOM   485 C CB  . ALA A 1 60 ? 15.269  6.471   2.570   1.00 12.35 ? 49  ALA A CB  1 
ATOM   486 N N   . ARG A 1 61 ? 13.281  4.024   1.956   1.00 10.52 ? 50  ARG A N   1 
ATOM   487 C CA  . ARG A 1 61 ? 12.531  2.860   2.418   1.00 11.87 ? 50  ARG A CA  1 
ATOM   488 C C   . ARG A 1 61 ? 12.406  1.776   1.381   1.00 11.68 ? 50  ARG A C   1 
ATOM   489 O O   . ARG A 1 61 ? 12.077  0.646   1.719   1.00 13.60 ? 50  ARG A O   1 
ATOM   490 C CB  . ARG A 1 61 ? 11.098  3.235   2.748   1.00 12.80 ? 50  ARG A CB  1 
ATOM   491 C CG  . ARG A 1 61 ? 10.900  3.962   3.989   1.00 12.68 ? 50  ARG A CG  1 
ATOM   492 C CD  . ARG A 1 61 ? 9.402   4.228   4.134   1.00 15.04 ? 50  ARG A CD  1 
ATOM   493 N NE  . ARG A 1 61 ? 8.644   3.162   4.779   1.00 11.66 ? 50  ARG A NE  1 
ATOM   494 C CZ  . ARG A 1 61 ? 7.316   3.111   4.772   1.00 8.10  ? 50  ARG A CZ  1 
ATOM   495 N NH1 . ARG A 1 61 ? 6.633   4.038   4.094   1.00 8.93  ? 50  ARG A NH1 1 
ATOM   496 N NH2 . ARG A 1 61 ? 6.675   2.142   5.415   1.00 12.07 ? 50  ARG A NH2 1 
ATOM   497 N N   . ALA A 1 62 ? 12.556  2.127   0.107   1.00 9.79  ? 51  ALA A N   1 
ATOM   498 C CA  . ALA A 1 62 ? 12.235  1.173   -0.940  1.00 12.34 ? 51  ALA A CA  1 
ATOM   499 C C   . ALA A 1 62 ? 13.505  0.619   -1.576  1.00 15.59 ? 51  ALA A C   1 
ATOM   500 O O   . ALA A 1 62 ? 13.575  0.507   -2.810  1.00 14.43 ? 51  ALA A O   1 
ATOM   501 C CB  . ALA A 1 62 ? 11.363  1.837   -1.977  1.00 14.51 ? 51  ALA A CB  1 
ATOM   502 N N   . ASN A 1 63 ? 14.501  0.270   -0.759  1.00 13.69 ? 52  ASN A N   1 
ATOM   503 C CA  . ASN A 1 63 ? 15.739  -0.315  -1.264  1.00 18.31 ? 52  ASN A CA  1 
ATOM   504 C C   . ASN A 1 63 ? 16.497  0.564   -2.253  1.00 17.02 ? 52  ASN A C   1 
ATOM   505 O O   . ASN A 1 63 ? 17.204  0.060   -3.136  1.00 20.79 ? 52  ASN A O   1 
ATOM   506 C CB  . ASN A 1 63 ? 15.465  -1.677  -1.896  1.00 27.89 ? 52  ASN A CB  1 
ATOM   507 C CG  . ASN A 1 63 ? 15.335  -2.768  -0.883  1.00 34.68 ? 52  ASN A CG  1 
ATOM   508 O OD1 . ASN A 1 63 ? 15.986  -2.739  0.162   1.00 33.84 ? 52  ASN A OD1 1 
ATOM   509 N ND2 . ASN A 1 63 ? 14.499  -3.755  -1.183  1.00 42.35 ? 52  ASN A ND2 1 
ATOM   510 N N   . GLY A 1 64 ? 16.354  1.875   -2.123  1.00 15.70 ? 53  GLY A N   1 
ATOM   511 C CA  . GLY A 1 64 ? 17.017  2.797   -3.025  1.00 15.75 ? 53  GLY A CA  1 
ATOM   512 C C   . GLY A 1 64 ? 16.282  2.995   -4.344  1.00 15.96 ? 53  GLY A C   1 
ATOM   513 O O   . GLY A 1 64 ? 16.774  3.730   -5.199  1.00 16.33 ? 53  GLY A O   1 
ATOM   514 N N   . LYS A 1 65 ? 15.117  2.363   -4.506  1.00 15.32 ? 54  LYS A N   1 
ATOM   515 C CA  . LYS A 1 65 ? 14.362  2.484   -5.768  1.00 11.37 ? 54  LYS A CA  1 
ATOM   516 C C   . LYS A 1 65 ? 13.615  3.795   -5.820  1.00 13.52 ? 54  LYS A C   1 
ATOM   517 O O   . LYS A 1 65 ? 12.971  4.202   -4.840  1.00 12.37 ? 54  LYS A O   1 
ATOM   518 C CB  . LYS A 1 65 ? 13.380  1.326   -5.934  1.00 12.37 ? 54  LYS A CB  1 
ATOM   519 C CG  . LYS A 1 65 ? 14.083  -0.021  -6.010  1.00 16.64 ? 54  LYS A CG  1 
ATOM   520 C CD  . LYS A 1 65 ? 13.102  -1.156  -6.212  1.00 24.71 ? 54  LYS A CD  1 
ATOM   521 C CE  . LYS A 1 65 ? 13.852  -2.436  -6.570  1.00 29.31 ? 54  LYS A CE  1 
ATOM   522 N NZ  . LYS A 1 65 ? 12.960  -3.592  -6.833  1.00 35.79 ? 54  LYS A NZ  1 
ATOM   523 N N   . ARG A 1 66 ? 13.668  4.449   -6.978  1.00 11.58 ? 55  ARG A N   1 
ATOM   524 C CA  . ARG A 1 66 ? 12.877  5.662   -7.213  1.00 11.97 ? 55  ARG A CA  1 
ATOM   525 C C   . ARG A 1 66 ? 11.784  5.427   -8.237  1.00 11.28 ? 55  ARG A C   1 
ATOM   526 O O   . ARG A 1 66 ? 11.061  6.349   -8.592  1.00 10.73 ? 55  ARG A O   1 
ATOM   527 C CB  . ARG A 1 66 ? 13.772  6.816   -7.648  1.00 12.60 ? 55  ARG A CB  1 
ATOM   528 C CG  . ARG A 1 66 ? 14.719  7.263   -6.536  1.00 14.37 ? 55  ARG A CG  1 
ATOM   529 C CD  . ARG A 1 66 ? 15.694  8.341   -6.983  1.00 15.80 ? 55  ARG A CD  1 
ATOM   530 N NE  . ARG A 1 66 ? 16.564  8.725   -5.871  1.00 20.68 ? 55  ARG A NE  1 
ATOM   531 C CZ  . ARG A 1 66 ? 17.607  8.008   -5.471  1.00 25.59 ? 55  ARG A CZ  1 
ATOM   532 N NH1 . ARG A 1 66 ? 17.927  6.890   -6.114  1.00 27.83 ? 55  ARG A NH1 1 
ATOM   533 N NH2 . ARG A 1 66 ? 18.343  8.412   -4.442  1.00 27.22 ? 55  ARG A NH2 1 
ATOM   534 N N   . SER A 1 67 ? 11.673  4.195   -8.725  1.00 10.11 ? 56  SER A N   1 
ATOM   535 C CA  . SER A 1 67 ? 10.582  3.854   -9.648  1.00 8.94  ? 56  SER A CA  1 
ATOM   536 C C   . SER A 1 67 ? 9.241   3.926   -8.922  1.00 8.30  ? 56  SER A C   1 
ATOM   537 O O   . SER A 1 67 ? 9.173   3.845   -7.688  1.00 7.64  ? 56  SER A O   1 
ATOM   538 C CB  . SER A 1 67 ? 10.808  2.472   -10.256 1.00 12.99 ? 56  SER A CB  1 
ATOM   539 O OG  . SER A 1 67 ? 10.806  1.479   -9.252  1.00 13.29 ? 56  SER A OG  1 
ATOM   540 N N   . LEU A 1 68 ? 8.166   4.105   -9.678  1.00 9.03  ? 57  LEU A N   1 
ATOM   541 C CA  . LEU A 1 68 ? 6.844   4.242   -9.094  1.00 10.26 ? 57  LEU A CA  1 
ATOM   542 C C   . LEU A 1 68 ? 5.901   3.201   -9.649  1.00 9.92  ? 57  LEU A C   1 
ATOM   543 O O   . LEU A 1 68 ? 6.066   2.757   -10.781 1.00 8.81  ? 57  LEU A O   1 
ATOM   544 C CB  . LEU A 1 68 ? 6.261   5.634   -9.372  1.00 8.90  ? 57  LEU A CB  1 
ATOM   545 C CG  . LEU A 1 68 ? 7.055   6.792   -8.773  1.00 8.26  ? 57  LEU A CG  1 
ATOM   546 C CD1 . LEU A 1 68 ? 6.550   8.131   -9.269  1.00 10.04 ? 57  LEU A CD1 1 
ATOM   547 C CD2 . LEU A 1 68 ? 7.054   6.753   -7.260  1.00 10.48 ? 57  LEU A CD2 1 
ATOM   548 N N   . PRO A 1 69 ? 4.908   2.796   -8.858  1.00 7.80  ? 58  PRO A N   1 
ATOM   549 C CA  . PRO A 1 69 ? 4.702   3.114   -7.441  1.00 4.81  ? 58  PRO A CA  1 
ATOM   550 C C   . PRO A 1 69 ? 5.580   2.263   -6.541  1.00 7.75  ? 58  PRO A C   1 
ATOM   551 O O   . PRO A 1 69 ? 6.261   1.351   -6.978  1.00 8.15  ? 58  PRO A O   1 
ATOM   552 C CB  . PRO A 1 69 ? 3.237   2.708   -7.217  1.00 7.05  ? 58  PRO A CB  1 
ATOM   553 C CG  . PRO A 1 69 ? 3.096   1.509   -8.130  1.00 9.03  ? 58  PRO A CG  1 
ATOM   554 C CD  . PRO A 1 69 ? 3.870   1.881   -9.369  1.00 8.13  ? 58  PRO A CD  1 
ATOM   555 N N   . GLN A 1 70 ? 5.544   2.573   -5.251  1.00 6.15  ? 59  GLN A N   1 
ATOM   556 C CA  . GLN A 1 70 ? 6.164   1.715   -4.230  1.00 6.48  ? 59  GLN A CA  1 
ATOM   557 C C   . GLN A 1 70 ? 5.105   1.482   -3.174  1.00 5.40  ? 59  GLN A C   1 
ATOM   558 O O   . GLN A 1 70 ? 4.484   2.437   -2.689  1.00 7.17  ? 59  GLN A O   1 
ATOM   559 C CB  . GLN A 1 70 ? 7.434   2.343   -3.625  1.00 6.76  ? 59  GLN A CB  1 
ATOM   560 C CG  . GLN A 1 70 ? 8.558   2.544   -4.622  1.00 8.22  ? 59  GLN A CG  1 
ATOM   561 C CD  . GLN A 1 70 ? 9.089   1.264   -5.228  1.00 11.29 ? 59  GLN A CD  1 
ATOM   562 O OE1 . GLN A 1 70 ? 8.968   0.172   -4.657  1.00 11.24 ? 59  GLN A OE1 1 
ATOM   563 N NE2 . GLN A 1 70 ? 9.700   1.392   -6.410  1.00 10.41 ? 59  GLN A NE2 1 
ATOM   564 N N   . ILE A 1 71 ? 4.893   0.209   -2.850  1.00 7.09  ? 60  ILE A N   1 
ATOM   565 C CA  . ILE A 1 71 ? 3.834   -0.188  -1.932  1.00 8.43  ? 60  ILE A CA  1 
ATOM   566 C C   . ILE A 1 71 ? 4.414   -0.843  -0.691  1.00 6.61  ? 60  ILE A C   1 
ATOM   567 O O   . ILE A 1 71 ? 5.346   -1.640  -0.800  1.00 6.84  ? 60  ILE A O   1 
ATOM   568 C CB  . ILE A 1 71 ? 2.905   -1.183  -2.646  1.00 8.69  ? 60  ILE A CB  1 
ATOM   569 C CG1 . ILE A 1 71 ? 2.242   -0.505  -3.859  1.00 11.69 ? 60  ILE A CG1 1 
ATOM   570 C CG2 . ILE A 1 71 ? 1.856   -1.719  -1.699  1.00 8.67  ? 60  ILE A CG2 1 
ATOM   571 C CD1 . ILE A 1 71 ? 1.930   -1.454  -5.002  1.00 9.85  ? 60  ILE A CD1 1 
ATOM   572 N N   . PHE A 1 72 ? 3.848   -0.517  0.480   1.00 6.53  ? 61  PHE A N   1 
ATOM   573 C CA  . PHE A 1 72 ? 4.258   -1.111  1.748   1.00 6.71  ? 61  PHE A CA  1 
ATOM   574 C C   . PHE A 1 72 ? 3.021   -1.672  2.457   1.00 6.88  ? 61  PHE A C   1 
ATOM   575 O O   . PHE A 1 72 ? 1.953   -1.049  2.412   1.00 8.66  ? 61  PHE A O   1 
ATOM   576 C CB  . PHE A 1 72 ? 4.935   -0.044  2.622   1.00 8.35  ? 61  PHE A CB  1 
ATOM   577 C CG  . PHE A 1 72 ? 6.262   0.398   2.096   1.00 8.18  ? 61  PHE A CG  1 
ATOM   578 C CD1 . PHE A 1 72 ? 7.439   -0.069  2.656   1.00 8.89  ? 61  PHE A CD1 1 
ATOM   579 C CD2 . PHE A 1 72 ? 6.339   1.251   1.010   1.00 7.02  ? 61  PHE A CD2 1 
ATOM   580 C CE1 . PHE A 1 72 ? 8.675   0.341   2.143   1.00 10.88 ? 61  PHE A CE1 1 
ATOM   581 C CE2 . PHE A 1 72 ? 7.571   1.653   0.503   1.00 7.37  ? 61  PHE A CE2 1 
ATOM   582 C CZ  . PHE A 1 72 ? 8.730   1.197   1.066   1.00 8.33  ? 61  PHE A CZ  1 
ATOM   583 N N   . ILE A 1 73 ? 3.138   -2.852  3.058   1.00 7.77  ? 62  ILE A N   1 
ATOM   584 C CA  . ILE A 1 73 ? 2.043   -3.393  3.862   1.00 11.32 ? 62  ILE A CA  1 
ATOM   585 C C   . ILE A 1 73 ? 2.644   -3.780  5.203   1.00 11.76 ? 62  ILE A C   1 
ATOM   586 O O   . ILE A 1 73 ? 3.565   -4.586  5.261   1.00 10.93 ? 62  ILE A O   1 
ATOM   587 C CB  . ILE A 1 73 ? 1.377   -4.628  3.217   1.00 11.19 ? 62  ILE A CB  1 
ATOM   588 C CG1 . ILE A 1 73 ? 0.754   -4.273  1.870   1.00 13.29 ? 62  ILE A CG1 1 
ATOM   589 C CG2 . ILE A 1 73 ? 0.317   -5.204  4.151   1.00 12.85 ? 62  ILE A CG2 1 
ATOM   590 C CD1 . ILE A 1 73 ? 0.256   -5.480  1.065   1.00 13.98 ? 62  ILE A CD1 1 
ATOM   591 N N   . ASP A 1 74 ? 2.116   -3.205  6.280   1.00 10.53 ? 63  ASP A N   1 
ATOM   592 C CA  . ASP A 1 74 ? 2.630   -3.425  7.639   1.00 11.13 ? 63  ASP A CA  1 
ATOM   593 C C   . ASP A 1 74 ? 4.125   -3.168  7.694   1.00 10.99 ? 63  ASP A C   1 
ATOM   594 O O   . ASP A 1 74 ? 4.859   -3.935  8.315   1.00 13.88 ? 63  ASP A O   1 
ATOM   595 C CB  . ASP A 1 74 ? 2.356   -4.848  8.169   1.00 11.84 ? 63  ASP A CB  1 
ATOM   596 C CG  . ASP A 1 74 ? 0.933   -5.033  8.647   1.00 40.01 ? 63  ASP A CG  1 
ATOM   597 O OD1 . ASP A 1 74 ? 0.299   -4.014  8.956   1.00 26.89 ? 63  ASP A OD1 1 
ATOM   598 O OD2 . ASP A 1 74 ? 0.454   -6.182  8.705   1.00 40.33 ? 63  ASP A OD2 1 
ATOM   599 N N   . ASP A 1 75 ? 4.563   -2.086  7.047   1.00 11.44 ? 64  ASP A N   1 
ATOM   600 C CA  . ASP A 1 75 ? 5.961   -1.631  7.068   1.00 13.50 ? 64  ASP A CA  1 
ATOM   601 C C   . ASP A 1 75 ? 6.895   -2.470  6.213   1.00 12.99 ? 64  ASP A C   1 
ATOM   602 O O   . ASP A 1 75 ? 8.078   -2.156  6.114   1.00 15.32 ? 64  ASP A O   1 
ATOM   603 C CB  . ASP A 1 75 ? 6.479   -1.450  8.496   1.00 15.16 ? 64  ASP A CB  1 
ATOM   604 C CG  . ASP A 1 75 ? 5.785   -0.323  9.197   1.00 18.34 ? 64  ASP A CG  1 
ATOM   605 O OD1 . ASP A 1 75 ? 5.607   0.744   8.581   1.00 17.60 ? 64  ASP A OD1 1 
ATOM   606 O OD2 . ASP A 1 75 ? 5.395   -0.507  10.352  1.00 25.17 ? 64  ASP A OD2 1 
ATOM   607 N N   . GLN A 1 76 ? 6.362   -3.507  5.576   1.00 13.81 ? 65  GLN A N   1 
ATOM   608 C CA  . GLN A 1 76 ? 7.186   -4.314  4.681   1.00 13.10 ? 65  GLN A CA  1 
ATOM   609 C C   . GLN A 1 76 ? 7.061   -3.802  3.258   1.00 11.59 ? 65  GLN A C   1 
ATOM   610 O O   . GLN A 1 76 ? 5.957   -3.610  2.744   1.00 10.76 ? 65  GLN A O   1 
ATOM   611 C CB  . GLN A 1 76 ? 6.787   -5.787  4.742   1.00 18.58 ? 65  GLN A CB  1 
ATOM   612 C CG  . GLN A 1 76 ? 7.628   -6.672  3.820   1.00 25.43 ? 65  GLN A CG  1 
ATOM   613 C CD  . GLN A 1 76 ? 7.114   -8.095  3.716   1.00 26.40 ? 65  GLN A CD  1 
ATOM   614 O OE1 . GLN A 1 76 ? 5.927   -8.357  3.914   1.00 29.58 ? 65  GLN A OE1 1 
ATOM   615 N NE2 . GLN A 1 76 ? 8.008   -9.024  3.397   1.00 35.71 ? 65  GLN A NE2 1 
ATOM   616 N N   . HIS A 1 77 ? 8.214   -3.590  2.635   1.00 11.57 ? 66  HIS A N   1 
ATOM   617 C CA  . HIS A 1 77 ? 8.244   -3.221  1.218   1.00 10.59 ? 66  HIS A CA  1 
ATOM   618 C C   . HIS A 1 77 ? 7.802   -4.381  0.330   1.00 10.91 ? 66  HIS A C   1 
ATOM   619 O O   . HIS A 1 77 ? 8.423   -5.453  0.314   1.00 12.16 ? 66  HIS A O   1 
ATOM   620 C CB  . HIS A 1 77 ? 9.648   -2.778  0.829   1.00 11.25 ? 66  HIS A CB  1 
ATOM   621 C CG  . HIS A 1 77 ? 9.750   -2.224  -0.556  1.00 10.75 ? 66  HIS A CG  1 
ATOM   622 N ND1 . HIS A 1 77 ? 10.839  -2.470  -1.360  1.00 14.09 ? 66  HIS A ND1 1 
ATOM   623 C CD2 . HIS A 1 77 ? 8.905   -1.449  -1.277  1.00 9.99  ? 66  HIS A CD2 1 
ATOM   624 C CE1 . HIS A 1 77 ? 10.650  -1.885  -2.534  1.00 12.21 ? 66  HIS A CE1 1 
ATOM   625 N NE2 . HIS A 1 77 ? 9.498   -1.251  -2.507  1.00 11.71 ? 66  HIS A NE2 1 
ATOM   626 N N   . ILE A 1 78 ? 6.729   -4.139  -0.408  1.00 9.01  ? 67  ILE A N   1 
ATOM   627 C CA  . ILE A 1 78 ? 6.125   -5.133  -1.277  1.00 11.56 ? 67  ILE A CA  1 
ATOM   628 C C   . ILE A 1 78 ? 6.661   -4.976  -2.689  1.00 12.69 ? 67  ILE A C   1 
ATOM   629 O O   . ILE A 1 78 ? 6.904   -5.971  -3.385  1.00 15.59 ? 67  ILE A O   1 
ATOM   630 C CB  . ILE A 1 78 ? 4.594   -4.969  -1.340  1.00 10.68 ? 67  ILE A CB  1 
ATOM   631 C CG1 . ILE A 1 78 ? 3.979   -5.003  0.054   1.00 13.52 ? 67  ILE A CG1 1 
ATOM   632 C CG2 . ILE A 1 78 ? 3.983   -6.046  -2.208  1.00 20.31 ? 67  ILE A CG2 1 
ATOM   633 C CD1 . ILE A 1 78 ? 4.353   -6.229  0.836   1.00 18.07 ? 67  ILE A CD1 1 
ATOM   634 N N   . GLY A 1 79 ? 6.886   -3.734  -3.109  1.00 9.02  ? 68  GLY A N   1 
ATOM   635 C CA  . GLY A 1 79 ? 7.362   -3.473  -4.460  1.00 8.67  ? 68  GLY A CA  1 
ATOM   636 C C   . GLY A 1 79 ? 6.437   -2.569  -5.236  1.00 8.77  ? 68  GLY A C   1 
ATOM   637 O O   . GLY A 1 79 ? 5.757   -1.698  -4.680  1.00 12.42 ? 68  GLY A O   1 
ATOM   638 N N   . GLY A 1 80 ? 6.381   -2.792  -6.541  1.00 8.79  ? 69  GLY A N   1 
ATOM   639 C CA  . GLY A 1 80 ? 5.632   -1.900  -7.415  1.00 10.54 ? 69  GLY A CA  1 
ATOM   640 C C   . GLY A 1 80 ? 4.357   -2.506  -7.944  1.00 10.42 ? 69  GLY A C   1 
ATOM   641 O O   . GLY A 1 80 ? 3.814   -3.445  -7.361  1.00 10.18 ? 69  GLY A O   1 
ATOM   642 N N   . CYS A 1 81 ? 3.886   -1.979  -9.063  1.00 9.21  ? 70  CYS A N   1 
ATOM   643 C CA  . CYS A 1 81 ? 2.612   -2.418  -9.613  1.00 8.55  ? 70  CYS A CA  1 
ATOM   644 C C   . CYS A 1 81 ? 2.685   -3.874  -10.033 1.00 8.97  ? 70  CYS A C   1 
ATOM   645 O O   . CYS A 1 81 ? 1.799   -4.648  -9.710  1.00 7.92  ? 70  CYS A O   1 
ATOM   646 C CB  . CYS A 1 81 ? 2.229   -1.523  -10.781 1.00 12.29 ? 70  CYS A CB  1 
ATOM   647 S SG  . CYS A 1 81 ? 0.694   -1.959  -11.574 1.00 12.61 ? 70  CYS A SG  1 
ATOM   648 N N   . ASP A 1 82 ? 3.754   -4.249  -10.730 1.00 10.03 ? 71  ASP A N   1 
ATOM   649 C CA  . ASP A 1 82 ? 3.916   -5.635  -11.172 1.00 10.16 ? 71  ASP A CA  1 
ATOM   650 C C   . ASP A 1 82 ? 3.969   -6.560  -9.963  1.00 8.98  ? 71  ASP A C   1 
ATOM   651 O O   . ASP A 1 82 ? 3.343   -7.643  -9.964  1.00 10.75 ? 71  ASP A O   1 
ATOM   652 C CB  . ASP A 1 82 ? 5.160   -5.801  -12.044 1.00 14.09 ? 71  ASP A CB  1 
ATOM   653 C CG  . ASP A 1 82 ? 4.926   -5.362  -13.473 1.00 27.24 ? 71  ASP A CG  1 
ATOM   654 O OD1 . ASP A 1 82 ? 3.872   -4.743  -13.750 1.00 29.58 ? 71  ASP A OD1 1 
ATOM   655 O OD2 . ASP A 1 82 ? 5.808   -5.610  -14.320 1.00 30.57 ? 71  ASP A OD2 1 
ATOM   656 N N   . ASP A 1 83 ? 4.652   -6.130  -8.901  1.00 9.50  ? 72  ASP A N   1 
ATOM   657 C CA  . ASP A 1 83 ? 4.769   -6.980  -7.724  1.00 9.83  ? 72  ASP A CA  1 
ATOM   658 C C   . ASP A 1 83 ? 3.429   -7.233  -7.047  1.00 9.60  ? 72  ASP A C   1 
ATOM   659 O O   . ASP A 1 83 ? 3.137   -8.364  -6.669  1.00 10.36 ? 72  ASP A O   1 
ATOM   660 C CB  . ASP A 1 83 ? 5.765   -6.393  -6.715  1.00 10.78 ? 72  ASP A CB  1 
ATOM   661 C CG  . ASP A 1 83 ? 7.166   -6.325  -7.268  1.00 14.74 ? 72  ASP A CG  1 
ATOM   662 O OD1 . ASP A 1 83 ? 7.662   -7.325  -7.861  1.00 18.79 ? 72  ASP A OD1 1 
ATOM   663 O OD2 . ASP A 1 83 ? 7.791   -5.252  -7.164  1.00 16.21 ? 72  ASP A OD2 1 
ATOM   664 N N   . ILE A 1 84 ? 2.584   -6.217  -6.931  1.00 8.64  ? 73  ILE A N   1 
ATOM   665 C CA  . ILE A 1 84 ? 1.313   -6.430  -6.255  1.00 7.15  ? 73  ILE A CA  1 
ATOM   666 C C   . ILE A 1 84 ? 0.358   -7.272  -7.113  1.00 9.55  ? 73  ILE A C   1 
ATOM   667 O O   . ILE A 1 84 ? -0.351  -8.140  -6.611  1.00 8.62  ? 73  ILE A O   1 
ATOM   668 C CB  . ILE A 1 84 ? 0.666   -5.114  -5.737  1.00 10.49 ? 73  ILE A CB  1 
ATOM   669 C CG1 . ILE A 1 84 ? -0.471  -5.413  -4.786  1.00 14.56 ? 73  ILE A CG1 1 
ATOM   670 C CG2 . ILE A 1 84 ? 0.176   -4.211  -6.860  1.00 11.66 ? 73  ILE A CG2 1 
ATOM   671 C CD1 . ILE A 1 84 ? -0.917  -4.177  -4.047  1.00 18.41 ? 73  ILE A CD1 1 
ATOM   672 N N   . TYR A 1 85 ? 0.366   -7.047  -8.422  1.00 7.68  ? 74  TYR A N   1 
ATOM   673 C CA  . TYR A 1 85 ? -0.429  -7.878  -9.321  1.00 9.71  ? 74  TYR A CA  1 
ATOM   674 C C   . TYR A 1 85 ? 0.055   -9.317  -9.344  1.00 9.14  ? 74  TYR A C   1 
ATOM   675 O O   . TYR A 1 85 ? -0.762  -10.234 -9.404  1.00 9.94  ? 74  TYR A O   1 
ATOM   676 C CB  . TYR A 1 85 ? -0.500  -7.292  -10.734 1.00 9.98  ? 74  TYR A CB  1 
ATOM   677 C CG  . TYR A 1 85 ? -1.592  -6.239  -10.889 1.00 8.13  ? 74  TYR A CG  1 
ATOM   678 C CD1 . TYR A 1 85 ? -2.854  -6.577  -11.369 1.00 9.44  ? 74  TYR A CD1 1 
ATOM   679 C CD2 . TYR A 1 85 ? -1.368  -4.906  -10.527 1.00 8.06  ? 74  TYR A CD2 1 
ATOM   680 C CE1 . TYR A 1 85 ? -3.865  -5.629  -11.500 1.00 8.91  ? 74  TYR A CE1 1 
ATOM   681 C CE2 . TYR A 1 85 ? -2.372  -3.949  -10.673 1.00 8.42  ? 74  TYR A CE2 1 
ATOM   682 C CZ  . TYR A 1 85 ? -3.624  -4.327  -11.168 1.00 8.90  ? 74  TYR A CZ  1 
ATOM   683 O OH  . TYR A 1 85 ? -4.621  -3.396  -11.302 1.00 9.86  ? 74  TYR A OH  1 
ATOM   684 N N   . ALA A 1 86 ? 1.364   -9.531  -9.295  1.00 9.31  ? 75  ALA A N   1 
ATOM   685 C CA  . ALA A 1 86 ? 1.921   -10.881 -9.250  1.00 9.51  ? 75  ALA A CA  1 
ATOM   686 C C   . ALA A 1 86 ? 1.471   -11.602 -7.968  1.00 8.43  ? 75  ALA A C   1 
ATOM   687 O O   . ALA A 1 86 ? 1.077   -12.769 -7.999  1.00 9.91  ? 75  ALA A O   1 
ATOM   688 C CB  . ALA A 1 86 ? 3.443   -10.836 -9.362  1.00 9.50  ? 75  ALA A CB  1 
ATOM   689 N N   . LEU A 1 87 ? 1.517   -10.898 -6.843  1.00 8.08  ? 76  LEU A N   1 
ATOM   690 C CA  . LEU A 1 87 ? 1.029   -11.460 -5.581  1.00 9.15  ? 76  LEU A CA  1 
ATOM   691 C C   . LEU A 1 87 ? -0.454  -11.840 -5.687  1.00 8.39  ? 76  LEU A C   1 
ATOM   692 O O   . LEU A 1 87 ? -0.855  -12.918 -5.257  1.00 10.42 ? 76  LEU A O   1 
ATOM   693 C CB  . LEU A 1 87 ? 1.279   -10.487 -4.429  1.00 9.19  ? 76  LEU A CB  1 
ATOM   694 C CG  . LEU A 1 87 ? 2.739   -10.447 -3.980  1.00 9.97  ? 76  LEU A CG  1 
ATOM   695 C CD1 . LEU A 1 87 ? 2.979   -9.251  -3.100  1.00 13.72 ? 76  LEU A CD1 1 
ATOM   696 C CD2 . LEU A 1 87 ? 3.123   -11.729 -3.234  1.00 14.87 ? 76  LEU A CD2 1 
ATOM   697 N N   . ASP A 1 88 ? -1.268  -10.963 -6.262  1.00 7.37  ? 77  ASP A N   1 
ATOM   698 C CA  . ASP A 1 88 ? -2.688  -11.271 -6.405  1.00 8.63  ? 77  ASP A CA  1 
ATOM   699 C C   . ASP A 1 88 ? -2.906  -12.468 -7.334  1.00 8.11  ? 77  ASP A C   1 
ATOM   700 O O   . ASP A 1 88 ? -3.721  -13.356 -7.030  1.00 10.82 ? 77  ASP A O   1 
ATOM   701 C CB  . ASP A 1 88 ? -3.471  -10.029 -6.851  1.00 8.48  ? 77  ASP A CB  1 
ATOM   702 C CG  . ASP A 1 88 ? -4.960  -10.142 -6.569  1.00 10.16 ? 77  ASP A CG  1 
ATOM   703 O OD1 . ASP A 1 88 ? -5.361  -10.651 -5.490  1.00 11.13 ? 77  ASP A OD1 1 
ATOM   704 O OD2 . ASP A 1 88 ? -5.749  -9.716  -7.430  1.00 12.08 ? 77  ASP A OD2 1 
ATOM   705 N N   . GLY A 1 89 ? -2.154  -12.533 -8.433  1.00 9.49  ? 78  GLY A N   1 
ATOM   706 C CA  . GLY A 1 89 ? -2.299  -13.647 -9.357  1.00 9.08  ? 78  GLY A CA  1 
ATOM   707 C C   . GLY A 1 89 ? -1.858  -14.969 -8.745  1.00 9.67  ? 78  GLY A C   1 
ATOM   708 O O   . GLY A 1 89 ? -2.323  -16.048 -9.123  1.00 10.45 ? 78  GLY A O   1 
ATOM   709 N N   . ALA A 1 90 ? -0.963  -14.894 -7.774  1.00 9.89  ? 79  ALA A N   1 
ATOM   710 C CA  . ALA A 1 90 ? -0.481  -16.102 -7.100  1.00 10.37 ? 79  ALA A CA  1 
ATOM   711 C C   . ALA A 1 90 ? -1.387  -16.523 -5.940  1.00 10.54 ? 79  ALA A C   1 
ATOM   712 O O   . ALA A 1 90 ? -1.145  -17.547 -5.300  1.00 13.74 ? 79  ALA A O   1 
ATOM   713 C CB  . ALA A 1 90 ? 0.958   -15.913 -6.617  1.00 10.59 ? 79  ALA A CB  1 
ATOM   714 N N   . GLY A 1 91 ? -2.422  -15.735 -5.666  1.00 9.96  ? 80  GLY A N   1 
ATOM   715 C CA  . GLY A 1 91 ? -3.320  -16.029 -4.559  1.00 11.76 ? 80  GLY A CA  1 
ATOM   716 C C   . GLY A 1 91 ? -2.781  -15.620 -3.200  1.00 13.80 ? 80  GLY A C   1 
ATOM   717 O O   . GLY A 1 91 ? -3.249  -16.133 -2.186  1.00 13.25 ? 80  GLY A O   1 
ATOM   718 N N   . LYS A 1 92 ? -1.809  -14.710 -3.176  1.00 9.96  ? 81  LYS A N   1 
ATOM   719 C CA  . LYS A 1 92 ? -1.085  -14.351 -1.955  1.00 10.28 ? 81  LYS A CA  1 
ATOM   720 C C   . LYS A 1 92 ? -1.412  -12.956 -1.403  1.00 9.81  ? 81  LYS A C   1 
ATOM   721 O O   . LYS A 1 92 ? -1.074  -12.662 -0.244  1.00 14.56 ? 81  LYS A O   1 
ATOM   722 C CB  . LYS A 1 92 ? 0.428   -14.446 -2.187  1.00 13.21 ? 81  LYS A CB  1 
ATOM   723 C CG  . LYS A 1 92 ? 0.946   -15.851 -2.432  1.00 18.11 ? 81  LYS A CG  1 
ATOM   724 C CD  . LYS A 1 92 ? 2.463   -15.858 -2.541  1.00 21.44 ? 81  LYS A CD  1 
ATOM   725 C CE  . LYS A 1 92 ? 2.992   -17.280 -2.616  1.00 28.93 ? 81  LYS A CE  1 
ATOM   726 N NZ  . LYS A 1 92 ? 4.482   -17.307 -2.704  1.00 33.04 ? 81  LYS A NZ  1 
ATOM   727 N N   . LEU A 1 93 ? -2.083  -12.116 -2.177  1.00 9.47  ? 82  LEU A N   1 
ATOM   728 C CA  . LEU A 1 93 ? -2.238  -10.712 -1.777  1.00 9.73  ? 82  LEU A CA  1 
ATOM   729 C C   . LEU A 1 93 ? -3.296  -10.513 -0.700  1.00 12.56 ? 82  LEU A C   1 
ATOM   730 O O   . LEU A 1 93 ? -3.085  -9.770  0.278   1.00 10.28 ? 82  LEU A O   1 
ATOM   731 C CB  . LEU A 1 93 ? -2.514  -9.824  -2.993  1.00 10.36 ? 82  LEU A CB  1 
ATOM   732 C CG  . LEU A 1 93 ? -2.673  -8.342  -2.661  1.00 10.01 ? 82  LEU A CG  1 
ATOM   733 C CD1 . LEU A 1 93 ? -1.375  -7.787  -2.064  1.00 12.52 ? 82  LEU A CD1 1 
ATOM   734 C CD2 . LEU A 1 93 ? -3.056  -7.630  -3.944  1.00 13.68 ? 82  LEU A CD2 1 
ATOM   735 N N   . ASP A 1 94 ? -4.425  -11.202 -0.824  1.00 10.69 ? 83  ASP A N   1 
ATOM   736 C CA  . ASP A 1 94 ? -5.487  -11.044 0.164   1.00 12.13 ? 83  ASP A CA  1 
ATOM   737 C C   . ASP A 1 94 ? -4.982  -11.396 1.565   1.00 13.12 ? 83  ASP A C   1 
ATOM   738 O O   . ASP A 1 94 ? -5.272  -10.698 2.530   1.00 14.23 ? 83  ASP A O   1 
ATOM   739 C CB  . ASP A 1 94 ? -6.707  -11.874 -0.203  1.00 12.67 ? 83  ASP A CB  1 
ATOM   740 C CG  . ASP A 1 94 ? -7.442  -11.316 -1.400  1.00 12.02 ? 83  ASP A CG  1 
ATOM   741 O OD1 . ASP A 1 94 ? -7.364  -10.101 -1.645  1.00 11.50 ? 83  ASP A OD1 1 
ATOM   742 O OD2 . ASP A 1 94 ? -8.115  -12.088 -2.096  1.00 12.66 ? 83  ASP A OD2 1 
ATOM   743 N N   . ARG A 1 95 ? -4.166  -12.441 1.657   1.00 13.17 ? 84  ARG A N   1 
ATOM   744 C CA  . ARG A 1 95 ? -3.640  -12.872 2.946   1.00 20.97 ? 84  ARG A CA  1 
ATOM   745 C C   . ARG A 1 95 ? -2.749  -11.801 3.559   1.00 18.15 ? 84  ARG A C   1 
ATOM   746 O O   . ARG A 1 95 ? -2.699  -11.669 4.775   1.00 21.91 ? 84  ARG A O   1 
ATOM   747 C CB  . ARG A 1 95 ? -2.856  -14.178 2.807   1.00 26.17 ? 84  ARG A CB  1 
ATOM   748 C CG  . ARG A 1 95 ? -2.163  -14.602 4.082   1.00 32.09 ? 84  ARG A CG  1 
ATOM   749 C CD  . ARG A 1 95 ? -1.331  -15.863 3.911   1.00 37.75 ? 84  ARG A CD  1 
ATOM   750 N NE  . ARG A 1 95 ? -0.787  -16.299 5.196   1.00 40.08 ? 84  ARG A NE  1 
ATOM   751 C CZ  . ARG A 1 95 ? -1.367  -17.199 5.988   1.00 43.55 ? 84  ARG A CZ  1 
ATOM   752 N NH1 . ARG A 1 95 ? -2.503  -17.778 5.620   1.00 44.58 ? 84  ARG A NH1 1 
ATOM   753 N NH2 . ARG A 1 95 ? -0.802  -17.527 7.147   1.00 48.00 ? 84  ARG A NH2 1 
ATOM   754 N N   . LEU A 1 96 ? -2.053  -11.033 2.724   1.00 14.93 ? 85  LEU A N   1 
ATOM   755 C CA  . LEU A 1 96 ? -1.211  -9.953  3.236   1.00 17.28 ? 85  LEU A CA  1 
ATOM   756 C C   . LEU A 1 96 ? -2.035  -8.753  3.707   1.00 21.25 ? 85  LEU A C   1 
ATOM   757 O O   . LEU A 1 96 ? -1.595  -7.990  4.559   1.00 17.23 ? 85  LEU A O   1 
ATOM   758 C CB  . LEU A 1 96 ? -0.194  -9.515  2.189   1.00 19.14 ? 85  LEU A CB  1 
ATOM   759 C CG  . LEU A 1 96 ? 0.950   -10.473 1.863   1.00 21.51 ? 85  LEU A CG  1 
ATOM   760 C CD1 . LEU A 1 96 ? 1.734   -9.993  0.639   1.00 20.13 ? 85  LEU A CD1 1 
ATOM   761 C CD2 . LEU A 1 96 ? 1.862   -10.633 3.074   1.00 22.13 ? 85  LEU A CD2 1 
ATOM   762 N N   . LEU A 1 97 ? -3.248  -8.612  3.178   1.00 18.70 ? 86  LEU A N   1 
ATOM   763 C CA  . LEU A 1 97 ? -4.053  -7.401  3.399   1.00 17.89 ? 86  LEU A CA  1 
ATOM   764 C C   . LEU A 1 97 ? -4.900  -7.139  4.691   1.00 31.76 ? 86  LEU A C   1 
ATOM   765 O O   . LEU A 1 97 ? -5.420  -6.033  4.810   1.00 34.90 ? 86  LEU A O   1 
ATOM   766 C CB  . LEU A 1 97 ? -4.891  -7.085  2.144   1.00 18.16 ? 86  LEU A CB  1 
ATOM   767 C CG  . LEU A 1 97 ? -4.179  -6.594  0.877   1.00 16.91 ? 86  LEU A CG  1 
ATOM   768 C CD1 . LEU A 1 97 ? -5.159  -6.491  -0.305  1.00 15.46 ? 86  LEU A CD1 1 
ATOM   769 C CD2 . LEU A 1 97 ? -3.481  -5.260  1.093   1.00 18.03 ? 86  LEU A CD2 1 
ATOM   770 N N   . HIS A 1 98 ? -5.113  -8.057  5.643   1.00 43.06 ? 87  HIS A N   1 
ATOM   771 C CA  . HIS A 1 98 ? -4.901  -9.491  5.585   1.00 43.68 ? 87  HIS A CA  1 
ATOM   772 C C   . HIS A 1 98 ? -6.278  -10.168 5.568   1.00 44.16 ? 87  HIS A C   1 
ATOM   773 O O   . HIS A 1 98 ? -7.078  -9.957  6.473   1.00 46.06 ? 87  HIS A O   1 
ATOM   774 C CB  . HIS A 1 98 ? -4.056  -9.965  6.791   1.00 42.63 ? 87  HIS A CB  1 
ATOM   775 C CG  . HIS A 1 98 ? -4.758  -9.901  8.115   1.00 45.13 ? 87  HIS A CG  1 
ATOM   776 N ND1 . HIS A 1 98 ? -5.598  -8.869  8.470   1.00 43.44 ? 87  HIS A ND1 1 
ATOM   777 C CD2 . HIS A 1 98 ? -4.720  -10.737 9.183   1.00 47.65 ? 87  HIS A CD2 1 
ATOM   778 C CE1 . HIS A 1 98 ? -6.055  -9.074  9.693   1.00 49.17 ? 87  HIS A CE1 1 
ATOM   779 N NE2 . HIS A 1 98 ? -5.539  -10.203 10.148  1.00 47.58 ? 87  HIS A NE2 1 
ATOM   780 N N   . SER A 1 99 ? -6.529  -10.934 4.499   1.00 44.83 ? 88  SER A N   1 
ATOM   781 C CA  . SER A 1 99 ? -7.793  -11.646 4.196   1.00 34.06 ? 88  SER A CA  1 
ATOM   782 C C   . SER A 1 99 ? -8.725  -10.899 3.215   1.00 27.09 ? 88  SER A C   1 
ATOM   783 O O   . SER A 1 99 ? -8.428  -9.802  2.742   1.00 18.60 ? 88  SER A O   1 
ATOM   784 C CB  . SER A 1 99 ? -8.540  -12.136 5.451   1.00 43.21 ? 88  SER A CB  1 
ATOM   785 O OG  . SER A 1 99 ? -8.580  -13.553 5.573   1.00 41.07 ? 88  SER A OG  1 
HETATM 786 S S   . SO4 B 2 .  ? -11.043 -7.319  22.991  1.00 15.35 ? 101 SO4 A S   1 
HETATM 787 O O1  . SO4 B 2 .  ? -9.781  -6.811  23.529  1.00 16.38 ? 101 SO4 A O1  1 
HETATM 788 O O2  . SO4 B 2 .  ? -10.700 -8.287  21.945  1.00 16.53 ? 101 SO4 A O2  1 
HETATM 789 O O3  . SO4 B 2 .  ? -11.820 -7.954  24.052  1.00 14.12 ? 101 SO4 A O3  1 
HETATM 790 O O4  . SO4 B 2 .  ? -11.786 -6.255  22.321  1.00 21.51 ? 101 SO4 A O4  1 
HETATM 791 O O   . HOH C 3 .  ? 8.338   8.202   3.521   1.00 8.04  ? 201 HOH A O   1 
HETATM 792 O O   . HOH C 3 .  ? 8.000   0.444   -9.062  1.00 12.48 ? 202 HOH A O   1 
HETATM 793 O O   . HOH C 3 .  ? 10.889  7.575   4.372   1.00 10.07 ? 203 HOH A O   1 
HETATM 794 O O   . HOH C 3 .  ? -3.987  1.072   5.928   1.00 8.51  ? 204 HOH A O   1 
HETATM 795 O O   . HOH C 3 .  ? 5.847   -1.568  -11.548 1.00 17.29 ? 205 HOH A O   1 
HETATM 796 O O   . HOH C 3 .  ? -11.077 -7.526  -0.201  1.00 9.94  ? 206 HOH A O   1 
HETATM 797 O O   . HOH C 3 .  ? 8.678   12.637  -6.961  1.00 9.94  ? 207 HOH A O   1 
HETATM 798 O O   . HOH C 3 .  ? -5.697  -13.267 21.474  1.00 13.13 ? 208 HOH A O   1 
HETATM 799 O O   . HOH C 3 .  ? -4.639  -12.485 -3.487  1.00 12.96 ? 209 HOH A O   1 
HETATM 800 O O   . HOH C 3 .  ? -4.331  -2.591  23.457  1.00 17.95 ? 210 HOH A O   1 
HETATM 801 O O   . HOH C 3 .  ? -7.930  -14.597 -1.867  1.00 13.94 ? 211 HOH A O   1 
HETATM 802 O O   . HOH C 3 .  ? -3.680  9.758   -7.359  1.00 12.70 ? 212 HOH A O   1 
HETATM 803 O O   . HOH C 3 .  ? -22.678 -4.079  16.286  1.00 13.15 ? 213 HOH A O   1 
HETATM 804 O O   . HOH C 3 .  ? 8.826   0.608   6.510   1.00 12.31 ? 214 HOH A O   1 
HETATM 805 O O   . HOH C 3 .  ? -10.954 -10.469 24.669  1.00 10.55 ? 215 HOH A O   1 
HETATM 806 O O   . HOH C 3 .  ? -4.347  8.632   -9.786  1.00 10.54 ? 216 HOH A O   1 
HETATM 807 O O   . HOH C 3 .  ? -14.532 -0.603  1.214   1.00 16.67 ? 217 HOH A O   1 
HETATM 808 O O   . HOH C 3 .  ? -8.532  -8.355  0.285   1.00 12.57 ? 218 HOH A O   1 
HETATM 809 O O   . HOH C 3 .  ? -6.117  -14.878 -4.033  1.00 17.02 ? 219 HOH A O   1 
HETATM 810 O O   . HOH C 3 .  ? 15.375  0.827   1.866   1.00 17.49 ? 220 HOH A O   1 
HETATM 811 O O   . HOH C 3 .  ? -9.383  -12.583 -4.372  1.00 17.27 ? 221 HOH A O   1 
HETATM 812 O O   . HOH C 3 .  ? -15.909 -5.473  17.793  1.00 14.07 ? 222 HOH A O   1 
HETATM 813 O O   . HOH C 3 .  ? -14.326 -2.743  -3.432  1.00 13.15 ? 223 HOH A O   1 
HETATM 814 O O   . HOH C 3 .  ? 1.353   -14.253 -10.304 1.00 14.01 ? 224 HOH A O   1 
HETATM 815 O O   . HOH C 3 .  ? -4.481  -14.724 -0.168  1.00 16.70 ? 225 HOH A O   1 
HETATM 816 O O   . HOH C 3 .  ? 17.849  2.636   3.081   1.00 27.26 ? 226 HOH A O   1 
HETATM 817 O O   . HOH C 3 .  ? -2.044  1.361   -16.968 1.00 25.73 ? 227 HOH A O   1 
HETATM 818 O O   . HOH C 3 .  ? -5.223  1.776   8.473   1.00 20.60 ? 228 HOH A O   1 
HETATM 819 O O   . HOH C 3 .  ? 6.619   -3.880  -9.701  1.00 15.03 ? 229 HOH A O   1 
HETATM 820 O O   . HOH C 3 .  ? -5.289  -9.396  -10.098 1.00 18.13 ? 230 HOH A O   1 
HETATM 821 O O   . HOH C 3 .  ? -12.947 -6.198  25.780  1.00 18.09 ? 231 HOH A O   1 
HETATM 822 O O   . HOH C 3 .  ? -11.912 -7.186  -4.979  1.00 24.10 ? 232 HOH A O   1 
HETATM 823 O O   . HOH C 3 .  ? -3.014  -10.184 -11.142 1.00 15.71 ? 233 HOH A O   1 
HETATM 824 O O   . HOH C 3 .  ? -8.924  1.641   15.018  1.00 20.50 ? 234 HOH A O   1 
HETATM 825 O O   . HOH C 3 .  ? 16.184  -5.019  0.843   1.00 24.36 ? 235 HOH A O   1 
HETATM 826 O O   . HOH C 3 .  ? -4.799  -5.608  18.138  1.00 31.10 ? 236 HOH A O   1 
HETATM 827 O O   . HOH C 3 .  ? -4.233  -7.128  23.738  1.00 27.13 ? 237 HOH A O   1 
HETATM 828 O O   . HOH C 3 .  ? -8.047  5.985   -8.736  1.00 26.95 ? 238 HOH A O   1 
HETATM 829 O O   . HOH C 3 .  ? 1.118   -8.609  5.897   1.00 27.65 ? 239 HOH A O   1 
HETATM 830 O O   . HOH C 3 .  ? -6.182  4.324   9.052   1.00 14.42 ? 240 HOH A O   1 
HETATM 831 O O   . HOH C 3 .  ? -13.784 -5.392  -6.546  1.00 21.32 ? 241 HOH A O   1 
HETATM 832 O O   . HOH C 3 .  ? -9.949  -9.005  -5.874  1.00 19.06 ? 242 HOH A O   1 
HETATM 833 O O   . HOH C 3 .  ? 0.647   -19.391 -6.176  1.00 19.82 ? 243 HOH A O   1 
HETATM 834 O O   . HOH C 3 .  ? 18.931  5.107   -4.273  1.00 29.91 ? 244 HOH A O   1 
HETATM 835 O O   . HOH C 3 .  ? 3.486   -7.420  4.885   1.00 24.80 ? 245 HOH A O   1 
HETATM 836 O O   . HOH C 3 .  ? -14.455 -6.013  21.819  1.00 22.73 ? 246 HOH A O   1 
HETATM 837 O O   . HOH C 3 .  ? -10.771 -3.981  21.532  1.00 26.26 ? 247 HOH A O   1 
HETATM 838 O O   . HOH C 3 .  ? 17.620  -0.997  -5.631  1.00 22.89 ? 248 HOH A O   1 
HETATM 839 O O   . HOH C 3 .  ? -2.969  -4.778  22.966  1.00 25.91 ? 249 HOH A O   1 
HETATM 840 O O   . HOH C 3 .  ? 4.425   -3.201  11.533  1.00 30.78 ? 250 HOH A O   1 
HETATM 841 O O   . HOH C 3 .  ? -6.174  8.108   -6.041  1.00 20.87 ? 251 HOH A O   1 
HETATM 842 O O   . HOH C 3 .  ? 4.070   1.094   12.106  1.00 27.58 ? 252 HOH A O   1 
HETATM 843 O O   . HOH C 3 .  ? 14.586  2.529   -9.356  1.00 22.94 ? 253 HOH A O   1 
HETATM 844 O O   . HOH C 3 .  ? -4.709  10.005  -13.480 1.00 12.42 ? 254 HOH A O   1 
HETATM 845 O O   . HOH C 3 .  ? -9.872  0.338   -1.208  1.00 20.17 ? 255 HOH A O   1 
HETATM 846 O O   . HOH C 3 .  ? -10.872 -13.228 24.265  1.00 24.08 ? 256 HOH A O   1 
HETATM 847 O O   . HOH C 3 .  ? -3.507  2.842   -15.974 1.00 28.78 ? 257 HOH A O   1 
HETATM 848 O O   . HOH C 3 .  ? 5.724   -9.897  -5.886  1.00 25.57 ? 258 HOH A O   1 
HETATM 849 O O   . HOH C 3 .  ? 6.612   -8.769  -3.316  1.00 25.78 ? 259 HOH A O   1 
HETATM 850 O O   . HOH C 3 .  ? 0.125   -19.240 -1.184  1.00 40.20 ? 260 HOH A O   1 
HETATM 851 O O   . HOH C 3 .  ? 8.622   -8.329  -0.025  1.00 44.06 ? 261 HOH A O   1 
HETATM 852 O O   . HOH C 3 .  ? 7.463   -4.560  8.643   1.00 18.82 ? 262 HOH A O   1 
HETATM 853 O O   . HOH C 3 .  ? 0.521   -18.653 0.636   1.00 33.50 ? 263 HOH A O   1 
HETATM 854 O O   . HOH C 3 .  ? 5.430   -6.381  9.356   1.00 30.27 ? 264 HOH A O   1 
HETATM 855 O O   . HOH C 3 .  ? -6.218  -7.739  17.261  1.00 30.95 ? 265 HOH A O   1 
HETATM 856 O O   . HOH C 3 .  ? 9.895   -1.173  -8.629  1.00 27.33 ? 266 HOH A O   1 
HETATM 857 O O   . HOH C 3 .  ? 9.985   -2.122  -6.149  1.00 26.46 ? 267 HOH A O   1 
HETATM 858 O O   . HOH C 3 .  ? 4.108   -14.176 -6.456  1.00 29.86 ? 268 HOH A O   1 
HETATM 859 O O   . HOH C 3 .  ? -23.757 -0.774  17.776  1.00 34.87 ? 269 HOH A O   1 
HETATM 860 O O   . HOH C 3 .  ? 5.549   -12.251 -5.919  1.00 37.19 ? 270 HOH A O   1 
HETATM 861 O O   . HOH C 3 .  ? 3.087   -0.284  5.564   1.00 7.73  ? 271 HOH A O   1 
HETATM 862 O O   . HOH C 3 .  ? -7.065  -7.772  -11.913 1.00 31.88 ? 272 HOH A O   1 
HETATM 863 O O   . HOH C 3 .  ? 11.367  -4.089  -5.294  1.00 32.85 ? 273 HOH A O   1 
HETATM 864 O O   . HOH C 3 .  ? 14.287  21.266  -1.619  1.00 33.65 ? 274 HOH A O   1 
HETATM 865 O O   . HOH C 3 .  ? -14.800 -3.616  -8.065  1.00 28.87 ? 275 HOH A O   1 
HETATM 866 O O   . HOH C 3 .  ? -5.526  3.240   -16.292 1.00 25.80 ? 276 HOH A O   1 
HETATM 867 O O   . HOH C 3 .  ? -8.117  -15.464 0.687   1.00 31.61 ? 277 HOH A O   1 
HETATM 868 O O   . HOH C 3 .  ? 4.659   -12.673 -0.115  1.00 36.99 ? 278 HOH A O   1 
HETATM 869 O O   . HOH C 3 .  ? 2.161   -17.218 1.102   1.00 32.02 ? 279 HOH A O   1 
HETATM 870 O O   . HOH C 3 .  ? -2.542  -5.061  17.334  1.00 39.64 ? 280 HOH A O   1 
HETATM 871 O O   . HOH C 3 .  ? 3.330   -13.865 0.518   1.00 35.12 ? 281 HOH A O   1 
HETATM 872 O O   . HOH C 3 .  ? 2.911   18.824  -7.464  1.00 35.36 ? 282 HOH A O   1 
HETATM 873 O O   . HOH C 3 .  ? 12.265  17.427  2.937   1.00 33.02 ? 283 HOH A O   1 
HETATM 874 O O   . HOH C 3 .  ? 0.645   -14.053 1.253   1.00 34.50 ? 284 HOH A O   1 
HETATM 875 O O   . HOH C 3 .  ? 9.940   -6.349  -4.528  1.00 36.44 ? 285 HOH A O   1 
HETATM 876 O O   . HOH C 3 .  ? -16.125 -4.369  22.962  1.00 36.69 ? 286 HOH A O   1 
HETATM 877 O O   . HOH C 3 .  ? -11.875 -2.173  18.910  1.00 39.07 ? 287 HOH A O   1 
HETATM 878 O O   . HOH C 3 .  ? 18.259  5.949   -1.391  1.00 27.83 ? 288 HOH A O   1 
HETATM 879 O O   . HOH C 3 .  ? -2.676  -18.739 -0.842  1.00 35.97 ? 289 HOH A O   1 
HETATM 880 O O   . HOH C 3 .  ? -8.254  -17.802 1.905   1.00 31.96 ? 290 HOH A O   1 
HETATM 881 O O   . HOH C 3 .  ? 0.656   18.761  -7.425  1.00 42.10 ? 291 HOH A O   1 
HETATM 882 O O   . HOH C 3 .  ? -6.143  -5.962  14.720  1.00 32.91 ? 292 HOH A O   1 
HETATM 883 O O   . HOH C 3 .  ? 18.117  4.922   3.469   1.00 45.79 ? 293 HOH A O   1 
# 
loop_
_atom_site_anisotrop.id 
_atom_site_anisotrop.type_symbol 
_atom_site_anisotrop.pdbx_label_atom_id 
_atom_site_anisotrop.pdbx_label_alt_id 
_atom_site_anisotrop.pdbx_label_comp_id 
_atom_site_anisotrop.pdbx_label_asym_id 
_atom_site_anisotrop.pdbx_label_seq_id 
_atom_site_anisotrop.pdbx_PDB_ins_code 
_atom_site_anisotrop.U[1][1] 
_atom_site_anisotrop.U[2][2] 
_atom_site_anisotrop.U[3][3] 
_atom_site_anisotrop.U[1][2] 
_atom_site_anisotrop.U[1][3] 
_atom_site_anisotrop.U[2][3] 
_atom_site_anisotrop.pdbx_auth_seq_id 
_atom_site_anisotrop.pdbx_auth_comp_id 
_atom_site_anisotrop.pdbx_auth_asym_id 
_atom_site_anisotrop.pdbx_auth_atom_id 
1   N N   . MET A 1  ? 0.4111 0.1792 0.3809 0.0654  -0.0421 -0.1073 -10 MET A N   
2   C CA  . MET A 1  ? 0.5046 0.2358 0.4782 0.0597  -0.0427 -0.0800 -10 MET A CA  
3   C C   . MET A 1  ? 0.3880 0.1397 0.3461 0.0673  -0.0461 -0.0553 -10 MET A C   
4   O O   . MET A 1  ? 0.4072 0.1806 0.3463 0.0609  -0.0463 -0.0482 -10 MET A O   
5   C CB  . MET A 1  ? 0.5545 0.2673 0.5265 0.0367  -0.0410 -0.0749 -10 MET A CB  
6   C CG  . MET A 1  ? 0.6202 0.3022 0.5916 0.0281  -0.0418 -0.0416 -10 MET A CG  
7   S SD  . MET A 1  ? 0.9713 0.6132 0.9565 -0.0007 -0.0385 -0.0359 -10 MET A SD  
8   C CE  . MET A 1  ? 0.5515 0.2299 0.5261 -0.0165 -0.0365 -0.0527 -10 MET A CE  
9   N N   . ARG A 2  ? 0.3971 0.1411 0.3641 0.0807  -0.0484 -0.0433 -9  ARG A N   
10  C CA  . ARG A 2  ? 0.3691 0.1352 0.3221 0.0860  -0.0520 -0.0224 -9  ARG A CA  
11  C C   . ARG A 2  ? 0.3674 0.1229 0.3029 0.0708  -0.0529 0.0022  -9  ARG A C   
12  O O   . ARG A 2  ? 0.4118 0.1347 0.3543 0.0611  -0.0524 0.0158  -9  ARG A O   
13  C CB  . ARG A 2  ? 0.4140 0.1744 0.3873 0.1019  -0.0538 -0.0139 -9  ARG A CB  
14  C CG  . ARG A 2  ? 0.4689 0.2571 0.4332 0.1051  -0.0574 0.0061  -9  ARG A CG  
15  C CD  . ARG A 2  ? 0.4743 0.2616 0.4657 0.1230  -0.0586 0.0133  -9  ARG A CD  
16  N NE  . ARG A 2  ? 0.4983 0.3011 0.4884 0.1206  -0.0627 0.0431  -9  ARG A NE  
17  C CZ  . ARG A 2  ? 0.4770 0.2591 0.4722 0.1192  -0.0646 0.0710  -9  ARG A CZ  
18  N NH1 . ARG A 2  ? 0.5452 0.2831 0.5474 0.1192  -0.0623 0.0732  -9  ARG A NH1 
19  N NH2 . ARG A 2  ? 0.4844 0.2906 0.4745 0.1173  -0.0683 0.0971  -9  ARG A NH2 
20  N N   . GLY A 3  ? 0.3320 0.1152 0.2441 0.0675  -0.0530 0.0075  -8  GLY A N   
21  C CA  . GLY A 3  ? 0.3348 0.1133 0.2256 0.0534  -0.0517 0.0259  -8  GLY A CA  
22  C C   . GLY A 3  ? 0.2991 0.1015 0.1690 0.0492  -0.0475 0.0167  -8  GLY A C   
23  O O   . GLY A 3  ? 0.2716 0.0948 0.1454 0.0564  -0.0467 0.0009  -8  GLY A O   
24  N N   . SER A 4  ? 0.3054 0.1063 0.1548 0.0373  -0.0442 0.0287  -7  SER A N   
25  C CA  . SER A 4  ? 0.2822 0.0990 0.1162 0.0334  -0.0383 0.0205  -7  SER A CA  
26  C C   . SER A 4  ? 0.3016 0.0945 0.1179 0.0213  -0.0312 0.0208  -7  SER A C   
27  O O   . SER A 4  ? 0.3314 0.1145 0.1286 0.0045  -0.0256 0.0357  -7  SER A O   
28  C CB  . SER A 4  ? 0.2846 0.1195 0.1101 0.0265  -0.0374 0.0309  -7  SER A CB  
29  O OG  . SER A 4  ? 0.2635 0.1147 0.0857 0.0246  -0.0317 0.0195  -7  SER A OG  
30  N N   . HIS A 5  ? 0.2824 0.0797 0.1137 0.0257  -0.0288 0.0037  -6  HIS A N   
31  C CA  . HIS A 5  ? 0.2881 0.0901 0.1327 0.0095  -0.0190 -0.0041 -6  HIS A CA  
32  C C   . HIS A 5  ? 0.2603 0.0974 0.1132 0.0063  -0.0076 -0.0144 -6  HIS A C   
33  O O   . HIS A 5  ? 0.2392 0.0956 0.1020 0.0195  -0.0107 -0.0218 -6  HIS A O   
34  C CB  . HIS A 5  ? 0.2938 0.0912 0.1615 0.0142  -0.0255 -0.0202 -6  HIS A CB  
35  C CG  . HIS A 5  ? 0.3782 0.1517 0.2552 0.0187  -0.0337 -0.0166 -6  HIS A CG  
36  N ND1 . HIS A 5  ? 0.4825 0.2252 0.3534 0.0100  -0.0349 0.0044  -6  HIS A ND1 
37  C CD2 . HIS A 5  ? 0.4285 0.2136 0.3271 0.0299  -0.0387 -0.0307 -6  HIS A CD2 
38  C CE1 . HIS A 5  ? 0.4336 0.1665 0.3286 0.0186  -0.0407 0.0015  -6  HIS A CE1 
39  N NE2 . HIS A 5  ? 0.4923 0.2478 0.4013 0.0303  -0.0417 -0.0224 -6  HIS A NE2 
40  N N   . HIS A 6  ? 0.2737 0.1204 0.1271 -0.0115 0.0061  -0.0136 -5  HIS A N   
41  C CA  . HIS A 6  ? 0.2539 0.1345 0.1262 -0.0124 0.0185  -0.0269 -5  HIS A CA  
42  C C   . HIS A 6  ? 0.2361 0.1364 0.1441 -0.0122 0.0171  -0.0374 -5  HIS A C   
43  O O   . HIS A 6  ? 0.2517 0.1430 0.1670 -0.0245 0.0147  -0.0365 -5  HIS A O   
44  C CB  . HIS A 6  ? 0.2799 0.1727 0.1387 -0.0312 0.0364  -0.0240 -5  HIS A CB  
45  C CG  . HIS A 6  ? 0.2900 0.2183 0.1702 -0.0289 0.0521  -0.0423 -5  HIS A CG  
46  N ND1 . HIS A 6  ? 0.3401 0.2969 0.2528 -0.0368 0.0643  -0.0502 -5  HIS A ND1 
47  C CD2 . HIS A 6  ? 0.3276 0.2671 0.2079 -0.0187 0.0573  -0.0564 -5  HIS A CD2 
48  C CE1 . HIS A 6  ? 0.3508 0.3356 0.2846 -0.0287 0.0774  -0.0679 -5  HIS A CE1 
49  N NE2 . HIS A 6  ? 0.3592 0.3306 0.2739 -0.0182 0.0735  -0.0735 -5  HIS A NE2 
50  N N   . HIS A 7  ? 0.2083 0.1362 0.1418 0.0002  0.0170  -0.0460 -4  HIS A N   
51  C CA  . HIS A 7  ? 0.1927 0.1503 0.1620 0.0005  0.0133  -0.0524 -4  HIS A CA  
52  C C   . HIS A 7  ? 0.1825 0.1737 0.1858 0.0023  0.0261  -0.0586 -4  HIS A C   
53  O O   . HIS A 7  ? 0.1726 0.1678 0.1854 0.0156  0.0289  -0.0608 -4  HIS A O   
54  C CB  . HIS A 7  ? 0.1720 0.1396 0.1480 0.0167  -0.0035 -0.0510 -4  HIS A CB  
55  C CG  . HIS A 7  ? 0.1838 0.1282 0.1359 0.0177  -0.0147 -0.0521 -4  HIS A CG  
56  N ND1 . HIS A 7  ? 0.2052 0.1446 0.1606 0.0063  -0.0195 -0.0618 -4  HIS A ND1 
57  C CD2 . HIS A 7  ? 0.1844 0.1100 0.1143 0.0294  -0.0217 -0.0476 -4  HIS A CD2 
58  C CE1 . HIS A 7  ? 0.2236 0.1391 0.1609 0.0132  -0.0281 -0.0660 -4  HIS A CE1 
59  N NE2 . HIS A 7  ? 0.2026 0.1125 0.1246 0.0279  -0.0291 -0.0562 -4  HIS A NE2 
60  N N   . HIS A 8  ? 0.1880 0.2038 0.2157 -0.0110 0.0336  -0.0627 -3  HIS A N   
61  C CA  . HIS A 8  ? 0.1771 0.2341 0.2506 -0.0057 0.0442  -0.0697 -3  HIS A CA  
62  C C   . HIS A 8  ? 0.1799 0.2703 0.2844 -0.0213 0.0450  -0.0713 -3  HIS A C   
63  O O   . HIS A 8  ? 0.1875 0.3070 0.3169 -0.0301 0.0625  -0.0768 -3  HIS A O   
64  C CB  . HIS A 8  ? 0.1918 0.2511 0.2604 -0.0068 0.0668  -0.0794 -3  HIS A CB  
65  C CG  . HIS A 8  ? 0.1830 0.2800 0.3051 0.0066  0.0781  -0.0914 -3  HIS A CG  
66  N ND1 . HIS A 8  ? 0.1623 0.2691 0.3247 0.0282  0.0649  -0.0878 -3  HIS A ND1 
67  C CD2 . HIS A 8  ? 0.1965 0.3259 0.3430 0.0024  0.1018  -0.1062 -3  HIS A CD2 
68  C CE1 . HIS A 8  ? 0.1655 0.3016 0.3768 0.0384  0.0775  -0.0986 -3  HIS A CE1 
69  N NE2 . HIS A 8  ? 0.2541 0.4046 0.4547 0.0237  0.0999  -0.1118 -3  HIS A NE2 
70  N N   . HIS A 9  ? 0.1765 0.2673 0.2806 -0.0255 0.0259  -0.0690 -2  HIS A N   
71  C CA  . HIS A 9  ? 0.1818 0.3062 0.3166 -0.0428 0.0214  -0.0731 -2  HIS A CA  
72  C C   . HIS A 9  ? 0.2094 0.3260 0.3406 -0.0704 0.0374  -0.0735 -2  HIS A C   
73  O O   . HIS A 9  ? 0.2124 0.3707 0.3822 -0.0847 0.0444  -0.0757 -2  HIS A O   
74  C CB  . HIS A 9  ? 0.1618 0.3450 0.3529 -0.0319 0.0204  -0.0723 -2  HIS A CB  
75  C CG  . HIS A 9  ? 0.1412 0.3391 0.3426 -0.0092 0.0012  -0.0637 -2  HIS A CG  
76  N ND1 . HIS A 9  ? 0.1689 0.3368 0.3484 0.0095  -0.0003 -0.0571 -2  HIS A ND1 
77  C CD2 . HIS A 9  ? 0.1310 0.3757 0.3632 -0.0046 -0.0181 -0.0568 -2  HIS A CD2 
78  C CE1 . HIS A 9  ? 0.1243 0.3179 0.3219 0.0243  -0.0183 -0.0440 -2  HIS A CE1 
79  N NE2 . HIS A 9  ? 0.1182 0.3600 0.3454 0.0167  -0.0299 -0.0428 -2  HIS A NE2 
80  N N   . HIS A 10 ? 0.2320 0.3000 0.3204 -0.0786 0.0423  -0.0673 -1  HIS A N   
81  C CA  . HIS A 10 ? 0.2656 0.3237 0.3478 -0.1071 0.0558  -0.0590 -1  HIS A CA  
82  C C   . HIS A 10 ? 0.2848 0.3397 0.3880 -0.1307 0.0434  -0.0619 -1  HIS A C   
83  O O   . HIS A 10 ? 0.3060 0.3793 0.4310 -0.1574 0.0542  -0.0562 -1  HIS A O   
84  C CB  . HIS A 10 ? 0.2909 0.2965 0.3240 -0.1099 0.0583  -0.0452 -1  HIS A CB  
85  C CG  . HIS A 10 ? 0.3030 0.3068 0.3096 -0.0900 0.0665  -0.0453 -1  HIS A CG  
86  N ND1 . HIS A 10 ? 0.2810 0.3190 0.2911 -0.0912 0.0890  -0.0495 -1  HIS A ND1 
87  C CD2 . HIS A 10 ? 0.3565 0.3302 0.3345 -0.0702 0.0556  -0.0445 -1  HIS A CD2 
88  C CE1 . HIS A 10 ? 0.4086 0.4339 0.3930 -0.0735 0.0898  -0.0538 -1  HIS A CE1 
89  N NE2 . HIS A 10 ? 0.4050 0.3920 0.3704 -0.0617 0.0692  -0.0483 -1  HIS A NE2 
90  N N   . GLY A 11 ? 0.2814 0.3159 0.3786 -0.1223 0.0213  -0.0728 0   GLY A N   
91  C CA  . GLY A 11 ? 0.3095 0.3302 0.4216 -0.1447 0.0074  -0.0830 0   GLY A CA  
92  C C   . GLY A 11 ? 0.3531 0.3142 0.4464 -0.1634 0.0119  -0.0692 0   GLY A C   
93  O O   . GLY A 11 ? 0.3578 0.2804 0.4157 -0.1497 0.0147  -0.0569 0   GLY A O   
94  N N   . SER A 12 ? 0.3882 0.3434 0.5086 -0.1959 0.0111  -0.0680 1   SER A N   
95  C CA  . SER A 12 ? 0.4370 0.3376 0.5481 -0.2174 0.0156  -0.0458 1   SER A CA  
96  C C   . SER A 12 ? 0.5553 0.4702 0.6446 -0.2210 0.0389  -0.0160 1   SER A C   
97  O O   . SER A 12 ? 0.5254 0.4982 0.6317 -0.2300 0.0567  -0.0129 1   SER A O   
98  C CB  . SER A 12 ? 0.5228 0.4218 0.6736 -0.2460 0.0074  -0.0444 1   SER A CB  
99  O OG  . SER A 12 ? 0.5163 0.3847 0.6739 -0.2393 -0.0181 -0.0685 1   SER A OG  
100 N N   . ALA A 13 ? 0.5805 0.4478 0.6329 -0.2130 0.0385  0.0040  2   ALA A N   
101 C CA  . ALA A 13 ? 0.5294 0.4125 0.5512 -0.2165 0.0582  0.0305  2   ALA A CA  
102 C C   . ALA A 13 ? 0.5800 0.4803 0.6172 -0.2520 0.0727  0.0585  2   ALA A C   
103 O O   . ALA A 13 ? 0.6741 0.5410 0.7360 -0.2648 0.0615  0.0720  2   ALA A O   
104 C CB  . ALA A 13 ? 0.4895 0.3229 0.4697 -0.1991 0.0493  0.0470  2   ALA A CB  
105 N N   . VAL A 14 ? 0.5720 0.5317 0.6008 -0.2566 0.0969  0.0636  3   VAL A N   
106 C CA  . VAL A 14 ? 0.5375 0.5328 0.5789 -0.2778 0.1127  0.0878  3   VAL A CA  
107 C C   . VAL A 14 ? 0.5359 0.5737 0.5372 -0.2686 0.1344  0.0923  3   VAL A C   
108 O O   . VAL A 14 ? 0.4969 0.5488 0.4794 -0.2475 0.1395  0.0683  3   VAL A O   
109 C CB  . VAL A 14 ? 0.5577 0.6059 0.6522 -0.2905 0.1198  0.0720  3   VAL A CB  
110 C CG1 . VAL A 14 ? 0.5843 0.5951 0.7194 -0.3053 0.0982  0.0703  3   VAL A CG1 
111 C CG2 . VAL A 14 ? 0.5100 0.6008 0.6167 -0.2695 0.1245  0.0366  3   VAL A CG2 
112 N N   . SER A 15 ? 0.5830 0.6406 0.5723 -0.2830 0.1469  0.1202  4   SER A N   
113 C CA  . SER A 15 ? 0.5931 0.6926 0.5415 -0.2742 0.1651  0.1203  4   SER A CA  
114 C C   . SER A 15 ? 0.6274 0.7879 0.5911 -0.2910 0.1885  0.1284  4   SER A C   
115 O O   . SER A 15 ? 0.6397 0.8099 0.6477 -0.3099 0.1906  0.1360  4   SER A O   
116 C CB  . SER A 15 ? 0.6696 0.7299 0.5699 -0.2700 0.1533  0.1480  4   SER A CB  
117 O OG  . SER A 15 ? 0.7836 0.8867 0.6435 -0.2616 0.1677  0.1422  4   SER A OG  
118 N N   . ALA A 16 ? 0.3309 0.3057 0.2313 -0.0377 0.0205  0.0477  5   ALA A N   
119 C CA  . ALA A 16 ? 0.2754 0.2389 0.1796 -0.0301 0.0140  0.0478  5   ALA A CA  
120 C C   . ALA A 16 ? 0.2607 0.2305 0.1653 -0.0257 0.0170  0.0356  5   ALA A C   
121 O O   . ALA A 16 ? 0.2959 0.2711 0.2065 -0.0249 0.0241  0.0263  5   ALA A O   
122 C CB  . ALA A 16 ? 0.3385 0.2861 0.2532 -0.0276 0.0123  0.0493  5   ALA A CB  
123 N N   . LYS A 17 ? 0.2076 0.1786 0.1090 -0.0220 0.0109  0.0363  6   LYS A N   
124 C CA  . LYS A 17 ? 0.1638 0.1388 0.0690 -0.0175 0.0120  0.0252  6   LYS A CA  
125 C C   . LYS A 17 ? 0.1418 0.1091 0.0625 -0.0086 0.0089  0.0231  6   LYS A C   
126 O O   . LYS A 17 ? 0.1692 0.1324 0.0944 -0.0038 0.0023  0.0294  6   LYS A O   
127 C CB  . LYS A 17 ? 0.2695 0.2521 0.1638 -0.0203 0.0060  0.0279  6   LYS A CB  
128 C CG  . LYS A 17 ? 0.2574 0.2436 0.1524 -0.0192 0.0066  0.0173  6   LYS A CG  
129 C CD  . LYS A 17 ? 0.2241 0.2204 0.1135 -0.0229 -0.0002 0.0201  6   LYS A CD  
130 C CE  . LYS A 17 ? 0.2430 0.2418 0.1346 -0.0231 -0.0018 0.0119  6   LYS A CE  
131 N NZ  . LYS A 17 ? 0.1920 0.2020 0.0823 -0.0262 -0.0107 0.0181  6   LYS A NZ  
132 N N   . ILE A 18 ? 0.1232 0.0896 0.0526 -0.0062 0.0139  0.0147  7   ILE A N   
133 C CA  . ILE A 18 ? 0.1120 0.0725 0.0534 0.0002  0.0118  0.0124  7   ILE A CA  
134 C C   . ILE A 18 ? 0.1193 0.0840 0.0646 0.0029  0.0131  0.0043  7   ILE A C   
135 O O   . ILE A 18 ? 0.1228 0.0905 0.0678 0.0014  0.0184  -0.0013 7   ILE A O   
136 C CB  . ILE A 18 ? 0.1100 0.0662 0.0583 -0.0013 0.0147  0.0119  7   ILE A CB  
137 C CG1 . ILE A 18 ? 0.1326 0.0822 0.0761 -0.0064 0.0135  0.0205  7   ILE A CG1 
138 C CG2 . ILE A 18 ? 0.1391 0.0895 0.0961 0.0037  0.0122  0.0086  7   ILE A CG2 
139 C CD1 . ILE A 18 ? 0.1613 0.1101 0.1098 -0.0118 0.0167  0.0207  7   ILE A CD1 
140 N N   . GLU A 19 ? 0.1072 0.0723 0.0564 0.0071  0.0088  0.0043  8   GLU A N   
141 C CA  . GLU A 19 ? 0.1041 0.0730 0.0560 0.0079  0.0090  -0.0014 8   GLU A CA  
142 C C   . GLU A 19 ? 0.0914 0.0597 0.0523 0.0126  0.0075  -0.0025 8   GLU A C   
143 O O   . GLU A 19 ? 0.1063 0.0735 0.0707 0.0166  0.0050  0.0005  8   GLU A O   
144 C CB  . GLU A 19 ? 0.0989 0.0746 0.0444 0.0051  0.0051  -0.0001 8   GLU A CB  
145 C CG  . GLU A 19 ? 0.1069 0.0850 0.0391 -0.0016 0.0059  0.0001  8   GLU A CG  
146 C CD  . GLU A 19 ? 0.1162 0.1039 0.0429 -0.0051 -0.0009 0.0047  8   GLU A CD  
147 O OE1 . GLU A 19 ? 0.1624 0.1540 0.0903 -0.0029 -0.0060 0.0141  8   GLU A OE1 
148 O OE2 . GLU A 19 ? 0.1409 0.1321 0.0623 -0.0105 -0.0016 -0.0005 8   GLU A OE2 
149 N N   . ILE A 20 ? 0.0848 0.0535 0.0494 0.0124  0.0093  -0.0067 9   ILE A N   
150 C CA  . ILE A 20 ? 0.0812 0.0519 0.0516 0.0151  0.0080  -0.0074 9   ILE A CA  
151 C C   . ILE A 20 ? 0.0760 0.0499 0.0471 0.0127  0.0077  -0.0093 9   ILE A C   
152 O O   . ILE A 20 ? 0.0880 0.0574 0.0587 0.0110  0.0098  -0.0111 9   ILE A O   
153 C CB  . ILE A 20 ? 0.0664 0.0336 0.0405 0.0159  0.0091  -0.0082 9   ILE A CB  
154 C CG1 . ILE A 20 ? 0.0945 0.0649 0.0711 0.0172  0.0080  -0.0099 9   ILE A CG1 
155 C CG2 . ILE A 20 ? 0.1093 0.0765 0.0863 0.0141  0.0114  -0.0090 9   ILE A CG2 
156 C CD1 . ILE A 20 ? 0.1007 0.0687 0.0781 0.0158  0.0081  -0.0113 9   ILE A CD1 
157 N N   . TYR A 21 ? 0.0868 0.0681 0.0597 0.0128  0.0056  -0.0083 10  TYR A N   
158 C CA  . TYR A 21 ? 0.1038 0.0882 0.0773 0.0087  0.0049  -0.0086 10  TYR A CA  
159 C C   . TYR A 21 ? 0.0806 0.0668 0.0577 0.0096  0.0055  -0.0080 10  TYR A C   
160 O O   . TYR A 21 ? 0.0888 0.0801 0.0676 0.0129  0.0061  -0.0086 10  TYR A O   
161 C CB  . TYR A 21 ? 0.0950 0.0917 0.0697 0.0064  0.0023  -0.0069 10  TYR A CB  
162 C CG  . TYR A 21 ? 0.0797 0.0794 0.0498 0.0036  -0.0003 -0.0059 10  TYR A CG  
163 C CD1 . TYR A 21 ? 0.0966 0.0974 0.0615 -0.0049 -0.0024 -0.0071 10  TYR A CD1 
164 C CD2 . TYR A 21 ? 0.1070 0.1087 0.0773 0.0082  -0.0016 -0.0031 10  TYR A CD2 
165 C CE1 . TYR A 21 ? 0.0858 0.0918 0.0444 -0.0095 -0.0057 -0.0064 10  TYR A CE1 
166 C CE2 . TYR A 21 ? 0.1016 0.1088 0.0666 0.0045  -0.0053 -0.0004 10  TYR A CE2 
167 C CZ  . TYR A 21 ? 0.0892 0.0998 0.0478 -0.0047 -0.0074 -0.0024 10  TYR A CZ  
168 O OH  . TYR A 21 ? 0.1182 0.1361 0.0693 -0.0103 -0.0118 0.0000  10  TYR A OH  
169 N N   . THR A 22 ? 0.0780 0.0594 0.0552 0.0067  0.0055  -0.0068 11  THR A N   
170 C CA  . THR A 22 ? 0.0798 0.0639 0.0588 0.0063  0.0048  -0.0045 11  THR A CA  
171 C C   . THR A 22 ? 0.1012 0.0849 0.0801 0.0011  0.0033  -0.0003 11  THR A C   
172 O O   . THR A 22 ? 0.1082 0.0846 0.0861 -0.0021 0.0030  -0.0002 11  THR A O   
173 C CB  . THR A 22 ? 0.1105 0.0888 0.0927 0.0088  0.0050  -0.0036 11  THR A CB  
174 O OG1 . THR A 22 ? 0.1092 0.0784 0.0938 0.0091  0.0058  -0.0028 11  THR A OG1 
175 C CG2 . THR A 22 ? 0.1053 0.0824 0.0872 0.0118  0.0064  -0.0066 11  THR A CG2 
176 N N   . TRP A 23 ? 0.0832 0.0736 0.0614 -0.0010 0.0022  0.0034  12  TRP A N   
177 C CA  . TRP A 23 ? 0.1023 0.0882 0.0812 -0.0049 -0.0004 0.0104  12  TRP A CA  
178 C C   . TRP A 23 ? 0.0865 0.0711 0.0687 -0.0015 -0.0022 0.0131  12  TRP A C   
179 O O   . TRP A 23 ? 0.1117 0.1040 0.0919 -0.0004 -0.0020 0.0103  12  TRP A O   
180 C CB  . TRP A 23 ? 0.0848 0.0823 0.0593 -0.0120 -0.0013 0.0151  12  TRP A CB  
181 C CG  . TRP A 23 ? 0.0855 0.0835 0.0592 -0.0184 -0.0012 0.0165  12  TRP A CG  
182 C CD1 . TRP A 23 ? 0.0850 0.0779 0.0599 -0.0185 -0.0005 0.0120  12  TRP A CD1 
183 C CD2 . TRP A 23 ? 0.0980 0.1039 0.0688 -0.0276 -0.0022 0.0231  12  TRP A CD2 
184 N NE1 . TRP A 23 ? 0.0937 0.0907 0.0672 -0.0276 -0.0014 0.0151  12  TRP A NE1 
185 C CE2 . TRP A 23 ? 0.0974 0.1025 0.0691 -0.0334 -0.0022 0.0221  12  TRP A CE2 
186 C CE3 . TRP A 23 ? 0.1000 0.1153 0.0663 -0.0331 -0.0032 0.0302  12  TRP A CE3 
187 C CZ2 . TRP A 23 ? 0.1069 0.1194 0.0765 -0.0447 -0.0031 0.0284  12  TRP A CZ2 
188 C CZ3 . TRP A 23 ? 0.1095 0.1324 0.0731 -0.0437 -0.0036 0.0369  12  TRP A CZ3 
189 C CH2 . TRP A 23 ? 0.1126 0.1341 0.0785 -0.0495 -0.0034 0.0360  12  TRP A CH2 
190 N N   . SER A 24 ? 0.0887 0.0634 0.0770 0.0006  -0.0039 0.0181  13  SER A N   
191 C CA  . SER A 24 ? 0.0946 0.0711 0.0904 0.0051  -0.0058 0.0218  13  SER A CA  
192 C C   . SER A 24 ? 0.0970 0.0872 0.0895 0.0009  -0.0103 0.0272  13  SER A C   
193 O O   . SER A 24 ? 0.1050 0.1026 0.1004 0.0018  -0.0120 0.0269  13  SER A O   
194 C CB  . SER A 24 ? 0.1137 0.0783 0.1192 0.0094  -0.0067 0.0276  13  SER A CB  
195 O OG  . SER A 24 ? 0.1383 0.0986 0.1417 0.0047  -0.0106 0.0367  13  SER A OG  
196 N N   . THR A 25 ? 0.0885 0.0834 0.0736 -0.0057 -0.0124 0.0320  14  THR A N   
197 C CA  . THR A 25 ? 0.1188 0.1272 0.0975 -0.0117 -0.0167 0.0377  14  THR A CA  
198 C C   . THR A 25 ? 0.0924 0.1116 0.0587 -0.0165 -0.0130 0.0293  14  THR A C   
199 O O   . THR A 25 ? 0.1001 0.1316 0.0570 -0.0234 -0.0152 0.0322  14  THR A O   
200 C CB  . THR A 25 ? 0.1067 0.1140 0.0846 -0.0166 -0.0212 0.0507  14  THR A CB  
201 O OG1 . THR A 25 ? 0.1091 0.1094 0.0838 -0.0197 -0.0178 0.0492  14  THR A OG1 
202 C CG2 . THR A 25 ? 0.1135 0.1104 0.1052 -0.0103 -0.0256 0.0607  14  THR A CG2 
203 N N   . CYS A 26 ? 0.0929 0.1088 0.0594 -0.0127 -0.0073 0.0192  15  CYS A N   
204 C CA  . CYS A 26 ? 0.1064 0.1310 0.0643 -0.0140 -0.0029 0.0102  15  CYS A CA  
205 C C   . CYS A 26 ? 0.1070 0.1311 0.0617 -0.0133 -0.0032 0.0039  15  CYS A C   
206 O O   . CYS A 26 ? 0.1045 0.1200 0.0658 -0.0088 -0.0039 0.0021  15  CYS A O   
207 C CB  . CYS A 26 ? 0.1114 0.1334 0.0733 -0.0091 0.0021  0.0039  15  CYS A CB  
208 S SG  . CYS A 26 ? 0.1197 0.1471 0.0772 -0.0049 0.0084  -0.0082 15  CYS A SG  
209 N N   . PRO A 27 ? 0.0964 0.1297 0.0394 -0.0190 -0.0027 0.0001  16  PRO A N   
210 C CA  . PRO A 27 ? 0.1025 0.1338 0.0402 -0.0215 -0.0043 -0.0058 16  PRO A CA  
211 C C   . PRO A 27 ? 0.1162 0.1353 0.0561 -0.0151 0.0009  -0.0168 16  PRO A C   
212 O O   . PRO A 27 ? 0.1292 0.1413 0.0700 -0.0160 -0.0011 -0.0195 16  PRO A O   
213 C CB  . PRO A 27 ? 0.1173 0.1577 0.0443 -0.0283 -0.0033 -0.0086 16  PRO A CB  
214 C CG  . PRO A 27 ? 0.1169 0.1624 0.0445 -0.0261 0.0025  -0.0093 16  PRO A CG  
215 C CD  . PRO A 27 ? 0.1052 0.1499 0.0401 -0.0241 0.0003  0.0001  16  PRO A CD  
216 N N   . PHE A 28 ? 0.1112 0.1287 0.0531 -0.0091 0.0068  -0.0215 17  PHE A N   
217 C CA  . PHE A 28 ? 0.1124 0.1179 0.0581 -0.0017 0.0107  -0.0289 17  PHE A CA  
218 C C   . PHE A 28 ? 0.1145 0.1117 0.0705 0.0022  0.0079  -0.0233 17  PHE A C   
219 O O   . PHE A 28 ? 0.1227 0.1089 0.0802 0.0038  0.0078  -0.0259 17  PHE A O   
220 C CB  . PHE A 28 ? 0.1208 0.1296 0.0699 0.0045  0.0164  -0.0317 17  PHE A CB  
221 C CG  . PHE A 28 ? 0.1652 0.1795 0.1073 0.0023  0.0198  -0.0358 17  PHE A CG  
222 C CD1 . PHE A 28 ? 0.2052 0.2084 0.1419 0.0048  0.0226  -0.0435 17  PHE A CD1 
223 C CD2 . PHE A 28 ? 0.1539 0.1839 0.0936 -0.0030 0.0202  -0.0318 17  PHE A CD2 
224 C CE1 . PHE A 28 ? 0.2435 0.2519 0.1720 0.0030  0.0266  -0.0489 17  PHE A CE1 
225 C CE2 . PHE A 28 ? 0.1415 0.1779 0.0740 -0.0056 0.0240  -0.0361 17  PHE A CE2 
226 C CZ  . PHE A 28 ? 0.1977 0.2237 0.1243 -0.0024 0.0276  -0.0453 17  PHE A CZ  
227 N N   . CYS A 29 ? 0.0853 0.0867 0.0473 0.0025  0.0060  -0.0158 18  CYS A N   
228 C CA  . CYS A 29 ? 0.0942 0.0884 0.0639 0.0053  0.0044  -0.0118 18  CYS A CA  
229 C C   . CYS A 29 ? 0.0772 0.0696 0.0494 0.0027  0.0014  -0.0095 18  CYS A C   
230 O O   . CYS A 29 ? 0.0887 0.0748 0.0647 0.0045  0.0020  -0.0102 18  CYS A O   
231 C CB  . CYS A 29 ? 0.0981 0.0943 0.0718 0.0050  0.0034  -0.0060 18  CYS A CB  
232 S SG  . CYS A 29 ? 0.0988 0.1005 0.0724 0.0062  0.0062  -0.0076 18  CYS A SG  
233 N N   . MET A 30 ? 0.1009 0.1012 0.0712 -0.0024 -0.0024 -0.0057 19  MET A N   
234 C CA  . MET A 30 ? 0.0749 0.0789 0.0499 -0.0054 -0.0065 -0.0017 19  MET A CA  
235 C C   . MET A 30 ? 0.0931 0.0925 0.0639 -0.0089 -0.0059 -0.0084 19  MET A C   
236 O O   . MET A 30 ? 0.1001 0.0991 0.0780 -0.0094 -0.0068 -0.0065 19  MET A O   
237 C CB  . MET A 30 ? 0.0906 0.1066 0.0634 -0.0110 -0.0120 0.0052  19  MET A CB  
238 C CG  . MET A 30 ? 0.0786 0.0955 0.0579 -0.0080 -0.0137 0.0145  19  MET A CG  
239 S SD  . MET A 30 ? 0.1200 0.1499 0.0919 -0.0158 -0.0201 0.0241  19  MET A SD  
240 C CE  . MET A 30 ? 0.1609 0.2030 0.1375 -0.0204 -0.0273 0.0288  19  MET A CE  
241 N N   . ARG A 31 ? 0.1105 0.1057 0.0699 -0.0112 -0.0038 -0.0165 20  ARG A N   
242 C CA  . ARG A 31 ? 0.1123 0.0972 0.0659 -0.0149 -0.0028 -0.0240 20  ARG A CA  
243 C C   . ARG A 31 ? 0.1466 0.1189 0.1062 -0.0092 0.0003  -0.0245 20  ARG A C   
244 O O   . ARG A 31 ? 0.1515 0.1177 0.1122 -0.0135 -0.0008 -0.0246 20  ARG A O   
245 C CB  . ARG A 31 ? 0.1720 0.1520 0.1124 -0.0162 0.0008  -0.0344 20  ARG A CB  
246 C CG  . ARG A 31 ? 0.2038 0.1694 0.1380 -0.0198 0.0019  -0.0427 20  ARG A CG  
247 C CD  . ARG A 31 ? 0.3320 0.2970 0.2589 -0.0181 0.0049  -0.0499 20  ARG A CD  
248 N NE  . ARG A 31 ? 0.3926 0.3736 0.3126 -0.0247 0.0028  -0.0476 20  ARG A NE  
249 C CZ  . ARG A 31 ? 0.4420 0.4283 0.3559 -0.0231 0.0065  -0.0513 20  ARG A CZ  
250 N NH1 . ARG A 31 ? 0.3949 0.3726 0.3090 -0.0139 0.0126  -0.0578 20  ARG A NH1 
251 N NH2 . ARG A 31 ? 0.4092 0.4108 0.3174 -0.0305 0.0039  -0.0470 20  ARG A NH2 
252 N N   . ALA A 32 ? 0.1157 0.0852 0.0783 -0.0012 0.0036  -0.0238 21  ALA A N   
253 C CA  . ALA A 32 ? 0.0903 0.0503 0.0572 0.0033  0.0054  -0.0224 21  ALA A CA  
254 C C   . ALA A 32 ? 0.1054 0.0699 0.0796 0.0016  0.0041  -0.0160 21  ALA A C   
255 O O   . ALA A 32 ? 0.1190 0.0770 0.0942 -0.0004 0.0048  -0.0149 21  ALA A O   
256 C CB  . ALA A 32 ? 0.0973 0.0580 0.0659 0.0110  0.0079  -0.0222 21  ALA A CB  
257 N N   . LEU A 33 ? 0.0950 0.0701 0.0748 0.0023  0.0031  -0.0118 22  LEU A N   
258 C CA  . LEU A 33 ? 0.0990 0.0799 0.0879 0.0025  0.0034  -0.0070 22  LEU A CA  
259 C C   . LEU A 33 ? 0.1040 0.0901 0.0965 -0.0040 0.0013  -0.0057 22  LEU A C   
260 O O   . LEU A 33 ? 0.0961 0.0842 0.0939 -0.0052 0.0034  -0.0035 22  LEU A O   
261 C CB  . LEU A 33 ? 0.0836 0.0722 0.0792 0.0053  0.0024  -0.0028 22  LEU A CB  
262 C CG  . LEU A 33 ? 0.0788 0.0621 0.0721 0.0098  0.0045  -0.0036 22  LEU A CG  
263 C CD1 . LEU A 33 ? 0.0966 0.0833 0.0945 0.0109  0.0025  0.0011  22  LEU A CD1 
264 C CD2 . LEU A 33 ? 0.1089 0.0875 0.1032 0.0125  0.0087  -0.0050 22  LEU A CD2 
265 N N   . ALA A 34 ? 0.1111 0.1010 0.0996 -0.0099 -0.0027 -0.0069 23  ALA A N   
266 C CA  . ALA A 34 ? 0.1099 0.1068 0.1011 -0.0186 -0.0061 -0.0055 23  ALA A CA  
267 C C   . ALA A 34 ? 0.1047 0.0886 0.0914 -0.0231 -0.0040 -0.0088 23  ALA A C   
268 O O   . ALA A 34 ? 0.1093 0.0999 0.1028 -0.0287 -0.0044 -0.0051 23  ALA A O   
269 C CB  . ALA A 34 ? 0.1114 0.1140 0.0949 -0.0262 -0.0115 -0.0073 23  ALA A CB  
270 N N   . LEU A 35 ? 0.1007 0.0666 0.0770 -0.0205 -0.0017 -0.0147 24  LEU A N   
271 C CA  . LEU A 35 ? 0.1135 0.0626 0.0851 -0.0236 -0.0001 -0.0164 24  LEU A CA  
272 C C   . LEU A 35 ? 0.1212 0.0724 0.0993 -0.0212 0.0028  -0.0099 24  LEU A C   
273 O O   . LEU A 35 ? 0.1278 0.0773 0.1072 -0.0288 0.0028  -0.0068 24  LEU A O   
274 C CB  . LEU A 35 ? 0.1242 0.0545 0.0866 -0.0180 0.0020  -0.0230 24  LEU A CB  
275 C CG  . LEU A 35 ? 0.1769 0.0852 0.1351 -0.0197 0.0031  -0.0236 24  LEU A CG  
276 C CD1 . LEU A 35 ? 0.2038 0.1056 0.1582 -0.0330 0.0004  -0.0256 24  LEU A CD1 
277 C CD2 . LEU A 35 ? 0.1810 0.0815 0.1394 -0.0099 0.0049  -0.0275 24  LEU A CD2 
278 N N   . LEU A 36 ? 0.1036 0.0586 0.0842 -0.0123 0.0053  -0.0081 25  LEU A N   
279 C CA  . LEU A 36 ? 0.1002 0.0584 0.0837 -0.0109 0.0087  -0.0035 25  LEU A CA  
280 C C   . LEU A 36 ? 0.0953 0.0704 0.0889 -0.0153 0.0102  0.0001  25  LEU A C   
281 O O   . LEU A 36 ? 0.1098 0.0878 0.1047 -0.0199 0.0129  0.0037  25  LEU A O   
282 C CB  . LEU A 36 ? 0.1123 0.0722 0.0949 -0.0025 0.0106  -0.0039 25  LEU A CB  
283 C CG  . LEU A 36 ? 0.1286 0.0770 0.1046 0.0024  0.0095  -0.0057 25  LEU A CG  
284 C CD1 . LEU A 36 ? 0.1706 0.1247 0.1467 0.0080  0.0103  -0.0060 25  LEU A CD1 
285 C CD2 . LEU A 36 ? 0.1905 0.1269 0.1617 0.0008  0.0094  -0.0020 25  LEU A CD2 
286 N N   . LYS A 37 ? 0.0812 0.0695 0.0830 -0.0141 0.0083  0.0002  26  LYS A N   
287 C CA  . LYS A 37 ? 0.0830 0.0908 0.0986 -0.0163 0.0095  0.0045  26  LYS A CA  
288 C C   . LYS A 37 ? 0.0976 0.1109 0.1154 -0.0282 0.0070  0.0069  26  LYS A C   
289 O O   . LYS A 37 ? 0.1089 0.1353 0.1354 -0.0319 0.0105  0.0108  26  LYS A O   
290 C CB  . LYS A 37 ? 0.1046 0.1251 0.1301 -0.0112 0.0066  0.0063  26  LYS A CB  
291 C CG  . LYS A 37 ? 0.0971 0.1134 0.1235 -0.0008 0.0102  0.0051  26  LYS A CG  
292 C CD  . LYS A 37 ? 0.0994 0.1234 0.1339 0.0036  0.0061  0.0087  26  LYS A CD  
293 C CE  . LYS A 37 ? 0.1559 0.1726 0.1919 0.0128  0.0103  0.0073  26  LYS A CE  
294 N NZ  . LYS A 37 ? 0.2297 0.2513 0.2753 0.0177  0.0068  0.0128  26  LYS A NZ  
295 N N   . ARG A 38 ? 0.1040 0.1072 0.1130 -0.0355 0.0016  0.0039  27  ARG A N   
296 C CA  . ARG A 38 ? 0.1082 0.1123 0.1167 -0.0494 -0.0013 0.0051  27  ARG A CA  
297 C C   . ARG A 38 ? 0.1192 0.1099 0.1221 -0.0543 0.0025  0.0071  27  ARG A C   
298 O O   . ARG A 38 ? 0.1389 0.1371 0.1461 -0.0662 0.0019  0.0111  27  ARG A O   
299 C CB  . ARG A 38 ? 0.1540 0.1446 0.1501 -0.0562 -0.0069 -0.0013 27  ARG A CB  
300 C CG  . ARG A 38 ? 0.1995 0.2083 0.1997 -0.0585 -0.0127 -0.0009 27  ARG A CG  
301 C CD  . ARG A 38 ? 0.3553 0.3502 0.3393 -0.0689 -0.0173 -0.0090 27  ARG A CD  
302 N NE  . ARG A 38 ? 0.4965 0.4780 0.4691 -0.0600 -0.0155 -0.0159 27  ARG A NE  
303 C CZ  . ARG A 38 ? 0.5018 0.4578 0.4603 -0.0591 -0.0126 -0.0250 27  ARG A CZ  
304 N NH1 . ARG A 38 ? 0.5335 0.4708 0.4870 -0.0654 -0.0117 -0.0277 27  ARG A NH1 
305 N NH2 . ARG A 38 ? 0.3802 0.3305 0.3316 -0.0504 -0.0101 -0.0303 27  ARG A NH2 
306 N N   . LYS A 39 ? 0.1374 0.1100 0.1314 -0.0464 0.0055  0.0057  28  LYS A N   
307 C CA  . LYS A 39 ? 0.1460 0.1070 0.1342 -0.0505 0.0084  0.0103  28  LYS A CA  
308 C C   . LYS A 39 ? 0.1248 0.1075 0.1220 -0.0513 0.0141  0.0161  28  LYS A C   
309 O O   . LYS A 39 ? 0.1362 0.1174 0.1305 -0.0594 0.0165  0.0217  28  LYS A O   
310 C CB  . LYS A 39 ? 0.1559 0.0971 0.1342 -0.0409 0.0091  0.0092  28  LYS A CB  
311 C CG  . LYS A 39 ? 0.1864 0.1047 0.1565 -0.0388 0.0056  0.0033  28  LYS A CG  
312 C CD  . LYS A 39 ? 0.1976 0.0975 0.1622 -0.0503 0.0034  0.0040  28  LYS A CD  
313 C CE  . LYS A 39 ? 0.1949 0.0756 0.1546 -0.0435 0.0015  -0.0036 28  LYS A CE  
314 N NZ  . LYS A 39 ? 0.2065 0.0734 0.1645 -0.0511 -0.0003 -0.0038 28  LYS A NZ  
315 N N   . GLY A 40 ? 0.1221 0.1239 0.1295 -0.0427 0.0171  0.0146  29  GLY A N   
316 C CA  . GLY A 40 ? 0.1049 0.1277 0.1216 -0.0419 0.0245  0.0178  29  GLY A CA  
317 C C   . GLY A 40 ? 0.1132 0.1293 0.1198 -0.0364 0.0301  0.0173  29  GLY A C   
318 O O   . GLY A 40 ? 0.1191 0.1501 0.1288 -0.0373 0.0377  0.0187  29  GLY A O   
319 N N   . VAL A 41 ? 0.1267 0.1225 0.1211 -0.0314 0.0267  0.0151  30  VAL A N   
320 C CA  . VAL A 41 ? 0.1384 0.1286 0.1215 -0.0281 0.0300  0.0158  30  VAL A CA  
321 C C   . VAL A 41 ? 0.1329 0.1322 0.1192 -0.0190 0.0346  0.0098  30  VAL A C   
322 O O   . VAL A 41 ? 0.1468 0.1504 0.1428 -0.0128 0.0336  0.0060  30  VAL A O   
323 C CB  . VAL A 41 ? 0.1532 0.1215 0.1253 -0.0251 0.0239  0.0166  30  VAL A CB  
324 C CG1 . VAL A 41 ? 0.1690 0.1223 0.1365 -0.0334 0.0201  0.0224  30  VAL A CG1 
325 C CG2 . VAL A 41 ? 0.1499 0.1137 0.1258 -0.0170 0.0200  0.0103  30  VAL A CG2 
326 N N   . GLU A 42 ? 0.1401 0.1418 0.1172 -0.0190 0.0398  0.0092  31  GLU A N   
327 C CA  . GLU A 42 ? 0.1382 0.1434 0.1148 -0.0116 0.0446  0.0020  31  GLU A CA  
328 C C   . GLU A 42 ? 0.1297 0.1206 0.0967 -0.0078 0.0386  0.0002  31  GLU A C   
329 O O   . GLU A 42 ? 0.1400 0.1230 0.0960 -0.0110 0.0343  0.0049  31  GLU A O   
330 C CB  . GLU A 42 ? 0.2014 0.2167 0.1700 -0.0149 0.0538  0.0001  31  GLU A CB  
331 C CG  . GLU A 42 ? 0.2213 0.2344 0.1840 -0.0090 0.0578  -0.0090 31  GLU A CG  
332 C CD  . GLU A 42 ? 0.3674 0.3890 0.3212 -0.0118 0.0624  -0.0109 31  GLU A CD  
333 O OE1 . GLU A 42 ? 0.4213 0.4466 0.3665 -0.0199 0.0622  -0.0039 31  GLU A OE1 
334 O OE2 . GLU A 42 ? 0.3893 0.4122 0.3443 -0.0061 0.0658  -0.0189 31  GLU A OE2 
335 N N   . PHE A 43 ? 0.1073 0.0959 0.0797 -0.0010 0.0377  -0.0052 32  PHE A N   
336 C CA  . PHE A 43 ? 0.1119 0.0904 0.0772 0.0014  0.0318  -0.0061 32  PHE A CA  
337 C C   . PHE A 43 ? 0.1029 0.0795 0.0696 0.0059  0.0336  -0.0127 32  PHE A C   
338 O O   . PHE A 43 ? 0.1098 0.0900 0.0854 0.0096  0.0387  -0.0162 32  PHE A O   
339 C CB  . PHE A 43 ? 0.1262 0.0983 0.0955 0.0025  0.0248  -0.0028 32  PHE A CB  
340 C CG  . PHE A 43 ? 0.1066 0.0815 0.0872 0.0054  0.0234  -0.0045 32  PHE A CG  
341 C CD1 . PHE A 43 ? 0.1043 0.0768 0.0866 0.0095  0.0209  -0.0070 32  PHE A CD1 
342 C CD2 . PHE A 43 ? 0.1171 0.0990 0.1065 0.0025  0.0240  -0.0024 32  PHE A CD2 
343 C CE1 . PHE A 43 ? 0.0934 0.0695 0.0843 0.0110  0.0188  -0.0066 32  PHE A CE1 
344 C CE2 . PHE A 43 ? 0.0918 0.0787 0.0907 0.0040  0.0211  -0.0024 32  PHE A CE2 
345 C CZ  . PHE A 43 ? 0.1104 0.0942 0.1094 0.0085  0.0185  -0.0042 32  PHE A CZ  
346 N N   . GLN A 44 ? 0.1100 0.0808 0.0684 0.0055  0.0294  -0.0136 33  GLN A N   
347 C CA  . GLN A 44 ? 0.1014 0.0691 0.0608 0.0070  0.0290  -0.0187 33  GLN A CA  
348 C C   . GLN A 44 ? 0.1185 0.0834 0.0831 0.0093  0.0234  -0.0167 33  GLN A C   
349 O O   . GLN A 44 ? 0.1132 0.0782 0.0749 0.0090  0.0191  -0.0133 33  GLN A O   
350 C CB  . GLN A 44 ? 0.1367 0.1039 0.0826 0.0020  0.0284  -0.0214 33  GLN A CB  
351 C CG  . GLN A 44 ? 0.1567 0.1201 0.1037 0.0017  0.0286  -0.0272 33  GLN A CG  
352 C CD  . GLN A 44 ? 0.1250 0.0886 0.0768 0.0046  0.0346  -0.0319 33  GLN A CD  
353 O OE1 . GLN A 44 ? 0.1419 0.1124 0.0957 0.0056  0.0392  -0.0311 33  GLN A OE1 
354 N NE2 . GLN A 44 ? 0.1405 0.0966 0.0940 0.0058  0.0353  -0.0368 33  GLN A NE2 
355 N N   . GLU A 45 ? 0.1002 0.0647 0.0742 0.0117  0.0226  -0.0175 34  GLU A N   
356 C CA  . GLU A 45 ? 0.0882 0.0510 0.0652 0.0122  0.0181  -0.0153 34  GLU A CA  
357 C C   . GLU A 45 ? 0.0883 0.0451 0.0610 0.0099  0.0176  -0.0181 34  GLU A C   
358 O O   . GLU A 45 ? 0.1176 0.0696 0.0929 0.0105  0.0199  -0.0209 34  GLU A O   
359 C CB  . GLU A 45 ? 0.0854 0.0500 0.0729 0.0157  0.0177  -0.0125 34  GLU A CB  
360 C CG  . GLU A 45 ? 0.0924 0.0543 0.0804 0.0159  0.0144  -0.0100 34  GLU A CG  
361 C CD  . GLU A 45 ? 0.1097 0.0743 0.1075 0.0183  0.0127  -0.0054 34  GLU A CD  
362 O OE1 . GLU A 45 ? 0.1203 0.0872 0.1270 0.0220  0.0153  -0.0045 34  GLU A OE1 
363 O OE2 . GLU A 45 ? 0.1068 0.0737 0.1039 0.0162  0.0087  -0.0018 34  GLU A OE2 
364 N N   . TYR A 46 ? 0.1090 0.0651 0.0749 0.0071  0.0148  -0.0177 35  TYR A N   
365 C CA  . TYR A 46 ? 0.0957 0.0469 0.0577 0.0021  0.0131  -0.0195 35  TYR A CA  
366 C C   . TYR A 46 ? 0.1247 0.0767 0.0939 0.0026  0.0106  -0.0149 35  TYR A C   
367 O O   . TYR A 46 ? 0.1030 0.0651 0.0737 0.0018  0.0075  -0.0115 35  TYR A O   
368 C CB  . TYR A 46 ? 0.1121 0.0715 0.0669 -0.0035 0.0093  -0.0191 35  TYR A CB  
369 C CG  . TYR A 46 ? 0.1198 0.0817 0.0662 -0.0049 0.0102  -0.0207 35  TYR A CG  
370 C CD1 . TYR A 46 ? 0.1203 0.0753 0.0617 -0.0056 0.0151  -0.0260 35  TYR A CD1 
371 C CD2 . TYR A 46 ? 0.1211 0.0945 0.0668 -0.0048 0.0059  -0.0156 35  TYR A CD2 
372 C CE1 . TYR A 46 ? 0.1309 0.0909 0.0638 -0.0083 0.0158  -0.0263 35  TYR A CE1 
373 C CE2 . TYR A 46 ? 0.1240 0.1002 0.0610 -0.0069 0.0056  -0.0147 35  TYR A CE2 
374 C CZ  . TYR A 46 ? 0.1127 0.0817 0.0403 -0.0099 0.0110  -0.0205 35  TYR A CZ  
375 O OH  . TYR A 46 ? 0.1282 0.1016 0.0451 -0.0138 0.0110  -0.0191 35  TYR A OH  
376 N N   . CYS A 47 ? 0.1227 0.0644 0.0965 0.0047  0.0123  -0.0146 36  CYS A N   
377 C CA  A CYS A 47 ? 0.1019 0.0437 0.0809 0.0040  0.0091  -0.0083 36  CYS A CA  
378 C CA  B CYS A 47 ? 0.1189 0.0600 0.0981 0.0041  0.0092  -0.0084 36  CYS A CA  
379 C C   . CYS A 47 ? 0.1347 0.0698 0.1086 -0.0039 0.0071  -0.0080 36  CYS A C   
380 O O   . CYS A 47 ? 0.1645 0.0832 0.1358 -0.0060 0.0089  -0.0115 36  CYS A O   
381 C CB  A CYS A 47 ? 0.1419 0.0769 0.1302 0.0101  0.0104  -0.0052 36  CYS A CB  
382 C CB  B CYS A 47 ? 0.1403 0.0722 0.1283 0.0100  0.0110  -0.0061 36  CYS A CB  
383 S SG  A CYS A 47 ? 0.1687 0.1058 0.1619 0.0081  0.0050  0.0054  36  CYS A SG  
384 S SG  B CYS A 47 ? 0.2651 0.2102 0.2628 0.0147  0.0082  0.0013  36  CYS A SG  
385 N N   . ILE A 48 ? 0.1133 0.0614 0.0861 -0.0088 0.0039  -0.0044 37  ILE A N   
386 C CA  . ILE A 48 ? 0.1145 0.0620 0.0828 -0.0186 0.0017  -0.0036 37  ILE A CA  
387 C C   . ILE A 48 ? 0.1109 0.0598 0.0814 -0.0236 -0.0008 0.0043  37  ILE A C   
388 O O   . ILE A 48 ? 0.1254 0.0826 0.0937 -0.0328 -0.0027 0.0067  37  ILE A O   
389 C CB  . ILE A 48 ? 0.1079 0.0732 0.0738 -0.0219 0.0002  -0.0053 37  ILE A CB  
390 C CG1 . ILE A 48 ? 0.1333 0.1183 0.1050 -0.0173 0.0002  -0.0021 37  ILE A CG1 
391 C CG2 . ILE A 48 ? 0.1463 0.1080 0.1072 -0.0194 0.0016  -0.0115 37  ILE A CG2 
392 C CD1 . ILE A 48 ? 0.1291 0.1335 0.1027 -0.0193 -0.0014 -0.0019 37  ILE A CD1 
393 N N   . ASP A 49 ? 0.1343 0.0772 0.1092 -0.0186 -0.0010 0.0095  38  ASP A N   
394 C CA  . ASP A 49 ? 0.1556 0.0975 0.1312 -0.0242 -0.0041 0.0192  38  ASP A CA  
395 C C   . ASP A 49 ? 0.1493 0.0799 0.1205 -0.0354 -0.0056 0.0209  38  ASP A C   
396 O O   . ASP A 49 ? 0.1820 0.0906 0.1516 -0.0360 -0.0046 0.0167  38  ASP A O   
397 C CB  . ASP A 49 ? 0.1332 0.0616 0.1151 -0.0176 -0.0054 0.0254  38  ASP A CB  
398 C CG  . ASP A 49 ? 0.1598 0.1009 0.1465 -0.0095 -0.0054 0.0261  38  ASP A CG  
399 O OD1 . ASP A 49 ? 0.1547 0.1081 0.1395 -0.0072 -0.0033 0.0195  38  ASP A OD1 
400 O OD2 . ASP A 49 ? 0.1946 0.1328 0.1875 -0.0059 -0.0082 0.0341  38  ASP A OD2 
401 N N   . GLY A 50 ? 0.1499 0.0960 0.1187 -0.0451 -0.0073 0.0263  39  GLY A N   
402 C CA  . GLY A 50 ? 0.1565 0.0942 0.1213 -0.0587 -0.0096 0.0303  39  GLY A CA  
403 C C   . GLY A 50 ? 0.1933 0.1286 0.1541 -0.0659 -0.0095 0.0219  39  GLY A C   
404 O O   . GLY A 50 ? 0.2380 0.1690 0.1963 -0.0757 -0.0113 0.0230  39  GLY A O   
405 N N   . ASP A 51 ? 0.1804 0.1238 0.1415 -0.0586 -0.0075 0.0132  40  ASP A N   
406 C CA  . ASP A 51 ? 0.1623 0.1031 0.1177 -0.0652 -0.0083 0.0053  40  ASP A CA  
407 C C   . ASP A 51 ? 0.1425 0.1154 0.1011 -0.0696 -0.0101 0.0064  40  ASP A C   
408 O O   . ASP A 51 ? 0.1408 0.1289 0.1030 -0.0599 -0.0088 0.0038  40  ASP A O   
409 C CB  . ASP A 51 ? 0.1789 0.1076 0.1318 -0.0547 -0.0051 -0.0036 40  ASP A CB  
410 C CG  . ASP A 51 ? 0.2132 0.1319 0.1557 -0.0629 -0.0054 -0.0127 40  ASP A CG  
411 O OD1 . ASP A 51 ? 0.1918 0.1271 0.1317 -0.0729 -0.0092 -0.0122 40  ASP A OD1 
412 O OD2 . ASP A 51 ? 0.2838 0.1856 0.2241 -0.0554 -0.0015 -0.0194 40  ASP A OD2 
413 N N   A ASN A 52 ? 0.1593 0.1411 0.1171 -0.0842 -0.0131 0.0104  41  ASN A N   
414 N N   B ASN A 52 ? 0.1681 0.1521 0.1266 -0.0838 -0.0130 0.0106  41  ASN A N   
415 C CA  A ASN A 52 ? 0.1706 0.1870 0.1351 -0.0891 -0.0149 0.0131  41  ASN A CA  
416 C CA  B ASN A 52 ? 0.1709 0.1902 0.1365 -0.0862 -0.0145 0.0128  41  ASN A CA  
417 C C   A ASN A 52 ? 0.1752 0.2012 0.1382 -0.0886 -0.0176 0.0073  41  ASN A C   
418 C C   B ASN A 52 ? 0.1692 0.1954 0.1323 -0.0873 -0.0174 0.0068  41  ASN A C   
419 O O   A ASN A 52 ? 0.1698 0.2228 0.1416 -0.0815 -0.0178 0.0089  41  ASN A O   
420 O O   B ASN A 52 ? 0.1396 0.1916 0.1109 -0.0800 -0.0179 0.0081  41  ASN A O   
421 C CB  A ASN A 52 ? 0.1895 0.2102 0.1524 -0.1003 -0.0168 0.0186  41  ASN A CB  
422 C CB  B ASN A 52 ? 0.1761 0.2108 0.1440 -0.0968 -0.0159 0.0196  41  ASN A CB  
423 C CG  A ASN A 52 ? 0.2490 0.2515 0.2097 -0.1012 -0.0159 0.0243  41  ASN A CG  
424 C CG  B ASN A 52 ? 0.1372 0.2096 0.1145 -0.0965 -0.0164 0.0219  41  ASN A CG  
425 O OD1 A ASN A 52 ? 0.1868 0.1584 0.1419 -0.1010 -0.0162 0.0225  41  ASN A OD1 
426 O OD1 B ASN A 52 ? 0.1811 0.2769 0.1681 -0.0887 -0.0130 0.0243  41  ASN A OD1 
427 N ND2 A ASN A 52 ? 0.2530 0.2764 0.2188 -0.1007 -0.0144 0.0312  41  ASN A ND2 
428 N ND2 B ASN A 52 ? 0.1481 0.2261 0.1227 -0.1039 -0.0203 0.0209  41  ASN A ND2 
429 N N   . GLU A 53 ? 0.2090 0.2118 0.1605 -0.0926 -0.0185 0.0010  42  GLU A N   
430 C CA  . GLU A 53 ? 0.1750 0.1848 0.1213 -0.0932 -0.0209 -0.0036 42  GLU A CA  
431 C C   . GLU A 53 ? 0.1441 0.1581 0.0920 -0.0814 -0.0200 -0.0067 42  GLU A C   
432 O O   . GLU A 53 ? 0.1558 0.1916 0.1076 -0.0780 -0.0228 -0.0045 42  GLU A O   
433 C CB  . GLU A 53 ? 0.2096 0.1925 0.1422 -0.0994 -0.0200 -0.0109 42  GLU A CB  
434 C CG  . GLU A 53 ? 0.3253 0.3048 0.2549 -0.1122 -0.0223 -0.0082 42  GLU A CG  
435 C CD  . GLU A 53 ? 0.5111 0.4628 0.4279 -0.1179 -0.0211 -0.0166 42  GLU A CD  
436 O OE1 . GLU A 53 ? 0.5655 0.4972 0.4775 -0.1096 -0.0169 -0.0244 42  GLU A OE1 
437 O OE2 . GLU A 53 ? 0.5252 0.4764 0.4374 -0.1304 -0.0240 -0.0158 42  GLU A OE2 
438 N N   . ALA A 54 ? 0.1404 0.1335 0.0873 -0.0705 -0.0147 -0.0093 43  ALA A N   
439 C CA  . ALA A 54 ? 0.1458 0.1406 0.0946 -0.0563 -0.0120 -0.0108 43  ALA A CA  
440 C C   . ALA A 54 ? 0.1137 0.1333 0.0755 -0.0469 -0.0122 -0.0044 43  ALA A C   
441 O O   . ALA A 54 ? 0.1246 0.1533 0.0889 -0.0386 -0.0125 -0.0037 43  ALA A O   
442 C CB  . ALA A 54 ? 0.1415 0.1115 0.0882 -0.0480 -0.0067 -0.0147 43  ALA A CB  
443 N N   . ARG A 55 ? 0.1143 0.1441 0.0837 -0.0484 -0.0114 0.0003  44  ARG A N   
444 C CA  . ARG A 55 ? 0.1193 0.1720 0.1001 -0.0393 -0.0097 0.0041  44  ARG A CA  
445 C C   . ARG A 55 ? 0.0858 0.1647 0.0740 -0.0405 -0.0137 0.0071  44  ARG A C   
446 O O   . ARG A 55 ? 0.0769 0.1690 0.0738 -0.0291 -0.0128 0.0087  44  ARG A O   
447 C CB  . ARG A 55 ? 0.0866 0.1480 0.0720 -0.0427 -0.0073 0.0080  44  ARG A CB  
448 C CG  . ARG A 55 ? 0.1048 0.1850 0.0995 -0.0318 -0.0031 0.0087  44  ARG A CG  
449 C CD  . ARG A 55 ? 0.1534 0.2168 0.1442 -0.0221 0.0003  0.0056  44  ARG A CD  
450 N NE  . ARG A 55 ? 0.1435 0.1974 0.1290 -0.0280 0.0011  0.0081  44  ARG A NE  
451 C CZ  . ARG A 55 ? 0.1243 0.1874 0.1099 -0.0270 0.0045  0.0096  44  ARG A CZ  
452 N NH1 . ARG A 55 ? 0.1179 0.1974 0.1087 -0.0190 0.0087  0.0063  44  ARG A NH1 
453 N NH2 . ARG A 55 ? 0.1313 0.1863 0.1114 -0.0340 0.0036  0.0145  44  ARG A NH2 
454 N N   . GLU A 56 ? 0.1086 0.1952 0.0940 -0.0547 -0.0186 0.0085  45  GLU A N   
455 C CA  . GLU A 56 ? 0.0969 0.2120 0.0903 -0.0573 -0.0241 0.0129  45  GLU A CA  
456 C C   . GLU A 56 ? 0.0978 0.2082 0.0854 -0.0520 -0.0276 0.0119  45  GLU A C   
457 O O   . GLU A 56 ? 0.1193 0.2496 0.1174 -0.0443 -0.0299 0.0177  45  GLU A O   
458 C CB  . GLU A 56 ? 0.1332 0.2524 0.1227 -0.0731 -0.0267 0.0149  45  GLU A CB  
459 C CG  . GLU A 56 ? 0.1783 0.3062 0.1733 -0.0787 -0.0236 0.0186  45  GLU A CG  
460 C CD  . GLU A 56 ? 0.2165 0.3727 0.2284 -0.0670 -0.0195 0.0228  45  GLU A CD  
461 O OE1 . GLU A 56 ? 0.1914 0.3696 0.2138 -0.0600 -0.0208 0.0263  45  GLU A OE1 
462 O OE2 . GLU A 56 ? 0.2375 0.3926 0.2515 -0.0642 -0.0144 0.0225  45  GLU A OE2 
463 N N   . ALA A 57 ? 0.1119 0.1942 0.0834 -0.0547 -0.0265 0.0054  46  ALA A N   
464 C CA  . ALA A 57 ? 0.1354 0.2129 0.0990 -0.0506 -0.0286 0.0046  46  ALA A CA  
465 C C   . ALA A 57 ? 0.0960 0.1739 0.0691 -0.0331 -0.0250 0.0077  46  ALA A C   
466 O O   . ALA A 57 ? 0.1101 0.1988 0.0865 -0.0272 -0.0286 0.0132  46  ALA A O   
467 C CB  . ALA A 57 ? 0.1234 0.1711 0.0689 -0.0560 -0.0251 -0.0044 46  ALA A CB  
468 N N   . MET A 58 ? 0.0943 0.1599 0.0711 -0.0259 -0.0186 0.0050  47  MET A N   
469 C CA  . MET A 58 ? 0.0937 0.1571 0.0778 -0.0115 -0.0151 0.0064  47  MET A CA  
470 C C   . MET A 58 ? 0.1077 0.1960 0.1077 -0.0035 -0.0168 0.0125  47  MET A C   
471 O O   . MET A 58 ? 0.0810 0.1710 0.0857 0.0061  -0.0181 0.0163  47  MET A O   
472 C CB  . MET A 58 ? 0.0830 0.1332 0.0674 -0.0082 -0.0091 0.0024  47  MET A CB  
473 C CG  . MET A 58 ? 0.0931 0.1380 0.0821 0.0041  -0.0055 0.0019  47  MET A CG  
474 S SD  . MET A 58 ? 0.0943 0.1330 0.0841 0.0057  -0.0002 -0.0014 47  MET A SD  
475 C CE  . MET A 58 ? 0.1163 0.1816 0.1176 0.0072  0.0015  0.0007  47  MET A CE  
476 N N   . ALA A 59 ? 0.0957 0.2037 0.1048 -0.0077 -0.0167 0.0141  48  ALA A N   
477 C CA  . ALA A 59 ? 0.0824 0.2172 0.1098 0.0015  -0.0162 0.0191  48  ALA A CA  
478 C C   . ALA A 59 ? 0.1037 0.2549 0.1374 0.0035  -0.0239 0.0269  48  ALA A C   
479 O O   . ALA A 59 ? 0.0741 0.2324 0.1206 0.0166  -0.0229 0.0310  48  ALA A O   
480 C CB  . ALA A 59 ? 0.0854 0.2415 0.1203 -0.0066 -0.0146 0.0200  48  ALA A CB  
481 N N   . ALA A 60 ? 0.0808 0.2296 0.1026 -0.0100 -0.0301 0.0279  49  ALA A N   
482 C CA  . ALA A 60 ? 0.1314 0.2878 0.1541 -0.0107 -0.0358 0.0346  49  ALA A CA  
483 C C   . ALA A 60 ? 0.0936 0.2380 0.1151 0.0013  -0.0370 0.0381  49  ALA A C   
484 O O   . ALA A 60 ? 0.1130 0.2666 0.1433 0.0075  -0.0404 0.0458  49  ALA A O   
485 C CB  . ALA A 60 ? 0.1044 0.2545 0.1105 -0.0280 -0.0400 0.0321  49  ALA A CB  
486 N N   . ARG A 61 ? 0.0889 0.2119 0.0989 0.0037  -0.0342 0.0333  50  ARG A N   
487 C CA  . ARG A 61 ? 0.1119 0.2200 0.1193 0.0136  -0.0342 0.0369  50  ARG A CA  
488 C C   . ARG A 61 ? 0.1073 0.2084 0.1281 0.0296  -0.0280 0.0361  50  ARG A C   
489 O O   . ARG A 61 ? 0.1346 0.2248 0.1573 0.0386  -0.0287 0.0408  50  ARG A O   
490 C CB  . ARG A 61 ? 0.1391 0.2202 0.1272 0.0076  -0.0302 0.0296  50  ARG A CB  
491 C CG  . ARG A 61 ? 0.1438 0.2237 0.1145 -0.0058 -0.0344 0.0289  50  ARG A CG  
492 C CD  . ARG A 61 ? 0.1870 0.2413 0.1430 -0.0080 -0.0276 0.0207  50  ARG A CD  
493 N NE  . ARG A 61 ? 0.1490 0.1940 0.1001 -0.0033 -0.0274 0.0257  50  ARG A NE  
494 C CZ  . ARG A 61 ? 0.1126 0.1393 0.0560 -0.0030 -0.0209 0.0204  50  ARG A CZ  
495 N NH1 . ARG A 61 ? 0.1272 0.1432 0.0689 -0.0050 -0.0147 0.0104  50  ARG A NH1 
496 N NH2 . ARG A 61 ? 0.1668 0.1867 0.1052 -0.0010 -0.0211 0.0261  50  ARG A NH2 
497 N N   . ALA A 62 ? 0.0803 0.1841 0.1076 0.0315  -0.0216 0.0292  51  ALA A N   
498 C CA  . ALA A 62 ? 0.1138 0.2065 0.1484 0.0444  -0.0145 0.0250  51  ALA A CA  
499 C C   . ALA A 62 ? 0.1426 0.2540 0.1957 0.0533  -0.0118 0.0264  51  ALA A C   
500 O O   . ALA A 62 ? 0.1269 0.2374 0.1838 0.0572  -0.0041 0.0191  51  ALA A O   
501 C CB  . ALA A 62 ? 0.1493 0.2276 0.1743 0.0390  -0.0080 0.0152  51  ALA A CB  
502 N N   . ASN A 63 ? 0.1110 0.2360 0.1733 0.0545  -0.0174 0.0346  52  ASN A N   
503 C CA  . ASN A 63 ? 0.1584 0.2988 0.2386 0.0627  -0.0148 0.0356  52  ASN A CA  
504 C C   . ASN A 63 ? 0.1331 0.2947 0.2188 0.0577  -0.0099 0.0315  52  ASN A C   
505 O O   . ASN A 63 ? 0.1743 0.3434 0.2721 0.0655  -0.0037 0.0281  52  ASN A O   
506 C CB  . ASN A 63 ? 0.2843 0.4046 0.3706 0.0761  -0.0089 0.0308  52  ASN A CB  
507 C CG  . ASN A 63 ? 0.3742 0.4809 0.4627 0.0824  -0.0149 0.0381  52  ASN A CG  
508 O OD1 . ASN A 63 ? 0.3575 0.4781 0.4502 0.0807  -0.0229 0.0479  52  ASN A OD1 
509 N ND2 . ASN A 63 ? 0.4816 0.5610 0.5664 0.0882  -0.0117 0.0335  52  ASN A ND2 
510 N N   . GLY A 64 ? 0.1167 0.2867 0.1929 0.0436  -0.0125 0.0314  53  GLY A N   
511 C CA  . GLY A 64 ? 0.1105 0.2985 0.1895 0.0358  -0.0087 0.0287  53  GLY A CA  
512 C C   . GLY A 64 ? 0.1189 0.2961 0.1914 0.0364  -0.0004 0.0199  53  GLY A C   
513 O O   . GLY A 64 ? 0.1192 0.3093 0.1920 0.0292  0.0033  0.0181  53  GLY A O   
514 N N   . LYS A 65 ? 0.1214 0.2743 0.1863 0.0433  0.0024  0.0150  54  LYS A N   
515 C CA  . LYS A 65 ? 0.0783 0.2191 0.1347 0.0428  0.0099  0.0064  54  LYS A CA  
516 C C   . LYS A 65 ? 0.1113 0.2473 0.1552 0.0291  0.0078  0.0058  54  LYS A C   
517 O O   . LYS A 65 ? 0.1051 0.2255 0.1393 0.0231  0.0019  0.0078  54  LYS A O   
518 C CB  . LYS A 65 ? 0.1021 0.2151 0.1528 0.0523  0.0129  0.0010  54  LYS A CB  
519 C CG  . LYS A 65 ? 0.1531 0.2635 0.2157 0.0638  0.0155  0.0006  54  LYS A CG  
520 C CD  . LYS A 65 ? 0.2671 0.3481 0.3237 0.0691  0.0181  -0.0050 54  LYS A CD  
521 C CE  . LYS A 65 ? 0.3214 0.4004 0.3919 0.0797  0.0226  -0.0079 54  LYS A CE  
522 N NZ  . LYS A 65 ? 0.4144 0.4650 0.4804 0.0828  0.0252  -0.0141 54  LYS A NZ  
523 N N   . ARG A 66 ? 0.0860 0.2279 0.1261 0.0227  0.0126  0.0028  55  ARG A N   
524 C CA  . ARG A 66 ? 0.1008 0.2273 0.1266 0.0093  0.0106  0.0028  55  ARG A CA  
525 C C   . ARG A 66 ? 0.1015 0.2101 0.1170 0.0114  0.0149  -0.0025 55  ARG A C   
526 O O   . ARG A 66 ? 0.1019 0.1984 0.1074 0.0026  0.0134  -0.0014 55  ARG A O   
527 C CB  . ARG A 66 ? 0.1014 0.2478 0.1294 -0.0037 0.0102  0.0072  55  ARG A CB  
528 C CG  . ARG A 66 ? 0.1158 0.2786 0.1514 -0.0103 0.0036  0.0128  55  ARG A CG  
529 C CD  . ARG A 66 ? 0.1276 0.3082 0.1646 -0.0245 0.0029  0.0173  55  ARG A CD  
530 N NE  . ARG A 66 ? 0.1853 0.3755 0.2251 -0.0315 -0.0041 0.0218  55  ARG A NE  
531 C CZ  . ARG A 66 ? 0.2371 0.4467 0.2886 -0.0241 -0.0049 0.0249  55  ARG A CZ  
532 N NH1 . ARG A 66 ? 0.2590 0.4774 0.3211 -0.0090 0.0010  0.0229  55  ARG A NH1 
533 N NH2 . ARG A 66 ? 0.2547 0.4726 0.3067 -0.0321 -0.0116 0.0295  55  ARG A NH2 
534 N N   . SER A 67 ? 0.0863 0.1932 0.1046 0.0228  0.0202  -0.0081 56  SER A N   
535 C CA  . SER A 67 ? 0.0809 0.1709 0.0878 0.0233  0.0234  -0.0139 56  SER A CA  
536 C C   . SER A 67 ? 0.0838 0.1487 0.0828 0.0217  0.0182  -0.0130 56  SER A C   
537 O O   . SER A 67 ? 0.0767 0.1353 0.0784 0.0235  0.0141  -0.0101 56  SER A O   
538 C CB  . SER A 67 ? 0.1338 0.2166 0.1434 0.0319  0.0279  -0.0201 56  SER A CB  
539 O OG  . SER A 67 ? 0.1387 0.2114 0.1550 0.0410  0.0260  -0.0196 56  SER A OG  
540 N N   . LEU A 68 ? 0.1003 0.1534 0.0896 0.0177  0.0185  -0.0151 57  LEU A N   
541 C CA  . LEU A 68 ? 0.1239 0.1577 0.1081 0.0161  0.0144  -0.0139 57  LEU A CA  
542 C C   . LEU A 68 ? 0.1252 0.1475 0.1042 0.0193  0.0162  -0.0194 57  LEU A C   
543 O O   . LEU A 68 ? 0.1110 0.1377 0.0862 0.0187  0.0197  -0.0239 57  LEU A O   
544 C CB  . LEU A 68 ? 0.1093 0.1398 0.0889 0.0073  0.0113  -0.0089 57  LEU A CB  
545 C CG  . LEU A 68 ? 0.0984 0.1344 0.0809 0.0014  0.0089  -0.0041 57  LEU A CG  
546 C CD1 . LEU A 68 ? 0.1246 0.1540 0.1027 -0.0068 0.0065  0.0011  57  LEU A CD1 
547 C CD2 . LEU A 68 ? 0.1283 0.1571 0.1127 0.0033  0.0064  -0.0042 57  LEU A CD2 
548 N N   . PRO A 69 ? 0.1036 0.1111 0.0817 0.0206  0.0137  -0.0190 58  PRO A N   
549 C CA  . PRO A 69 ? 0.0667 0.0683 0.0476 0.0210  0.0107  -0.0148 58  PRO A CA  
550 C C   . PRO A 69 ? 0.1015 0.1050 0.0877 0.0276  0.0107  -0.0142 58  PRO A C   
551 O O   . PRO A 69 ? 0.1043 0.1110 0.0943 0.0340  0.0135  -0.0171 58  PRO A O   
552 C CB  . PRO A 69 ? 0.1007 0.0889 0.0784 0.0198  0.0096  -0.0155 58  PRO A CB  
553 C CG  . PRO A 69 ? 0.1277 0.1123 0.1033 0.0212  0.0116  -0.0205 58  PRO A CG  
554 C CD  . PRO A 69 ? 0.1132 0.1095 0.0863 0.0202  0.0142  -0.0233 58  PRO A CD  
555 N N   . GLN A 70 ? 0.0820 0.0833 0.0684 0.0264  0.0076  -0.0101 59  GLN A N   
556 C CA  . GLN A 70 ? 0.0846 0.0868 0.0749 0.0318  0.0058  -0.0067 59  GLN A CA  
557 C C   . GLN A 70 ? 0.0774 0.0665 0.0616 0.0294  0.0042  -0.0046 59  GLN A C   
558 O O   . GLN A 70 ? 0.1020 0.0893 0.0812 0.0234  0.0037  -0.0046 59  GLN A O   
559 C CB  . GLN A 70 ? 0.0809 0.1001 0.0760 0.0303  0.0028  -0.0025 59  GLN A CB  
560 C CG  . GLN A 70 ? 0.0908 0.1276 0.0938 0.0321  0.0052  -0.0037 59  GLN A CG  
561 C CD  . GLN A 70 ? 0.1259 0.1655 0.1373 0.0432  0.0092  -0.0061 59  GLN A CD  
562 O OE1 . GLN A 70 ? 0.1278 0.1575 0.1418 0.0508  0.0082  -0.0043 59  GLN A OE1 
563 N NE2 . GLN A 70 ? 0.1093 0.1617 0.1245 0.0444  0.0141  -0.0101 59  GLN A NE2 
564 N N   . ILE A 71 ? 0.1017 0.0811 0.0865 0.0343  0.0039  -0.0028 60  ILE A N   
565 C CA  . ILE A 71 ? 0.1245 0.0925 0.1033 0.0309  0.0031  0.0000  60  ILE A CA  
566 C C   . ILE A 71 ? 0.1012 0.0699 0.0801 0.0334  -0.0007 0.0079  60  ILE A C   
567 O O   . ILE A 71 ? 0.1012 0.0714 0.0874 0.0411  -0.0022 0.0110  60  ILE A O   
568 C CB  . ILE A 71 ? 0.1328 0.0865 0.1108 0.0315  0.0053  -0.0031 60  ILE A CB  
569 C CG1 . ILE A 71 ? 0.1695 0.1273 0.1474 0.0265  0.0072  -0.0089 60  ILE A CG1 
570 C CG2 . ILE A 71 ? 0.1376 0.0814 0.1105 0.0269  0.0046  0.0011  60  ILE A CG2 
571 C CD1 . ILE A 71 ? 0.1473 0.1003 0.1269 0.0251  0.0083  -0.0136 60  ILE A CD1 
572 N N   . PHE A 72 ? 0.1030 0.0711 0.0739 0.0270  -0.0020 0.0114  61  PHE A N   
573 C CA  . PHE A 72 ? 0.1060 0.0756 0.0734 0.0268  -0.0065 0.0206  61  PHE A CA  
574 C C   . PHE A 72 ? 0.1147 0.0730 0.0737 0.0215  -0.0050 0.0238  61  PHE A C   
575 O O   . PHE A 72 ? 0.1390 0.0963 0.0937 0.0158  -0.0006 0.0184  61  PHE A O   
576 C CB  . PHE A 72 ? 0.1234 0.1082 0.0855 0.0211  -0.0096 0.0218  61  PHE A CB  
577 C CG  . PHE A 72 ? 0.1133 0.1128 0.0846 0.0246  -0.0121 0.0214  61  PHE A CG  
578 C CD1 . PHE A 72 ? 0.1160 0.1286 0.0933 0.0282  -0.0183 0.0303  61  PHE A CD1 
579 C CD2 . PHE A 72 ? 0.0965 0.0988 0.0717 0.0240  -0.0086 0.0137  61  PHE A CD2 
580 C CE1 . PHE A 72 ? 0.1314 0.1622 0.1199 0.0310  -0.0202 0.0303  61  PHE A CE1 
581 C CE2 . PHE A 72 ? 0.0927 0.1109 0.0767 0.0257  -0.0103 0.0140  61  PHE A CE2 
582 C CZ  . PHE A 72 ? 0.0972 0.1307 0.0884 0.0292  -0.0157 0.0218  61  PHE A CZ  
583 N N   . ILE A 73 ? 0.1288 0.0793 0.0872 0.0234  -0.0084 0.0331  62  ILE A N   
584 C CA  . ILE A 73 ? 0.1795 0.1216 0.1289 0.0160  -0.0073 0.0382  62  ILE A CA  
585 C C   . ILE A 73 ? 0.1856 0.1330 0.1282 0.0140  -0.0132 0.0508  62  ILE A C   
586 O O   . ILE A 73 ? 0.1738 0.1183 0.1231 0.0215  -0.0189 0.0595  62  ILE A O   
587 C CB  . ILE A 73 ? 0.1832 0.1056 0.1364 0.0176  -0.0060 0.0392  62  ILE A CB  
588 C CG1 . ILE A 73 ? 0.2092 0.1287 0.1672 0.0177  -0.0013 0.0274  62  ILE A CG1 
589 C CG2 . ILE A 73 ? 0.2094 0.1255 0.1533 0.0080  -0.0054 0.0467  62  ILE A CG2 
590 C CD1 . ILE A 73 ? 0.2231 0.1238 0.1841 0.0179  -0.0006 0.0256  62  ILE A CD1 
591 N N   . ASP A 74 ? 0.1717 0.1275 0.1009 0.0041  -0.0119 0.0519  63  ASP A N   
592 C CA  . ASP A 74 ? 0.1794 0.1444 0.0990 -0.0005 -0.0173 0.0625  63  ASP A CA  
593 C C   . ASP A 74 ? 0.1714 0.1486 0.0976 0.0053  -0.0242 0.0647  63  ASP A C   
594 O O   . ASP A 74 ? 0.2064 0.1854 0.1354 0.0084  -0.0299 0.0735  63  ASP A O   
595 C CB  . ASP A 74 ? 0.1920 0.1457 0.1123 0.0002  -0.0190 0.0726  63  ASP A CB  
596 C CG  . ASP A 74 ? 0.5527 0.5030 0.4647 -0.0096 -0.0127 0.0723  63  ASP A CG  
597 O OD1 . ASP A 74 ? 0.3858 0.3464 0.2896 -0.0166 -0.0074 0.0645  63  ASP A OD1 
598 O OD2 . ASP A 74 ? 0.5602 0.4979 0.4745 -0.0101 -0.0126 0.0788  63  ASP A OD2 
599 N N   . ASP A 75 ? 0.1729 0.1592 0.1023 0.0062  -0.0233 0.0565  64  ASP A N   
600 C CA  . ASP A 75 ? 0.1913 0.1940 0.1277 0.0088  -0.0292 0.0576  64  ASP A CA  
601 C C   . ASP A 75 ? 0.1786 0.1805 0.1345 0.0221  -0.0323 0.0618  64  ASP A C   
602 O O   . ASP A 75 ? 0.1997 0.2175 0.1651 0.0249  -0.0362 0.0625  64  ASP A O   
603 C CB  . ASP A 75 ? 0.2115 0.2262 0.1384 0.0008  -0.0339 0.0615  64  ASP A CB  
604 C CG  . ASP A 75 ? 0.2563 0.2736 0.1667 -0.0111 -0.0289 0.0519  64  ASP A CG  
605 O OD1 . ASP A 75 ? 0.2476 0.2646 0.1566 -0.0132 -0.0246 0.0412  64  ASP A OD1 
606 O OD2 . ASP A 75 ? 0.3461 0.3647 0.2457 -0.0179 -0.0285 0.0544  64  ASP A OD2 
607 N N   . GLN A 76 ? 0.2370 0.1556 0.1320 0.0184  -0.0898 0.0011  65  GLN A N   
608 C CA  . GLN A 76 ? 0.2113 0.1363 0.1504 0.0196  -0.0939 0.0087  65  GLN A CA  
609 C C   . GLN A 76 ? 0.1752 0.1195 0.1457 0.0262  -0.0780 0.0021  65  GLN A C   
610 O O   . GLN A 76 ? 0.1638 0.1193 0.1255 0.0285  -0.0611 -0.0033 65  GLN A O   
611 C CB  . GLN A 76 ? 0.2815 0.2067 0.2180 0.0142  -0.0917 0.0178  65  GLN A CB  
612 C CG  . GLN A 76 ? 0.3497 0.2812 0.3354 0.0174  -0.0957 0.0213  65  GLN A CG  
613 C CD  . GLN A 76 ? 0.3617 0.2927 0.3487 0.0135  -0.0940 0.0284  65  GLN A CD  
614 O OE1 . GLN A 76 ? 0.4107 0.3450 0.3684 0.0091  -0.0820 0.0302  65  GLN A OE1 
615 N NE2 . GLN A 76 ? 0.4674 0.3969 0.4927 0.0138  -0.1025 0.0297  65  GLN A NE2 
616 N N   . HIS A 77 ? 0.1615 0.1091 0.1690 0.0277  -0.0843 0.0030  66  HIS A N   
617 C CA  . HIS A 77 ? 0.1350 0.0991 0.1683 0.0297  -0.0691 -0.0011 66  HIS A CA  
618 C C   . HIS A 77 ? 0.1315 0.1070 0.1759 0.0299  -0.0542 -0.0009 66  HIS A C   
619 O O   . HIS A 77 ? 0.1396 0.1157 0.2066 0.0297  -0.0584 0.0017  66  HIS A O   
620 C CB  . HIS A 77 ? 0.1296 0.0971 0.2006 0.0283  -0.0767 -0.0001 66  HIS A CB  
621 C CG  . HIS A 77 ? 0.1124 0.0947 0.2012 0.0259  -0.0608 -0.0030 66  HIS A CG  
622 N ND1 . HIS A 77 ? 0.1369 0.1328 0.2658 0.0225  -0.0544 -0.0036 66  HIS A ND1 
623 C CD2 . HIS A 77 ? 0.1081 0.0923 0.1790 0.0247  -0.0510 -0.0053 66  HIS A CD2 
624 C CE1 . HIS A 77 ? 0.1106 0.1155 0.2377 0.0171  -0.0391 -0.0052 66  HIS A CE1 
625 N NE2 . HIS A 77 ? 0.1190 0.1147 0.2113 0.0182  -0.0397 -0.0049 66  HIS A NE2 
626 N N   . ILE A 78 ? 0.1097 0.0923 0.1407 0.0306  -0.0397 -0.0046 67  ILE A N   
627 C CA  . ILE A 78 ? 0.1379 0.1279 0.1732 0.0303  -0.0271 -0.0052 67  ILE A CA  
628 C C   . ILE A 78 ? 0.1425 0.1416 0.1980 0.0283  -0.0162 -0.0092 67  ILE A C   
629 O O   . ILE A 78 ? 0.1722 0.1766 0.2435 0.0280  -0.0086 -0.0119 67  ILE A O   
630 C CB  . ILE A 78 ? 0.1341 0.1261 0.1455 0.0309  -0.0191 -0.0068 67  ILE A CB  
631 C CG1 . ILE A 78 ? 0.1799 0.1668 0.1672 0.0305  -0.0240 -0.0051 67  ILE A CG1 
632 C CG2 . ILE A 78 ? 0.2529 0.2498 0.2691 0.0297  -0.0099 -0.0064 67  ILE A CG2 
633 C CD1 . ILE A 78 ? 0.2406 0.2203 0.2256 0.0266  -0.0320 0.0028  67  ILE A CD1 
634 N N   . GLY A 79 ? 0.0965 0.0959 0.1504 0.0255  -0.0159 -0.0099 68  GLY A N   
635 C CA  . GLY A 79 ? 0.0861 0.0928 0.1504 0.0191  -0.0042 -0.0119 68  GLY A CA  
636 C C   . GLY A 79 ? 0.0971 0.0981 0.1382 0.0147  -0.0023 -0.0106 68  GLY A C   
637 O O   . GLY A 79 ? 0.1502 0.1435 0.1782 0.0177  -0.0125 -0.0096 68  GLY A O   
638 N N   . GLY A 80 ? 0.0983 0.1015 0.1339 0.0072  0.0096  -0.0119 69  GLY A N   
639 C CA  . GLY A 80 ? 0.1314 0.1248 0.1443 -0.0002 0.0071  -0.0083 69  GLY A CA  
640 C C   . GLY A 80 ? 0.1377 0.1251 0.1330 0.0009  0.0084  -0.0097 69  GLY A C   
641 O O   . GLY A 80 ? 0.1322 0.1231 0.1316 0.0090  0.0093  -0.0124 69  GLY A O   
642 N N   . CYS A 81 ? 0.1328 0.1090 0.1079 -0.0091 0.0064  -0.0062 70  CYS A N   
643 C CA  . CYS A 81 ? 0.1326 0.0997 0.0925 -0.0091 0.0024  -0.0063 70  CYS A CA  
644 C C   . CYS A 81 ? 0.1367 0.1086 0.0954 -0.0084 0.0156  -0.0124 70  CYS A C   
645 O O   . CYS A 81 ? 0.1221 0.0944 0.0844 -0.0016 0.0128  -0.0138 70  CYS A O   
646 C CB  . CYS A 81 ? 0.1942 0.1429 0.1300 -0.0227 -0.0071 0.0004  70  CYS A CB  
647 S SG  . CYS A 81 ? 0.2091 0.1419 0.1280 -0.0246 -0.0181 0.0016  70  CYS A SG  
648 N N   . ASP A 82 ? 0.1491 0.1259 0.1063 -0.0158 0.0304  -0.0169 71  ASP A N   
649 C CA  . ASP A 82 ? 0.1487 0.1290 0.1084 -0.0141 0.0427  -0.0266 71  ASP A CA  
650 C C   . ASP A 82 ? 0.1209 0.1110 0.1094 -0.0001 0.0399  -0.0290 71  ASP A C   
651 O O   . ASP A 82 ? 0.1443 0.1308 0.1336 0.0043  0.0383  -0.0318 71  ASP A O   
652 C CB  . ASP A 82 ? 0.1957 0.1839 0.1558 -0.0235 0.0624  -0.0353 71  ASP A CB  
653 C CG  . ASP A 82 ? 0.3811 0.3546 0.2992 -0.0411 0.0678  -0.0340 71  ASP A CG  
654 O OD1 . ASP A 82 ? 0.4255 0.3805 0.3180 -0.0461 0.0510  -0.0240 71  ASP A OD1 
655 O OD2 . ASP A 82 ? 0.4228 0.4030 0.3356 -0.0506 0.0867  -0.0429 71  ASP A OD2 
656 N N   . ASP A 83 ? 0.1176 0.1165 0.1268 0.0052  0.0359  -0.0261 72  ASP A N   
657 C CA  . ASP A 83 ? 0.1133 0.1168 0.1434 0.0150  0.0300  -0.0259 72  ASP A CA  
658 C C   . ASP A 83 ? 0.1158 0.1142 0.1347 0.0191  0.0207  -0.0202 72  ASP A C   
659 O O   . ASP A 83 ? 0.1234 0.1210 0.1494 0.0224  0.0184  -0.0200 72  ASP A O   
660 C CB  . ASP A 83 ? 0.1169 0.1264 0.1663 0.0180  0.0240  -0.0231 72  ASP A CB  
661 C CG  . ASP A 83 ? 0.1557 0.1754 0.2288 0.0141  0.0341  -0.0294 72  ASP A CG  
662 O OD1 . ASP A 83 ? 0.1993 0.2250 0.2897 0.0150  0.0447  -0.0393 72  ASP A OD1 
663 O OD2 . ASP A 83 ? 0.1718 0.1947 0.2495 0.0098  0.0323  -0.0259 72  ASP A OD2 
664 N N   . ILE A 84 ? 0.1094 0.1046 0.1142 0.0182  0.0152  -0.0161 73  ILE A N   
665 C CA  . ILE A 84 ? 0.0915 0.0873 0.0929 0.0218  0.0100  -0.0131 73  ILE A CA  
666 C C   . ILE A 84 ? 0.1251 0.1161 0.1215 0.0191  0.0108  -0.0134 73  ILE A C   
667 O O   . ILE A 84 ? 0.1107 0.1043 0.1123 0.0206  0.0093  -0.0108 73  ILE A O   
668 C CB  . ILE A 84 ? 0.1350 0.1314 0.1322 0.0241  0.0038  -0.0127 73  ILE A CB  
669 C CG1 . ILE A 84 ? 0.1834 0.1870 0.1828 0.0278  0.0038  -0.0125 73  ILE A CG1 
670 C CG2 . ILE A 84 ? 0.1553 0.1428 0.1451 0.0196  -0.0014 -0.0126 73  ILE A CG2 
671 C CD1 . ILE A 84 ? 0.2310 0.2375 0.2309 0.0324  0.0003  -0.0172 73  ILE A CD1 
672 N N   . TYR A 85 ? 0.1085 0.0905 0.0926 0.0131  0.0119  -0.0157 74  TYR A N   
673 C CA  . TYR A 85 ? 0.1401 0.1129 0.1158 0.0095  0.0100  -0.0169 74  TYR A CA  
674 C C   . TYR A 85 ? 0.1299 0.1030 0.1143 0.0115  0.0154  -0.0217 74  TYR A C   
675 O O   . TYR A 85 ? 0.1406 0.1093 0.1277 0.0118  0.0104  -0.0204 74  TYR A O   
676 C CB  . TYR A 85 ? 0.1566 0.1145 0.1080 -0.0003 0.0081  -0.0178 74  TYR A CB  
677 C CG  . TYR A 85 ? 0.1373 0.0874 0.0843 -0.0025 -0.0066 -0.0117 74  TYR A CG  
678 C CD1 . TYR A 85 ? 0.1573 0.0979 0.1034 -0.0043 -0.0182 -0.0095 74  TYR A CD1 
679 C CD2 . TYR A 85 ? 0.1351 0.0866 0.0849 -0.0020 -0.0117 -0.0087 74  TYR A CD2 
680 C CE1 . TYR A 85 ? 0.1508 0.0848 0.1029 -0.0050 -0.0346 -0.0051 74  TYR A CE1 
681 C CE2 . TYR A 85 ? 0.1412 0.0842 0.0945 -0.0024 -0.0283 -0.0051 74  TYR A CE2 
682 C CZ  . TYR A 85 ? 0.1490 0.0839 0.1055 -0.0037 -0.0397 -0.0037 74  TYR A CZ  
683 O OH  . TYR A 85 ? 0.1595 0.0865 0.1289 -0.0029 -0.0587 -0.0014 74  TYR A OH  
684 N N   . ALA A 86 ? 0.1272 0.1053 0.1212 0.0131  0.0236  -0.0277 75  ALA A N   
685 C CA  . ALA A 86 ? 0.1240 0.1019 0.1353 0.0171  0.0259  -0.0345 75  ALA A CA  
686 C C   . ALA A 86 ? 0.1048 0.0847 0.1310 0.0217  0.0152  -0.0257 75  ALA A C   
687 O O   . ALA A 86 ? 0.1234 0.0967 0.1565 0.0222  0.0096  -0.0258 75  ALA A O   
688 C CB  . ALA A 86 ? 0.1152 0.1014 0.1443 0.0188  0.0360  -0.0438 75  ALA A CB  
689 N N   . LEU A 87 ? 0.0973 0.0845 0.1251 0.0230  0.0119  -0.0179 76  LEU A N   
690 C CA  . LEU A 87 ? 0.1094 0.0974 0.1410 0.0232  0.0037  -0.0081 76  LEU A CA  
691 C C   . LEU A 87 ? 0.1023 0.0897 0.1268 0.0193  0.0017  -0.0027 76  LEU A C   
692 O O   . LEU A 87 ? 0.1271 0.1110 0.1577 0.0166  -0.0045 0.0035  76  LEU A O   
693 C CB  . LEU A 87 ? 0.1098 0.1038 0.1356 0.0238  0.0022  -0.0033 76  LEU A CB  
694 C CG  . LEU A 87 ? 0.1155 0.1083 0.1551 0.0265  -0.0022 -0.0050 76  LEU A CG  
695 C CD1 . LEU A 87 ? 0.1655 0.1609 0.1948 0.0269  -0.0044 -0.0025 76  LEU A CD1 
696 C CD2 . LEU A 87 ? 0.1759 0.1606 0.2285 0.0259  -0.0143 0.0008  76  LEU A CD2 
697 N N   . ASP A 88 ? 0.0915 0.0815 0.1070 0.0182  0.0046  -0.0044 77  ASP A N   
698 C CA  . ASP A 88 ? 0.1063 0.0978 0.1238 0.0149  0.0014  0.0000  77  ASP A CA  
699 C C   . ASP A 88 ? 0.1032 0.0820 0.1230 0.0124  -0.0041 -0.0017 77  ASP A C   
700 O O   . ASP A 88 ? 0.1345 0.1133 0.1634 0.0087  -0.0095 0.0050  77  ASP A O   
701 C CB  . ASP A 88 ? 0.1044 0.0990 0.1188 0.0153  0.0009  -0.0023 77  ASP A CB  
702 C CG  . ASP A 88 ? 0.1179 0.1217 0.1464 0.0132  -0.0015 0.0017  77  ASP A CG  
703 O OD1 . ASP A 88 ? 0.1234 0.1395 0.1598 0.0109  0.0031  0.0070  77  ASP A OD1 
704 O OD2 . ASP A 88 ? 0.1426 0.1414 0.1752 0.0121  -0.0086 0.0001  77  ASP A OD2 
705 N N   . GLY A 89 ? 0.1272 0.0950 0.1384 0.0132  -0.0021 -0.0113 78  GLY A N   
706 C CA  . GLY A 89 ? 0.1274 0.0805 0.1370 0.0114  -0.0069 -0.0168 78  GLY A CA  
707 C C   . GLY A 89 ? 0.1297 0.0798 0.1579 0.0139  -0.0121 -0.0159 78  GLY A C   
708 O O   . GLY A 89 ? 0.1419 0.0801 0.1753 0.0121  -0.0210 -0.0166 78  GLY A O   
709 N N   . ALA A 90 ? 0.1262 0.0841 0.1655 0.0172  -0.0103 -0.0135 79  ALA A N   
710 C CA  . ALA A 90 ? 0.1278 0.0793 0.1867 0.0186  -0.0206 -0.0104 79  ALA A CA  
711 C C   . ALA A 90 ? 0.1291 0.0829 0.1885 0.0113  -0.0297 0.0077  79  ALA A C   
712 O O   . ALA A 90 ? 0.1686 0.1132 0.2402 0.0088  -0.0424 0.0149  79  ALA A O   
713 C CB  . ALA A 90 ? 0.1245 0.0798 0.1980 0.0242  -0.0191 -0.0154 79  ALA A CB  
714 N N   . GLY A 91 ? 0.1216 0.0874 0.1694 0.0068  -0.0233 0.0146  80  GLY A N   
715 C CA  . GLY A 91 ? 0.1422 0.1153 0.1894 -0.0023 -0.0257 0.0297  80  GLY A CA  
716 C C   . GLY A 91 ? 0.1695 0.1485 0.2064 -0.0049 -0.0237 0.0370  80  GLY A C   
717 O O   . GLY A 91 ? 0.1639 0.1444 0.1952 -0.0154 -0.0270 0.0506  80  GLY A O   
718 N N   . LYS A 92 ? 0.1217 0.1028 0.1540 0.0025  -0.0191 0.0288  81  LYS A N   
719 C CA  . LYS A 92 ? 0.1294 0.1103 0.1510 0.0007  -0.0217 0.0342  81  LYS A CA  
720 C C   . LYS A 92 ? 0.1243 0.1191 0.1294 0.0016  -0.0098 0.0311  81  LYS A C   
721 O O   . LYS A 92 ? 0.1905 0.1839 0.1790 -0.0024 -0.0117 0.0362  81  LYS A O   
722 C CB  . LYS A 92 ? 0.1650 0.1361 0.2008 0.0083  -0.0296 0.0274  81  LYS A CB  
723 C CG  . LYS A 92 ? 0.2248 0.1806 0.2826 0.0087  -0.0446 0.0284  81  LYS A CG  
724 C CD  . LYS A 92 ? 0.2608 0.2118 0.3422 0.0170  -0.0512 0.0193  81  LYS A CD  
725 C CE  . LYS A 92 ? 0.3513 0.2868 0.4610 0.0184  -0.0691 0.0186  81  LYS A CE  
726 N NZ  . LYS A 92 ? 0.3931 0.3339 0.5285 0.0235  -0.0712 0.0061  81  LYS A NZ  
727 N N   . LEU A 93 ? 0.1156 0.1204 0.1237 0.0062  -0.0002 0.0227  82  LEU A N   
728 C CA  . LEU A 93 ? 0.1186 0.1336 0.1175 0.0098  0.0079  0.0164  82  LEU A CA  
729 C C   . LEU A 93 ? 0.1531 0.1817 0.1424 0.0036  0.0168  0.0192  82  LEU A C   
730 O O   . LEU A 93 ? 0.1287 0.1605 0.1016 0.0035  0.0210  0.0161  82  LEU A O   
731 C CB  . LEU A 93 ? 0.1232 0.1401 0.1303 0.0161  0.0104  0.0070  82  LEU A CB  
732 C CG  . LEU A 93 ? 0.1177 0.1418 0.1209 0.0208  0.0144  -0.0003 82  LEU A CG  
733 C CD1 . LEU A 93 ? 0.1550 0.1727 0.1481 0.0233  0.0110  -0.0017 82  LEU A CD1 
734 C CD2 . LEU A 93 ? 0.1625 0.1834 0.1738 0.0239  0.0114  -0.0057 82  LEU A CD2 
735 N N   . ASP A 94 ? 0.1232 0.1604 0.1227 -0.0028 0.0208  0.0241  83  ASP A N   
736 C CA  . ASP A 94 ? 0.1367 0.1923 0.1317 -0.0104 0.0340  0.0252  83  ASP A CA  
737 C C   . ASP A 94 ? 0.1614 0.2115 0.1257 -0.0211 0.0347  0.0339  83  ASP A C   
738 O O   . ASP A 94 ? 0.1778 0.2385 0.1243 -0.0241 0.0470  0.0281  83  ASP A O   
739 C CB  . ASP A 94 ? 0.1331 0.1993 0.1490 -0.0180 0.0367  0.0316  83  ASP A CB  
740 C CG  . ASP A 94 ? 0.1136 0.1857 0.1575 -0.0093 0.0352  0.0222  83  ASP A CG  
741 O OD1 . ASP A 94 ? 0.1047 0.1800 0.1522 0.0006  0.0371  0.0102  83  ASP A OD1 
742 O OD2 . ASP A 94 ? 0.1160 0.1869 0.1781 -0.0133 0.0291  0.0277  83  ASP A OD2 
743 N N   . ARG A 95 ? 0.1709 0.2014 0.1280 -0.0266 0.0193  0.0464  84  ARG A N   
744 C CA  . ARG A 95 ? 0.2842 0.3025 0.2100 -0.0390 0.0129  0.0582  84  ARG A CA  
745 C C   . ARG A 95 ? 0.2577 0.2695 0.1625 -0.0330 0.0115  0.0498  84  ARG A C   
746 O O   . ARG A 95 ? 0.3183 0.3257 0.1884 -0.0438 0.0133  0.0541  84  ARG A O   
747 C CB  . ARG A 95 ? 0.3559 0.3507 0.2877 -0.0438 -0.0097 0.0722  84  ARG A CB  
748 C CG  . ARG A 95 ? 0.4483 0.4231 0.3481 -0.0572 -0.0242 0.0862  84  ARG A CG  
749 C CD  . ARG A 95 ? 0.5234 0.4725 0.4386 -0.0597 -0.0516 0.0986  84  ARG A CD  
750 N NE  . ARG A 95 ? 0.5670 0.4983 0.4578 -0.0721 -0.0668 0.1077  84  ARG A NE  
751 C CZ  . ARG A 95 ? 0.6170 0.5445 0.4933 -0.0893 -0.0702 0.1188  84  ARG A CZ  
752 N NH1 . ARG A 95 ? 0.6227 0.5630 0.5081 -0.0958 -0.0602 0.1238  84  ARG A NH1 
753 N NH2 . ARG A 95 ? 0.6869 0.5965 0.5405 -0.1010 -0.0855 0.1256  84  ARG A NH2 
754 N N   . LEU A 96 ? 0.2114 0.2213 0.1344 -0.0177 0.0077  0.0383  85  LEU A N   
755 C CA  . LEU A 96 ? 0.2483 0.2518 0.1564 -0.0119 0.0044  0.0305  85  LEU A CA  
756 C C   . LEU A 96 ? 0.2973 0.3168 0.1932 -0.0092 0.0215  0.0168  85  LEU A C   
757 O O   . LEU A 96 ? 0.2567 0.2696 0.1284 -0.0091 0.0200  0.0111  85  LEU A O   
758 C CB  . LEU A 96 ? 0.2653 0.2631 0.1986 0.0009  -0.0041 0.0238  85  LEU A CB  
759 C CG  . LEU A 96 ? 0.2949 0.2774 0.2448 0.0011  -0.0208 0.0312  85  LEU A CG  
760 C CD1 . LEU A 96 ? 0.2676 0.2525 0.2449 0.0122  -0.0204 0.0213  85  LEU A CD1 
761 C CD2 . LEU A 96 ? 0.3150 0.2796 0.2462 -0.0053 -0.0377 0.0396  85  LEU A CD2 
762 N N   . LEU A 97 ? 0.2518 0.2914 0.1671 -0.0070 0.0360  0.0103  86  LEU A N   
763 C CA  . LEU A 97 ? 0.2346 0.2913 0.1539 -0.0004 0.0508  -0.0070 86  LEU A CA  
764 C C   . LEU A 97 ? 0.4129 0.4850 0.3089 -0.0090 0.0704  -0.0148 86  LEU A C   
765 O O   . LEU A 97 ? 0.4458 0.5264 0.3537 0.0006  0.0788  -0.0322 86  LEU A O   
766 C CB  . LEU A 97 ? 0.2206 0.2902 0.1795 0.0087  0.0535  -0.0140 86  LEU A CB  
767 C CG  . LEU A 97 ? 0.2033 0.2601 0.1789 0.0190  0.0394  -0.0156 86  LEU A CG  
768 C CD1 . LEU A 97 ? 0.1719 0.2369 0.1786 0.0232  0.0391  -0.0189 86  LEU A CD1 
769 C CD2 . LEU A 97 ? 0.2224 0.2716 0.1911 0.0274  0.0342  -0.0263 86  LEU A CD2 
770 N N   . HIS A 98 ? 0.5661 0.6355 0.4347 -0.0255 0.0754  -0.0024 87  HIS A N   
771 C CA  . HIS A 98 ? 0.5796 0.6397 0.4404 -0.0399 0.0657  0.0196  87  HIS A CA  
772 C C   . HIS A 98 ? 0.5722 0.6524 0.4532 -0.0483 0.0809  0.0236  87  HIS A C   
773 O O   . HIS A 98 ? 0.5956 0.6860 0.4683 -0.0528 0.0967  0.0178  87  HIS A O   
774 C CB  . HIS A 98 ? 0.5893 0.6232 0.4074 -0.0518 0.0523  0.0320  87  HIS A CB  
775 C CG  . HIS A 98 ? 0.6278 0.6665 0.4206 -0.0614 0.0667  0.0293  87  HIS A CG  
776 N ND1 . HIS A 98 ? 0.5982 0.6561 0.3961 -0.0537 0.0877  0.0100  87  HIS A ND1 
777 C CD2 . HIS A 98 ? 0.6742 0.6999 0.4363 -0.0786 0.0619  0.0433  87  HIS A CD2 
778 C CE1 . HIS A 98 ? 0.6801 0.7389 0.4491 -0.0660 0.0981  0.0118  87  HIS A CE1 
779 N NE2 . HIS A 98 ? 0.6745 0.7140 0.4193 -0.0822 0.0829  0.0323  87  HIS A NE2 
780 N N   . SER A 99 ? 0.5693 0.6536 0.4802 -0.0486 0.0744  0.0326  88  SER A N   
781 C CA  . SER A 99 ? 0.4172 0.5214 0.3554 -0.0571 0.0846  0.0383  88  SER A CA  
782 C C   . SER A 99 ? 0.3059 0.4326 0.2908 -0.0431 0.0929  0.0223  88  SER A C   
783 O O   . SER A 99 ? 0.1956 0.3204 0.1906 -0.0268 0.0900  0.0070  88  SER A O   
784 C CB  . SER A 99 ? 0.5383 0.6460 0.4576 -0.0719 0.0972  0.0439  88  SER A CB  
785 O OG  . SER A 99 ? 0.5173 0.6128 0.4305 -0.0882 0.0859  0.0653  88  SER A OG  
# 
loop_
_pdbx_poly_seq_scheme.asym_id 
_pdbx_poly_seq_scheme.entity_id 
_pdbx_poly_seq_scheme.seq_id 
_pdbx_poly_seq_scheme.mon_id 
_pdbx_poly_seq_scheme.ndb_seq_num 
_pdbx_poly_seq_scheme.pdb_seq_num 
_pdbx_poly_seq_scheme.auth_seq_num 
_pdbx_poly_seq_scheme.pdb_mon_id 
_pdbx_poly_seq_scheme.auth_mon_id 
_pdbx_poly_seq_scheme.pdb_strand_id 
_pdbx_poly_seq_scheme.pdb_ins_code 
_pdbx_poly_seq_scheme.hetero 
A 1 1  MET 1  -10 -10 MET MET A . n 
A 1 2  ARG 2  -9  -9  ARG ARG A . n 
A 1 3  GLY 3  -8  -8  GLY GLY A . n 
A 1 4  SER 4  -7  -7  SER SER A . n 
A 1 5  HIS 5  -6  -6  HIS HIS A . n 
A 1 6  HIS 6  -5  -5  HIS HIS A . n 
A 1 7  HIS 7  -4  -4  HIS HIS A . n 
A 1 8  HIS 8  -3  -3  HIS HIS A . n 
A 1 9  HIS 9  -2  -2  HIS HIS A . n 
A 1 10 HIS 10 -1  -1  HIS HIS A . n 
A 1 11 GLY 11 0   0   GLY GLY A . n 
A 1 12 SER 12 1   1   SER SER A . n 
A 1 13 ALA 13 2   2   ALA ALA A . n 
A 1 14 VAL 14 3   3   VAL VAL A . n 
A 1 15 SER 15 4   4   SER SER A . n 
A 1 16 ALA 16 5   5   ALA ALA A . n 
A 1 17 LYS 17 6   6   LYS LYS A . n 
A 1 18 ILE 18 7   7   ILE ILE A . n 
A 1 19 GLU 19 8   8   GLU GLU A . n 
A 1 20 ILE 20 9   9   ILE ILE A . n 
A 1 21 TYR 21 10  10  TYR TYR A . n 
A 1 22 THR 22 11  11  THR THR A . n 
A 1 23 TRP 23 12  12  TRP TRP A . n 
A 1 24 SER 24 13  13  SER SER A . n 
A 1 25 THR 25 14  14  THR THR A . n 
A 1 26 CYS 26 15  15  CYS CYS A . n 
A 1 27 PRO 27 16  16  PRO PRO A . n 
A 1 28 PHE 28 17  17  PHE PHE A . n 
A 1 29 CYS 29 18  18  CYS CYS A . n 
A 1 30 MET 30 19  19  MET MET A . n 
A 1 31 ARG 31 20  20  ARG ARG A . n 
A 1 32 ALA 32 21  21  ALA ALA A . n 
A 1 33 LEU 33 22  22  LEU LEU A . n 
A 1 34 ALA 34 23  23  ALA ALA A . n 
A 1 35 LEU 35 24  24  LEU LEU A . n 
A 1 36 LEU 36 25  25  LEU LEU A . n 
A 1 37 LYS 37 26  26  LYS LYS A . n 
A 1 38 ARG 38 27  27  ARG ARG A . n 
A 1 39 LYS 39 28  28  LYS LYS A . n 
A 1 40 GLY 40 29  29  GLY GLY A . n 
A 1 41 VAL 41 30  30  VAL VAL A . n 
A 1 42 GLU 42 31  31  GLU GLU A . n 
A 1 43 PHE 43 32  32  PHE PHE A . n 
A 1 44 GLN 44 33  33  GLN GLN A . n 
A 1 45 GLU 45 34  34  GLU GLU A . n 
A 1 46 TYR 46 35  35  TYR TYR A . n 
A 1 47 CYS 47 36  36  CYS CYS A . n 
A 1 48 ILE 48 37  37  ILE ILE A . n 
A 1 49 ASP 49 38  38  ASP ASP A . n 
A 1 50 GLY 50 39  39  GLY GLY A . n 
A 1 51 ASP 51 40  40  ASP ASP A . n 
A 1 52 ASN 52 41  41  ASN ASN A . n 
A 1 53 GLU 53 42  42  GLU GLU A . n 
A 1 54 ALA 54 43  43  ALA ALA A . n 
A 1 55 ARG 55 44  44  ARG ARG A . n 
A 1 56 GLU 56 45  45  GLU GLU A . n 
A 1 57 ALA 57 46  46  ALA ALA A . n 
A 1 58 MET 58 47  47  MET MET A . n 
A 1 59 ALA 59 48  48  ALA ALA A . n 
A 1 60 ALA 60 49  49  ALA ALA A . n 
A 1 61 ARG 61 50  50  ARG ARG A . n 
A 1 62 ALA 62 51  51  ALA ALA A . n 
A 1 63 ASN 63 52  52  ASN ASN A . n 
A 1 64 GLY 64 53  53  GLY GLY A . n 
A 1 65 LYS 65 54  54  LYS LYS A . n 
A 1 66 ARG 66 55  55  ARG ARG A . n 
A 1 67 SER 67 56  56  SER SER A . n 
A 1 68 LEU 68 57  57  LEU LEU A . n 
A 1 69 PRO 69 58  58  PRO PRO A . n 
A 1 70 GLN 70 59  59  GLN GLN A . n 
A 1 71 ILE 71 60  60  ILE ILE A . n 
A 1 72 PHE 72 61  61  PHE PHE A . n 
A 1 73 ILE 73 62  62  ILE ILE A . n 
A 1 74 ASP 74 63  63  ASP ASP A . n 
A 1 75 ASP 75 64  64  ASP ASP A . n 
A 1 76 GLN 76 65  65  GLN GLN A . n 
A 1 77 HIS 77 66  66  HIS HIS A . n 
A 1 78 ILE 78 67  67  ILE ILE A . n 
A 1 79 GLY 79 68  68  GLY GLY A . n 
A 1 80 GLY 80 69  69  GLY GLY A . n 
A 1 81 CYS 81 70  70  CYS CYS A . n 
A 1 82 ASP 82 71  71  ASP ASP A . n 
A 1 83 ASP 83 72  72  ASP ASP A . n 
A 1 84 ILE 84 73  73  ILE ILE A . n 
A 1 85 TYR 85 74  74  TYR TYR A . n 
A 1 86 ALA 86 75  75  ALA ALA A . n 
A 1 87 LEU 87 76  76  LEU LEU A . n 
A 1 88 ASP 88 77  77  ASP ASP A . n 
A 1 89 GLY 89 78  78  GLY GLY A . n 
A 1 90 ALA 90 79  79  ALA ALA A . n 
A 1 91 GLY 91 80  80  GLY GLY A . n 
A 1 92 LYS 92 81  81  LYS LYS A . n 
A 1 93 LEU 93 82  82  LEU LEU A . n 
A 1 94 ASP 94 83  83  ASP ASP A . n 
A 1 95 ARG 95 84  84  ARG ARG A . n 
A 1 96 LEU 96 85  85  LEU LEU A . n 
A 1 97 LEU 97 86  86  LEU LEU A . n 
A 1 98 HIS 98 87  87  HIS HIS A . n 
A 1 99 SER 99 88  88  SER SER A . n 
# 
loop_
_pdbx_nonpoly_scheme.asym_id 
_pdbx_nonpoly_scheme.entity_id 
_pdbx_nonpoly_scheme.mon_id 
_pdbx_nonpoly_scheme.ndb_seq_num 
_pdbx_nonpoly_scheme.pdb_seq_num 
_pdbx_nonpoly_scheme.auth_seq_num 
_pdbx_nonpoly_scheme.pdb_mon_id 
_pdbx_nonpoly_scheme.auth_mon_id 
_pdbx_nonpoly_scheme.pdb_strand_id 
_pdbx_nonpoly_scheme.pdb_ins_code 
B 2 SO4 1  101 1  SO4 SO4 A . 
C 3 HOH 1  201 1  HOH HOH A . 
C 3 HOH 2  202 2  HOH HOH A . 
C 3 HOH 3  203 3  HOH HOH A . 
C 3 HOH 4  204 4  HOH HOH A . 
C 3 HOH 5  205 5  HOH HOH A . 
C 3 HOH 6  206 6  HOH HOH A . 
C 3 HOH 7  207 7  HOH HOH A . 
C 3 HOH 8  208 8  HOH HOH A . 
C 3 HOH 9  209 9  HOH HOH A . 
C 3 HOH 10 210 10 HOH HOH A . 
C 3 HOH 11 211 11 HOH HOH A . 
C 3 HOH 12 212 12 HOH HOH A . 
C 3 HOH 13 213 13 HOH HOH A . 
C 3 HOH 14 214 14 HOH HOH A . 
C 3 HOH 15 215 15 HOH HOH A . 
C 3 HOH 16 216 16 HOH HOH A . 
C 3 HOH 17 217 17 HOH HOH A . 
C 3 HOH 18 218 18 HOH HOH A . 
C 3 HOH 19 219 19 HOH HOH A . 
C 3 HOH 20 220 20 HOH HOH A . 
C 3 HOH 21 221 21 HOH HOH A . 
C 3 HOH 22 222 22 HOH HOH A . 
C 3 HOH 23 223 23 HOH HOH A . 
C 3 HOH 24 224 24 HOH HOH A . 
C 3 HOH 25 225 25 HOH HOH A . 
C 3 HOH 26 226 26 HOH HOH A . 
C 3 HOH 27 227 27 HOH HOH A . 
C 3 HOH 28 228 28 HOH HOH A . 
C 3 HOH 29 229 29 HOH HOH A . 
C 3 HOH 30 230 30 HOH HOH A . 
C 3 HOH 31 231 31 HOH HOH A . 
C 3 HOH 32 232 32 HOH HOH A . 
C 3 HOH 33 233 33 HOH HOH A . 
C 3 HOH 34 234 34 HOH HOH A . 
C 3 HOH 35 235 35 HOH HOH A . 
C 3 HOH 36 236 36 HOH HOH A . 
C 3 HOH 37 237 37 HOH HOH A . 
C 3 HOH 38 238 38 HOH HOH A . 
C 3 HOH 39 239 39 HOH HOH A . 
C 3 HOH 40 240 40 HOH HOH A . 
C 3 HOH 41 241 41 HOH HOH A . 
C 3 HOH 42 242 42 HOH HOH A . 
C 3 HOH 43 243 43 HOH HOH A . 
C 3 HOH 44 244 44 HOH HOH A . 
C 3 HOH 45 245 45 HOH HOH A . 
C 3 HOH 46 246 46 HOH HOH A . 
C 3 HOH 47 247 47 HOH HOH A . 
C 3 HOH 48 248 48 HOH HOH A . 
C 3 HOH 49 249 49 HOH HOH A . 
C 3 HOH 50 250 50 HOH HOH A . 
C 3 HOH 51 251 51 HOH HOH A . 
C 3 HOH 52 252 52 HOH HOH A . 
C 3 HOH 53 253 53 HOH HOH A . 
C 3 HOH 54 254 54 HOH HOH A . 
C 3 HOH 55 255 55 HOH HOH A . 
C 3 HOH 56 256 56 HOH HOH A . 
C 3 HOH 57 257 57 HOH HOH A . 
C 3 HOH 58 258 58 HOH HOH A . 
C 3 HOH 59 259 59 HOH HOH A . 
C 3 HOH 60 260 60 HOH HOH A . 
C 3 HOH 61 261 61 HOH HOH A . 
C 3 HOH 62 262 62 HOH HOH A . 
C 3 HOH 63 263 63 HOH HOH A . 
C 3 HOH 64 264 64 HOH HOH A . 
C 3 HOH 65 265 65 HOH HOH A . 
C 3 HOH 66 266 66 HOH HOH A . 
C 3 HOH 67 267 67 HOH HOH A . 
C 3 HOH 68 268 68 HOH HOH A . 
C 3 HOH 69 269 69 HOH HOH A . 
C 3 HOH 70 270 70 HOH HOH A . 
C 3 HOH 71 271 71 HOH HOH A . 
C 3 HOH 72 272 72 HOH HOH A . 
C 3 HOH 73 273 73 HOH HOH A . 
C 3 HOH 74 274 74 HOH HOH A . 
C 3 HOH 75 275 75 HOH HOH A . 
C 3 HOH 76 276 76 HOH HOH A . 
C 3 HOH 77 277 77 HOH HOH A . 
C 3 HOH 78 278 78 HOH HOH A . 
C 3 HOH 79 279 79 HOH HOH A . 
C 3 HOH 80 280 80 HOH HOH A . 
C 3 HOH 81 281 81 HOH HOH A . 
C 3 HOH 82 282 82 HOH HOH A . 
C 3 HOH 83 283 83 HOH HOH A . 
C 3 HOH 84 284 84 HOH HOH A . 
C 3 HOH 85 285 85 HOH HOH A . 
C 3 HOH 86 286 86 HOH HOH A . 
C 3 HOH 87 287 87 HOH HOH A . 
C 3 HOH 88 288 88 HOH HOH A . 
C 3 HOH 89 289 89 HOH HOH A . 
C 3 HOH 90 290 90 HOH HOH A . 
C 3 HOH 91 291 91 HOH HOH A . 
C 3 HOH 92 292 92 HOH HOH A . 
C 3 HOH 93 293 93 HOH HOH A . 
# 
_pdbx_struct_assembly.id                   1 
_pdbx_struct_assembly.details              author_and_software_defined_assembly 
_pdbx_struct_assembly.method_details       PISA 
_pdbx_struct_assembly.oligomeric_details   monomeric 
_pdbx_struct_assembly.oligomeric_count     1 
# 
_pdbx_struct_assembly_gen.assembly_id       1 
_pdbx_struct_assembly_gen.oper_expression   1 
_pdbx_struct_assembly_gen.asym_id_list      A,B,C 
# 
_pdbx_struct_oper_list.id                   1 
_pdbx_struct_oper_list.type                 'identity operation' 
_pdbx_struct_oper_list.name                 1_555 
_pdbx_struct_oper_list.symmetry_operation   x,y,z 
_pdbx_struct_oper_list.matrix[1][1]         1.0000000000 
_pdbx_struct_oper_list.matrix[1][2]         0.0000000000 
_pdbx_struct_oper_list.matrix[1][3]         0.0000000000 
_pdbx_struct_oper_list.vector[1]            0.0000000000 
_pdbx_struct_oper_list.matrix[2][1]         0.0000000000 
_pdbx_struct_oper_list.matrix[2][2]         1.0000000000 
_pdbx_struct_oper_list.matrix[2][3]         0.0000000000 
_pdbx_struct_oper_list.vector[2]            0.0000000000 
_pdbx_struct_oper_list.matrix[3][1]         0.0000000000 
_pdbx_struct_oper_list.matrix[3][2]         0.0000000000 
_pdbx_struct_oper_list.matrix[3][3]         1.0000000000 
_pdbx_struct_oper_list.vector[3]            0.0000000000 
# 
loop_
_pdbx_audit_revision_history.ordinal 
_pdbx_audit_revision_history.data_content_type 
_pdbx_audit_revision_history.major_revision 
_pdbx_audit_revision_history.minor_revision 
_pdbx_audit_revision_history.revision_date 
1 'Structure model' 1 0 2014-04-30 
2 'Structure model' 1 1 2023-09-20 
# 
_pdbx_audit_revision_details.ordinal             1 
_pdbx_audit_revision_details.revision_ordinal    1 
_pdbx_audit_revision_details.data_content_type   'Structure model' 
_pdbx_audit_revision_details.provider            repository 
_pdbx_audit_revision_details.type                'Initial release' 
_pdbx_audit_revision_details.description         ? 
_pdbx_audit_revision_details.details             ? 
# 
loop_
_pdbx_audit_revision_group.ordinal 
_pdbx_audit_revision_group.revision_ordinal 
_pdbx_audit_revision_group.data_content_type 
_pdbx_audit_revision_group.group 
1 2 'Structure model' 'Data collection'        
2 2 'Structure model' 'Database references'    
3 2 'Structure model' 'Derived calculations'   
4 2 'Structure model' 'Refinement description' 
# 
loop_
_pdbx_audit_revision_category.ordinal 
_pdbx_audit_revision_category.revision_ordinal 
_pdbx_audit_revision_category.data_content_type 
_pdbx_audit_revision_category.category 
1 2 'Structure model' chem_comp_atom                
2 2 'Structure model' chem_comp_bond                
3 2 'Structure model' database_2                    
4 2 'Structure model' pdbx_initial_refinement_model 
5 2 'Structure model' struct_ref_seq_dif            
6 2 'Structure model' struct_site                   
# 
loop_
_pdbx_audit_revision_item.ordinal 
_pdbx_audit_revision_item.revision_ordinal 
_pdbx_audit_revision_item.data_content_type 
_pdbx_audit_revision_item.item 
1 2 'Structure model' '_database_2.pdbx_DOI'                
2 2 'Structure model' '_database_2.pdbx_database_accession' 
3 2 'Structure model' '_struct_ref_seq_dif.details'         
4 2 'Structure model' '_struct_site.pdbx_auth_asym_id'      
5 2 'Structure model' '_struct_site.pdbx_auth_comp_id'      
6 2 'Structure model' '_struct_site.pdbx_auth_seq_id'       
# 
loop_
_pdbx_refine_tls.pdbx_refine_id 
_pdbx_refine_tls.id 
_pdbx_refine_tls.details 
_pdbx_refine_tls.method 
_pdbx_refine_tls.origin_x 
_pdbx_refine_tls.origin_y 
_pdbx_refine_tls.origin_z 
_pdbx_refine_tls.T[1][1] 
_pdbx_refine_tls.T[2][2] 
_pdbx_refine_tls.T[3][3] 
_pdbx_refine_tls.T[1][2] 
_pdbx_refine_tls.T[1][3] 
_pdbx_refine_tls.T[2][3] 
_pdbx_refine_tls.L[1][1] 
_pdbx_refine_tls.L[2][2] 
_pdbx_refine_tls.L[3][3] 
_pdbx_refine_tls.L[1][2] 
_pdbx_refine_tls.L[1][3] 
_pdbx_refine_tls.L[2][3] 
_pdbx_refine_tls.S[1][1] 
_pdbx_refine_tls.S[1][2] 
_pdbx_refine_tls.S[1][3] 
_pdbx_refine_tls.S[2][1] 
_pdbx_refine_tls.S[2][2] 
_pdbx_refine_tls.S[2][3] 
_pdbx_refine_tls.S[3][1] 
_pdbx_refine_tls.S[3][2] 
_pdbx_refine_tls.S[3][3] 
'X-RAY DIFFRACTION' 1 ? refined -13.5955 -5.9239 19.9090 0.3051 0.1577 0.2239 -0.0551 0.0124 -0.0266 8.3910 3.0640 3.8598 1.0985 0.6199  -0.3624 -0.1009 0.3156  0.7655  -0.3979 0.2371  -0.5089 -0.7010 0.5851  0.0163  
'X-RAY DIFFRACTION' 2 ? refined 3.1475   4.7363  -3.6762 0.0615 0.0443 0.0376 0.0146  0.0060 -0.0087 2.4132 1.5561 2.4899 0.8568 -0.0328 -0.4607 0.0106  -0.0068 -0.0275 0.0645  -0.0241 -0.0217 0.0055  0.1819  0.0155  
'X-RAY DIFFRACTION' 3 ? refined 0.2917   -8.8148 -2.7683 0.0904 0.0948 0.0933 0.0233  0.0036 0.0013  3.1159 4.9061 1.6984 1.5407 1.9679  0.4857  0.0387  -0.2222 -0.2019 0.1883  -0.0096 -0.1127 0.0756  -0.1304 -0.0514  
# 
loop_
_pdbx_refine_tls_group.pdbx_refine_id 
_pdbx_refine_tls_group.id 
_pdbx_refine_tls_group.refine_tls_id 
_pdbx_refine_tls_group.beg_auth_asym_id 
_pdbx_refine_tls_group.beg_auth_seq_id 
_pdbx_refine_tls_group.beg_label_asym_id 
_pdbx_refine_tls_group.beg_label_seq_id 
_pdbx_refine_tls_group.end_auth_asym_id 
_pdbx_refine_tls_group.end_auth_seq_id 
_pdbx_refine_tls_group.end_label_asym_id 
_pdbx_refine_tls_group.end_label_seq_id 
_pdbx_refine_tls_group.selection 
_pdbx_refine_tls_group.selection_details 
'X-RAY DIFFRACTION' 1 1 ? ? ? ? ? ? ? ? ? 
;chain 'A' and (resid -10 through 4 )
;
'X-RAY DIFFRACTION' 2 2 ? ? ? ? ? ? ? ? ? 
;chain 'A' and (resid 5 through 64 )
;
'X-RAY DIFFRACTION' 3 3 ? ? ? ? ? ? ? ? ? 
;chain 'A' and (resid 65 through 88 )
;
# 
loop_
_software.name 
_software.classification 
_software.version 
_software.citation_id 
_software.pdbx_ordinal 
HKL-2000  'data collection' .                             ? 1 
PHASER    phasing           .                             ? 2 
PHENIX    refinement        '(phenix.refine: 1.8.2_1309)' ? 3 
HKL-2000  'data reduction'  .                             ? 4 
SCALEPACK 'data scaling'    .                             ? 5 
# 
loop_
_pdbx_validate_close_contact.id 
_pdbx_validate_close_contact.PDB_model_num 
_pdbx_validate_close_contact.auth_atom_id_1 
_pdbx_validate_close_contact.auth_asym_id_1 
_pdbx_validate_close_contact.auth_comp_id_1 
_pdbx_validate_close_contact.auth_seq_id_1 
_pdbx_validate_close_contact.PDB_ins_code_1 
_pdbx_validate_close_contact.label_alt_id_1 
_pdbx_validate_close_contact.auth_atom_id_2 
_pdbx_validate_close_contact.auth_asym_id_2 
_pdbx_validate_close_contact.auth_comp_id_2 
_pdbx_validate_close_contact.auth_seq_id_2 
_pdbx_validate_close_contact.PDB_ins_code_2 
_pdbx_validate_close_contact.label_alt_id_2 
_pdbx_validate_close_contact.dist 
1 1 O A HOH 278 ? ? O A HOH 281 ? ? 1.89 
2 1 O A HOH 260 ? ? O A HOH 263 ? ? 1.95 
3 1 O A HOH 257 ? ? O A HOH 276 ? ? 2.08 
# 
loop_
_pdbx_validate_symm_contact.id 
_pdbx_validate_symm_contact.PDB_model_num 
_pdbx_validate_symm_contact.auth_atom_id_1 
_pdbx_validate_symm_contact.auth_asym_id_1 
_pdbx_validate_symm_contact.auth_comp_id_1 
_pdbx_validate_symm_contact.auth_seq_id_1 
_pdbx_validate_symm_contact.PDB_ins_code_1 
_pdbx_validate_symm_contact.label_alt_id_1 
_pdbx_validate_symm_contact.site_symmetry_1 
_pdbx_validate_symm_contact.auth_atom_id_2 
_pdbx_validate_symm_contact.auth_asym_id_2 
_pdbx_validate_symm_contact.auth_comp_id_2 
_pdbx_validate_symm_contact.auth_seq_id_2 
_pdbx_validate_symm_contact.PDB_ins_code_2 
_pdbx_validate_symm_contact.label_alt_id_2 
_pdbx_validate_symm_contact.site_symmetry_2 
_pdbx_validate_symm_contact.dist 
1 1 O   A HOH 255 ? ? 1_555 O   A HOH 256 ? ? 3_855 1.76 
2 1 OE1 A GLU 31  ? ? 1_555 ND2 A ASN 41  ? A 4_575 2.05 
# 
loop_
_pdbx_validate_torsion.id 
_pdbx_validate_torsion.PDB_model_num 
_pdbx_validate_torsion.auth_comp_id 
_pdbx_validate_torsion.auth_asym_id 
_pdbx_validate_torsion.auth_seq_id 
_pdbx_validate_torsion.PDB_ins_code 
_pdbx_validate_torsion.label_alt_id 
_pdbx_validate_torsion.phi 
_pdbx_validate_torsion.psi 
1 1 HIS A -3 ? ? -163.52 48.41  
2 1 ASP A 38 ? ? -38.32  119.96 
3 1 ALA A 51 ? ? -105.91 43.89  
4 1 ASP A 64 ? ? 74.87   -1.05  
# 
_pdbx_validate_peptide_omega.id               1 
_pdbx_validate_peptide_omega.PDB_model_num    1 
_pdbx_validate_peptide_omega.auth_comp_id_1   THR 
_pdbx_validate_peptide_omega.auth_asym_id_1   A 
_pdbx_validate_peptide_omega.auth_seq_id_1    11 
_pdbx_validate_peptide_omega.PDB_ins_code_1   ? 
_pdbx_validate_peptide_omega.label_alt_id_1   ? 
_pdbx_validate_peptide_omega.auth_comp_id_2   TRP 
_pdbx_validate_peptide_omega.auth_asym_id_2   A 
_pdbx_validate_peptide_omega.auth_seq_id_2    12 
_pdbx_validate_peptide_omega.PDB_ins_code_2   ? 
_pdbx_validate_peptide_omega.label_alt_id_2   ? 
_pdbx_validate_peptide_omega.omega            147.51 
# 
loop_
_chem_comp_atom.comp_id 
_chem_comp_atom.atom_id 
_chem_comp_atom.type_symbol 
_chem_comp_atom.pdbx_aromatic_flag 
_chem_comp_atom.pdbx_stereo_config 
_chem_comp_atom.pdbx_ordinal 
ALA N    N N N 1   
ALA CA   C N S 2   
ALA C    C N N 3   
ALA O    O N N 4   
ALA CB   C N N 5   
ALA OXT  O N N 6   
ALA H    H N N 7   
ALA H2   H N N 8   
ALA HA   H N N 9   
ALA HB1  H N N 10  
ALA HB2  H N N 11  
ALA HB3  H N N 12  
ALA HXT  H N N 13  
ARG N    N N N 14  
ARG CA   C N S 15  
ARG C    C N N 16  
ARG O    O N N 17  
ARG CB   C N N 18  
ARG CG   C N N 19  
ARG CD   C N N 20  
ARG NE   N N N 21  
ARG CZ   C N N 22  
ARG NH1  N N N 23  
ARG NH2  N N N 24  
ARG OXT  O N N 25  
ARG H    H N N 26  
ARG H2   H N N 27  
ARG HA   H N N 28  
ARG HB2  H N N 29  
ARG HB3  H N N 30  
ARG HG2  H N N 31  
ARG HG3  H N N 32  
ARG HD2  H N N 33  
ARG HD3  H N N 34  
ARG HE   H N N 35  
ARG HH11 H N N 36  
ARG HH12 H N N 37  
ARG HH21 H N N 38  
ARG HH22 H N N 39  
ARG HXT  H N N 40  
ASN N    N N N 41  
ASN CA   C N S 42  
ASN C    C N N 43  
ASN O    O N N 44  
ASN CB   C N N 45  
ASN CG   C N N 46  
ASN OD1  O N N 47  
ASN ND2  N N N 48  
ASN OXT  O N N 49  
ASN H    H N N 50  
ASN H2   H N N 51  
ASN HA   H N N 52  
ASN HB2  H N N 53  
ASN HB3  H N N 54  
ASN HD21 H N N 55  
ASN HD22 H N N 56  
ASN HXT  H N N 57  
ASP N    N N N 58  
ASP CA   C N S 59  
ASP C    C N N 60  
ASP O    O N N 61  
ASP CB   C N N 62  
ASP CG   C N N 63  
ASP OD1  O N N 64  
ASP OD2  O N N 65  
ASP OXT  O N N 66  
ASP H    H N N 67  
ASP H2   H N N 68  
ASP HA   H N N 69  
ASP HB2  H N N 70  
ASP HB3  H N N 71  
ASP HD2  H N N 72  
ASP HXT  H N N 73  
CYS N    N N N 74  
CYS CA   C N R 75  
CYS C    C N N 76  
CYS O    O N N 77  
CYS CB   C N N 78  
CYS SG   S N N 79  
CYS OXT  O N N 80  
CYS H    H N N 81  
CYS H2   H N N 82  
CYS HA   H N N 83  
CYS HB2  H N N 84  
CYS HB3  H N N 85  
CYS HG   H N N 86  
CYS HXT  H N N 87  
GLN N    N N N 88  
GLN CA   C N S 89  
GLN C    C N N 90  
GLN O    O N N 91  
GLN CB   C N N 92  
GLN CG   C N N 93  
GLN CD   C N N 94  
GLN OE1  O N N 95  
GLN NE2  N N N 96  
GLN OXT  O N N 97  
GLN H    H N N 98  
GLN H2   H N N 99  
GLN HA   H N N 100 
GLN HB2  H N N 101 
GLN HB3  H N N 102 
GLN HG2  H N N 103 
GLN HG3  H N N 104 
GLN HE21 H N N 105 
GLN HE22 H N N 106 
GLN HXT  H N N 107 
GLU N    N N N 108 
GLU CA   C N S 109 
GLU C    C N N 110 
GLU O    O N N 111 
GLU CB   C N N 112 
GLU CG   C N N 113 
GLU CD   C N N 114 
GLU OE1  O N N 115 
GLU OE2  O N N 116 
GLU OXT  O N N 117 
GLU H    H N N 118 
GLU H2   H N N 119 
GLU HA   H N N 120 
GLU HB2  H N N 121 
GLU HB3  H N N 122 
GLU HG2  H N N 123 
GLU HG3  H N N 124 
GLU HE2  H N N 125 
GLU HXT  H N N 126 
GLY N    N N N 127 
GLY CA   C N N 128 
GLY C    C N N 129 
GLY O    O N N 130 
GLY OXT  O N N 131 
GLY H    H N N 132 
GLY H2   H N N 133 
GLY HA2  H N N 134 
GLY HA3  H N N 135 
GLY HXT  H N N 136 
HIS N    N N N 137 
HIS CA   C N S 138 
HIS C    C N N 139 
HIS O    O N N 140 
HIS CB   C N N 141 
HIS CG   C Y N 142 
HIS ND1  N Y N 143 
HIS CD2  C Y N 144 
HIS CE1  C Y N 145 
HIS NE2  N Y N 146 
HIS OXT  O N N 147 
HIS H    H N N 148 
HIS H2   H N N 149 
HIS HA   H N N 150 
HIS HB2  H N N 151 
HIS HB3  H N N 152 
HIS HD1  H N N 153 
HIS HD2  H N N 154 
HIS HE1  H N N 155 
HIS HE2  H N N 156 
HIS HXT  H N N 157 
HOH O    O N N 158 
HOH H1   H N N 159 
HOH H2   H N N 160 
ILE N    N N N 161 
ILE CA   C N S 162 
ILE C    C N N 163 
ILE O    O N N 164 
ILE CB   C N S 165 
ILE CG1  C N N 166 
ILE CG2  C N N 167 
ILE CD1  C N N 168 
ILE OXT  O N N 169 
ILE H    H N N 170 
ILE H2   H N N 171 
ILE HA   H N N 172 
ILE HB   H N N 173 
ILE HG12 H N N 174 
ILE HG13 H N N 175 
ILE HG21 H N N 176 
ILE HG22 H N N 177 
ILE HG23 H N N 178 
ILE HD11 H N N 179 
ILE HD12 H N N 180 
ILE HD13 H N N 181 
ILE HXT  H N N 182 
LEU N    N N N 183 
LEU CA   C N S 184 
LEU C    C N N 185 
LEU O    O N N 186 
LEU CB   C N N 187 
LEU CG   C N N 188 
LEU CD1  C N N 189 
LEU CD2  C N N 190 
LEU OXT  O N N 191 
LEU H    H N N 192 
LEU H2   H N N 193 
LEU HA   H N N 194 
LEU HB2  H N N 195 
LEU HB3  H N N 196 
LEU HG   H N N 197 
LEU HD11 H N N 198 
LEU HD12 H N N 199 
LEU HD13 H N N 200 
LEU HD21 H N N 201 
LEU HD22 H N N 202 
LEU HD23 H N N 203 
LEU HXT  H N N 204 
LYS N    N N N 205 
LYS CA   C N S 206 
LYS C    C N N 207 
LYS O    O N N 208 
LYS CB   C N N 209 
LYS CG   C N N 210 
LYS CD   C N N 211 
LYS CE   C N N 212 
LYS NZ   N N N 213 
LYS OXT  O N N 214 
LYS H    H N N 215 
LYS H2   H N N 216 
LYS HA   H N N 217 
LYS HB2  H N N 218 
LYS HB3  H N N 219 
LYS HG2  H N N 220 
LYS HG3  H N N 221 
LYS HD2  H N N 222 
LYS HD3  H N N 223 
LYS HE2  H N N 224 
LYS HE3  H N N 225 
LYS HZ1  H N N 226 
LYS HZ2  H N N 227 
LYS HZ3  H N N 228 
LYS HXT  H N N 229 
MET N    N N N 230 
MET CA   C N S 231 
MET C    C N N 232 
MET O    O N N 233 
MET CB   C N N 234 
MET CG   C N N 235 
MET SD   S N N 236 
MET CE   C N N 237 
MET OXT  O N N 238 
MET H    H N N 239 
MET H2   H N N 240 
MET HA   H N N 241 
MET HB2  H N N 242 
MET HB3  H N N 243 
MET HG2  H N N 244 
MET HG3  H N N 245 
MET HE1  H N N 246 
MET HE2  H N N 247 
MET HE3  H N N 248 
MET HXT  H N N 249 
PHE N    N N N 250 
PHE CA   C N S 251 
PHE C    C N N 252 
PHE O    O N N 253 
PHE CB   C N N 254 
PHE CG   C Y N 255 
PHE CD1  C Y N 256 
PHE CD2  C Y N 257 
PHE CE1  C Y N 258 
PHE CE2  C Y N 259 
PHE CZ   C Y N 260 
PHE OXT  O N N 261 
PHE H    H N N 262 
PHE H2   H N N 263 
PHE HA   H N N 264 
PHE HB2  H N N 265 
PHE HB3  H N N 266 
PHE HD1  H N N 267 
PHE HD2  H N N 268 
PHE HE1  H N N 269 
PHE HE2  H N N 270 
PHE HZ   H N N 271 
PHE HXT  H N N 272 
PRO N    N N N 273 
PRO CA   C N S 274 
PRO C    C N N 275 
PRO O    O N N 276 
PRO CB   C N N 277 
PRO CG   C N N 278 
PRO CD   C N N 279 
PRO OXT  O N N 280 
PRO H    H N N 281 
PRO HA   H N N 282 
PRO HB2  H N N 283 
PRO HB3  H N N 284 
PRO HG2  H N N 285 
PRO HG3  H N N 286 
PRO HD2  H N N 287 
PRO HD3  H N N 288 
PRO HXT  H N N 289 
SER N    N N N 290 
SER CA   C N S 291 
SER C    C N N 292 
SER O    O N N 293 
SER CB   C N N 294 
SER OG   O N N 295 
SER OXT  O N N 296 
SER H    H N N 297 
SER H2   H N N 298 
SER HA   H N N 299 
SER HB2  H N N 300 
SER HB3  H N N 301 
SER HG   H N N 302 
SER HXT  H N N 303 
SO4 S    S N N 304 
SO4 O1   O N N 305 
SO4 O2   O N N 306 
SO4 O3   O N N 307 
SO4 O4   O N N 308 
THR N    N N N 309 
THR CA   C N S 310 
THR C    C N N 311 
THR O    O N N 312 
THR CB   C N R 313 
THR OG1  O N N 314 
THR CG2  C N N 315 
THR OXT  O N N 316 
THR H    H N N 317 
THR H2   H N N 318 
THR HA   H N N 319 
THR HB   H N N 320 
THR HG1  H N N 321 
THR HG21 H N N 322 
THR HG22 H N N 323 
THR HG23 H N N 324 
THR HXT  H N N 325 
TRP N    N N N 326 
TRP CA   C N S 327 
TRP C    C N N 328 
TRP O    O N N 329 
TRP CB   C N N 330 
TRP CG   C Y N 331 
TRP CD1  C Y N 332 
TRP CD2  C Y N 333 
TRP NE1  N Y N 334 
TRP CE2  C Y N 335 
TRP CE3  C Y N 336 
TRP CZ2  C Y N 337 
TRP CZ3  C Y N 338 
TRP CH2  C Y N 339 
TRP OXT  O N N 340 
TRP H    H N N 341 
TRP H2   H N N 342 
TRP HA   H N N 343 
TRP HB2  H N N 344 
TRP HB3  H N N 345 
TRP HD1  H N N 346 
TRP HE1  H N N 347 
TRP HE3  H N N 348 
TRP HZ2  H N N 349 
TRP HZ3  H N N 350 
TRP HH2  H N N 351 
TRP HXT  H N N 352 
TYR N    N N N 353 
TYR CA   C N S 354 
TYR C    C N N 355 
TYR O    O N N 356 
TYR CB   C N N 357 
TYR CG   C Y N 358 
TYR CD1  C Y N 359 
TYR CD2  C Y N 360 
TYR CE1  C Y N 361 
TYR CE2  C Y N 362 
TYR CZ   C Y N 363 
TYR OH   O N N 364 
TYR OXT  O N N 365 
TYR H    H N N 366 
TYR H2   H N N 367 
TYR HA   H N N 368 
TYR HB2  H N N 369 
TYR HB3  H N N 370 
TYR HD1  H N N 371 
TYR HD2  H N N 372 
TYR HE1  H N N 373 
TYR HE2  H N N 374 
TYR HH   H N N 375 
TYR HXT  H N N 376 
VAL N    N N N 377 
VAL CA   C N S 378 
VAL C    C N N 379 
VAL O    O N N 380 
VAL CB   C N N 381 
VAL CG1  C N N 382 
VAL CG2  C N N 383 
VAL OXT  O N N 384 
VAL H    H N N 385 
VAL H2   H N N 386 
VAL HA   H N N 387 
VAL HB   H N N 388 
VAL HG11 H N N 389 
VAL HG12 H N N 390 
VAL HG13 H N N 391 
VAL HG21 H N N 392 
VAL HG22 H N N 393 
VAL HG23 H N N 394 
VAL HXT  H N N 395 
# 
loop_
_chem_comp_bond.comp_id 
_chem_comp_bond.atom_id_1 
_chem_comp_bond.atom_id_2 
_chem_comp_bond.value_order 
_chem_comp_bond.pdbx_aromatic_flag 
_chem_comp_bond.pdbx_stereo_config 
_chem_comp_bond.pdbx_ordinal 
ALA N   CA   sing N N 1   
ALA N   H    sing N N 2   
ALA N   H2   sing N N 3   
ALA CA  C    sing N N 4   
ALA CA  CB   sing N N 5   
ALA CA  HA   sing N N 6   
ALA C   O    doub N N 7   
ALA C   OXT  sing N N 8   
ALA CB  HB1  sing N N 9   
ALA CB  HB2  sing N N 10  
ALA CB  HB3  sing N N 11  
ALA OXT HXT  sing N N 12  
ARG N   CA   sing N N 13  
ARG N   H    sing N N 14  
ARG N   H2   sing N N 15  
ARG CA  C    sing N N 16  
ARG CA  CB   sing N N 17  
ARG CA  HA   sing N N 18  
ARG C   O    doub N N 19  
ARG C   OXT  sing N N 20  
ARG CB  CG   sing N N 21  
ARG CB  HB2  sing N N 22  
ARG CB  HB3  sing N N 23  
ARG CG  CD   sing N N 24  
ARG CG  HG2  sing N N 25  
ARG CG  HG3  sing N N 26  
ARG CD  NE   sing N N 27  
ARG CD  HD2  sing N N 28  
ARG CD  HD3  sing N N 29  
ARG NE  CZ   sing N N 30  
ARG NE  HE   sing N N 31  
ARG CZ  NH1  sing N N 32  
ARG CZ  NH2  doub N N 33  
ARG NH1 HH11 sing N N 34  
ARG NH1 HH12 sing N N 35  
ARG NH2 HH21 sing N N 36  
ARG NH2 HH22 sing N N 37  
ARG OXT HXT  sing N N 38  
ASN N   CA   sing N N 39  
ASN N   H    sing N N 40  
ASN N   H2   sing N N 41  
ASN CA  C    sing N N 42  
ASN CA  CB   sing N N 43  
ASN CA  HA   sing N N 44  
ASN C   O    doub N N 45  
ASN C   OXT  sing N N 46  
ASN CB  CG   sing N N 47  
ASN CB  HB2  sing N N 48  
ASN CB  HB3  sing N N 49  
ASN CG  OD1  doub N N 50  
ASN CG  ND2  sing N N 51  
ASN ND2 HD21 sing N N 52  
ASN ND2 HD22 sing N N 53  
ASN OXT HXT  sing N N 54  
ASP N   CA   sing N N 55  
ASP N   H    sing N N 56  
ASP N   H2   sing N N 57  
ASP CA  C    sing N N 58  
ASP CA  CB   sing N N 59  
ASP CA  HA   sing N N 60  
ASP C   O    doub N N 61  
ASP C   OXT  sing N N 62  
ASP CB  CG   sing N N 63  
ASP CB  HB2  sing N N 64  
ASP CB  HB3  sing N N 65  
ASP CG  OD1  doub N N 66  
ASP CG  OD2  sing N N 67  
ASP OD2 HD2  sing N N 68  
ASP OXT HXT  sing N N 69  
CYS N   CA   sing N N 70  
CYS N   H    sing N N 71  
CYS N   H2   sing N N 72  
CYS CA  C    sing N N 73  
CYS CA  CB   sing N N 74  
CYS CA  HA   sing N N 75  
CYS C   O    doub N N 76  
CYS C   OXT  sing N N 77  
CYS CB  SG   sing N N 78  
CYS CB  HB2  sing N N 79  
CYS CB  HB3  sing N N 80  
CYS SG  HG   sing N N 81  
CYS OXT HXT  sing N N 82  
GLN N   CA   sing N N 83  
GLN N   H    sing N N 84  
GLN N   H2   sing N N 85  
GLN CA  C    sing N N 86  
GLN CA  CB   sing N N 87  
GLN CA  HA   sing N N 88  
GLN C   O    doub N N 89  
GLN C   OXT  sing N N 90  
GLN CB  CG   sing N N 91  
GLN CB  HB2  sing N N 92  
GLN CB  HB3  sing N N 93  
GLN CG  CD   sing N N 94  
GLN CG  HG2  sing N N 95  
GLN CG  HG3  sing N N 96  
GLN CD  OE1  doub N N 97  
GLN CD  NE2  sing N N 98  
GLN NE2 HE21 sing N N 99  
GLN NE2 HE22 sing N N 100 
GLN OXT HXT  sing N N 101 
GLU N   CA   sing N N 102 
GLU N   H    sing N N 103 
GLU N   H2   sing N N 104 
GLU CA  C    sing N N 105 
GLU CA  CB   sing N N 106 
GLU CA  HA   sing N N 107 
GLU C   O    doub N N 108 
GLU C   OXT  sing N N 109 
GLU CB  CG   sing N N 110 
GLU CB  HB2  sing N N 111 
GLU CB  HB3  sing N N 112 
GLU CG  CD   sing N N 113 
GLU CG  HG2  sing N N 114 
GLU CG  HG3  sing N N 115 
GLU CD  OE1  doub N N 116 
GLU CD  OE2  sing N N 117 
GLU OE2 HE2  sing N N 118 
GLU OXT HXT  sing N N 119 
GLY N   CA   sing N N 120 
GLY N   H    sing N N 121 
GLY N   H2   sing N N 122 
GLY CA  C    sing N N 123 
GLY CA  HA2  sing N N 124 
GLY CA  HA3  sing N N 125 
GLY C   O    doub N N 126 
GLY C   OXT  sing N N 127 
GLY OXT HXT  sing N N 128 
HIS N   CA   sing N N 129 
HIS N   H    sing N N 130 
HIS N   H2   sing N N 131 
HIS CA  C    sing N N 132 
HIS CA  CB   sing N N 133 
HIS CA  HA   sing N N 134 
HIS C   O    doub N N 135 
HIS C   OXT  sing N N 136 
HIS CB  CG   sing N N 137 
HIS CB  HB2  sing N N 138 
HIS CB  HB3  sing N N 139 
HIS CG  ND1  sing Y N 140 
HIS CG  CD2  doub Y N 141 
HIS ND1 CE1  doub Y N 142 
HIS ND1 HD1  sing N N 143 
HIS CD2 NE2  sing Y N 144 
HIS CD2 HD2  sing N N 145 
HIS CE1 NE2  sing Y N 146 
HIS CE1 HE1  sing N N 147 
HIS NE2 HE2  sing N N 148 
HIS OXT HXT  sing N N 149 
HOH O   H1   sing N N 150 
HOH O   H2   sing N N 151 
ILE N   CA   sing N N 152 
ILE N   H    sing N N 153 
ILE N   H2   sing N N 154 
ILE CA  C    sing N N 155 
ILE CA  CB   sing N N 156 
ILE CA  HA   sing N N 157 
ILE C   O    doub N N 158 
ILE C   OXT  sing N N 159 
ILE CB  CG1  sing N N 160 
ILE CB  CG2  sing N N 161 
ILE CB  HB   sing N N 162 
ILE CG1 CD1  sing N N 163 
ILE CG1 HG12 sing N N 164 
ILE CG1 HG13 sing N N 165 
ILE CG2 HG21 sing N N 166 
ILE CG2 HG22 sing N N 167 
ILE CG2 HG23 sing N N 168 
ILE CD1 HD11 sing N N 169 
ILE CD1 HD12 sing N N 170 
ILE CD1 HD13 sing N N 171 
ILE OXT HXT  sing N N 172 
LEU N   CA   sing N N 173 
LEU N   H    sing N N 174 
LEU N   H2   sing N N 175 
LEU CA  C    sing N N 176 
LEU CA  CB   sing N N 177 
LEU CA  HA   sing N N 178 
LEU C   O    doub N N 179 
LEU C   OXT  sing N N 180 
LEU CB  CG   sing N N 181 
LEU CB  HB2  sing N N 182 
LEU CB  HB3  sing N N 183 
LEU CG  CD1  sing N N 184 
LEU CG  CD2  sing N N 185 
LEU CG  HG   sing N N 186 
LEU CD1 HD11 sing N N 187 
LEU CD1 HD12 sing N N 188 
LEU CD1 HD13 sing N N 189 
LEU CD2 HD21 sing N N 190 
LEU CD2 HD22 sing N N 191 
LEU CD2 HD23 sing N N 192 
LEU OXT HXT  sing N N 193 
LYS N   CA   sing N N 194 
LYS N   H    sing N N 195 
LYS N   H2   sing N N 196 
LYS CA  C    sing N N 197 
LYS CA  CB   sing N N 198 
LYS CA  HA   sing N N 199 
LYS C   O    doub N N 200 
LYS C   OXT  sing N N 201 
LYS CB  CG   sing N N 202 
LYS CB  HB2  sing N N 203 
LYS CB  HB3  sing N N 204 
LYS CG  CD   sing N N 205 
LYS CG  HG2  sing N N 206 
LYS CG  HG3  sing N N 207 
LYS CD  CE   sing N N 208 
LYS CD  HD2  sing N N 209 
LYS CD  HD3  sing N N 210 
LYS CE  NZ   sing N N 211 
LYS CE  HE2  sing N N 212 
LYS CE  HE3  sing N N 213 
LYS NZ  HZ1  sing N N 214 
LYS NZ  HZ2  sing N N 215 
LYS NZ  HZ3  sing N N 216 
LYS OXT HXT  sing N N 217 
MET N   CA   sing N N 218 
MET N   H    sing N N 219 
MET N   H2   sing N N 220 
MET CA  C    sing N N 221 
MET CA  CB   sing N N 222 
MET CA  HA   sing N N 223 
MET C   O    doub N N 224 
MET C   OXT  sing N N 225 
MET CB  CG   sing N N 226 
MET CB  HB2  sing N N 227 
MET CB  HB3  sing N N 228 
MET CG  SD   sing N N 229 
MET CG  HG2  sing N N 230 
MET CG  HG3  sing N N 231 
MET SD  CE   sing N N 232 
MET CE  HE1  sing N N 233 
MET CE  HE2  sing N N 234 
MET CE  HE3  sing N N 235 
MET OXT HXT  sing N N 236 
PHE N   CA   sing N N 237 
PHE N   H    sing N N 238 
PHE N   H2   sing N N 239 
PHE CA  C    sing N N 240 
PHE CA  CB   sing N N 241 
PHE CA  HA   sing N N 242 
PHE C   O    doub N N 243 
PHE C   OXT  sing N N 244 
PHE CB  CG   sing N N 245 
PHE CB  HB2  sing N N 246 
PHE CB  HB3  sing N N 247 
PHE CG  CD1  doub Y N 248 
PHE CG  CD2  sing Y N 249 
PHE CD1 CE1  sing Y N 250 
PHE CD1 HD1  sing N N 251 
PHE CD2 CE2  doub Y N 252 
PHE CD2 HD2  sing N N 253 
PHE CE1 CZ   doub Y N 254 
PHE CE1 HE1  sing N N 255 
PHE CE2 CZ   sing Y N 256 
PHE CE2 HE2  sing N N 257 
PHE CZ  HZ   sing N N 258 
PHE OXT HXT  sing N N 259 
PRO N   CA   sing N N 260 
PRO N   CD   sing N N 261 
PRO N   H    sing N N 262 
PRO CA  C    sing N N 263 
PRO CA  CB   sing N N 264 
PRO CA  HA   sing N N 265 
PRO C   O    doub N N 266 
PRO C   OXT  sing N N 267 
PRO CB  CG   sing N N 268 
PRO CB  HB2  sing N N 269 
PRO CB  HB3  sing N N 270 
PRO CG  CD   sing N N 271 
PRO CG  HG2  sing N N 272 
PRO CG  HG3  sing N N 273 
PRO CD  HD2  sing N N 274 
PRO CD  HD3  sing N N 275 
PRO OXT HXT  sing N N 276 
SER N   CA   sing N N 277 
SER N   H    sing N N 278 
SER N   H2   sing N N 279 
SER CA  C    sing N N 280 
SER CA  CB   sing N N 281 
SER CA  HA   sing N N 282 
SER C   O    doub N N 283 
SER C   OXT  sing N N 284 
SER CB  OG   sing N N 285 
SER CB  HB2  sing N N 286 
SER CB  HB3  sing N N 287 
SER OG  HG   sing N N 288 
SER OXT HXT  sing N N 289 
SO4 S   O1   doub N N 290 
SO4 S   O2   doub N N 291 
SO4 S   O3   sing N N 292 
SO4 S   O4   sing N N 293 
THR N   CA   sing N N 294 
THR N   H    sing N N 295 
THR N   H2   sing N N 296 
THR CA  C    sing N N 297 
THR CA  CB   sing N N 298 
THR CA  HA   sing N N 299 
THR C   O    doub N N 300 
THR C   OXT  sing N N 301 
THR CB  OG1  sing N N 302 
THR CB  CG2  sing N N 303 
THR CB  HB   sing N N 304 
THR OG1 HG1  sing N N 305 
THR CG2 HG21 sing N N 306 
THR CG2 HG22 sing N N 307 
THR CG2 HG23 sing N N 308 
THR OXT HXT  sing N N 309 
TRP N   CA   sing N N 310 
TRP N   H    sing N N 311 
TRP N   H2   sing N N 312 
TRP CA  C    sing N N 313 
TRP CA  CB   sing N N 314 
TRP CA  HA   sing N N 315 
TRP C   O    doub N N 316 
TRP C   OXT  sing N N 317 
TRP CB  CG   sing N N 318 
TRP CB  HB2  sing N N 319 
TRP CB  HB3  sing N N 320 
TRP CG  CD1  doub Y N 321 
TRP CG  CD2  sing Y N 322 
TRP CD1 NE1  sing Y N 323 
TRP CD1 HD1  sing N N 324 
TRP CD2 CE2  doub Y N 325 
TRP CD2 CE3  sing Y N 326 
TRP NE1 CE2  sing Y N 327 
TRP NE1 HE1  sing N N 328 
TRP CE2 CZ2  sing Y N 329 
TRP CE3 CZ3  doub Y N 330 
TRP CE3 HE3  sing N N 331 
TRP CZ2 CH2  doub Y N 332 
TRP CZ2 HZ2  sing N N 333 
TRP CZ3 CH2  sing Y N 334 
TRP CZ3 HZ3  sing N N 335 
TRP CH2 HH2  sing N N 336 
TRP OXT HXT  sing N N 337 
TYR N   CA   sing N N 338 
TYR N   H    sing N N 339 
TYR N   H2   sing N N 340 
TYR CA  C    sing N N 341 
TYR CA  CB   sing N N 342 
TYR CA  HA   sing N N 343 
TYR C   O    doub N N 344 
TYR C   OXT  sing N N 345 
TYR CB  CG   sing N N 346 
TYR CB  HB2  sing N N 347 
TYR CB  HB3  sing N N 348 
TYR CG  CD1  doub Y N 349 
TYR CG  CD2  sing Y N 350 
TYR CD1 CE1  sing Y N 351 
TYR CD1 HD1  sing N N 352 
TYR CD2 CE2  doub Y N 353 
TYR CD2 HD2  sing N N 354 
TYR CE1 CZ   doub Y N 355 
TYR CE1 HE1  sing N N 356 
TYR CE2 CZ   sing Y N 357 
TYR CE2 HE2  sing N N 358 
TYR CZ  OH   sing N N 359 
TYR OH  HH   sing N N 360 
TYR OXT HXT  sing N N 361 
VAL N   CA   sing N N 362 
VAL N   H    sing N N 363 
VAL N   H2   sing N N 364 
VAL CA  C    sing N N 365 
VAL CA  CB   sing N N 366 
VAL CA  HA   sing N N 367 
VAL C   O    doub N N 368 
VAL C   OXT  sing N N 369 
VAL CB  CG1  sing N N 370 
VAL CB  CG2  sing N N 371 
VAL CB  HB   sing N N 372 
VAL CG1 HG11 sing N N 373 
VAL CG1 HG12 sing N N 374 
VAL CG1 HG13 sing N N 375 
VAL CG2 HG21 sing N N 376 
VAL CG2 HG22 sing N N 377 
VAL CG2 HG23 sing N N 378 
VAL OXT HXT  sing N N 379 
# 
loop_
_pdbx_entity_nonpoly.entity_id 
_pdbx_entity_nonpoly.name 
_pdbx_entity_nonpoly.comp_id 
2 'SULFATE ION' SO4 
3 water         HOH 
# 
_pdbx_initial_refinement_model.id               1 
_pdbx_initial_refinement_model.entity_id_list   ? 
_pdbx_initial_refinement_model.type             'experimental model' 
_pdbx_initial_refinement_model.source_name      PDB 
_pdbx_initial_refinement_model.accession_code   3QMX 
_pdbx_initial_refinement_model.details          'pdb entry 3qmx' 
# 
